data_3ZJ2
#
_entry.id   3ZJ2
#
_cell.length_a   1.000
_cell.length_b   1.000
_cell.length_c   1.000
_cell.angle_alpha   90.00
_cell.angle_beta   90.00
_cell.angle_gamma   90.00
#
_symmetry.space_group_name_H-M   'P 1'
#
loop_
_entity.id
_entity.type
_entity.pdbx_description
1 polymer 'NUCLEAR POLYADENYLATED RNA-BINDING PROTEIN NAB2'
2 non-polymer 'ZINC ION'
#
_entity_poly.entity_id   1
_entity_poly.type   'polypeptide(L)'
_entity_poly.pdbx_seq_one_letter_code
;GSVQTGIVLCKFGALCSNPSCPFGHPTPANEDAKVIDLMWCDKNLTCDNPECRKAHSSLSKIKEVKPISQK
;
_entity_poly.pdbx_strand_id   A
#
# COMPACT_ATOMS: atom_id res chain seq x y z
N GLY A 1 -0.47 21.50 -3.35
CA GLY A 1 -1.81 20.86 -3.32
C GLY A 1 -2.90 21.84 -2.91
N SER A 2 -4.15 21.54 -3.25
CA SER A 2 -5.31 22.42 -3.00
C SER A 2 -5.93 22.30 -1.59
N VAL A 3 -5.61 21.23 -0.85
CA VAL A 3 -6.10 20.93 0.51
C VAL A 3 -4.96 20.30 1.31
N GLN A 4 -4.85 20.66 2.60
CA GLN A 4 -3.75 20.27 3.51
C GLN A 4 -3.87 18.84 4.10
N THR A 5 -4.56 17.93 3.40
CA THR A 5 -4.93 16.58 3.86
C THR A 5 -3.72 15.73 4.31
N GLY A 6 -2.62 15.78 3.55
CA GLY A 6 -1.38 15.03 3.84
C GLY A 6 -1.44 13.54 3.52
N ILE A 7 -2.39 13.11 2.67
CA ILE A 7 -2.66 11.71 2.30
C ILE A 7 -3.00 11.64 0.80
N VAL A 8 -2.34 10.73 0.07
CA VAL A 8 -2.50 10.49 -1.39
C VAL A 8 -2.57 8.98 -1.60
N LEU A 9 -3.40 8.52 -2.52
CA LEU A 9 -3.60 7.11 -2.90
C LEU A 9 -3.11 6.91 -4.34
N CYS A 10 -2.36 5.84 -4.57
CA CYS A 10 -1.56 5.65 -5.78
C CYS A 10 -2.37 5.13 -6.98
N LYS A 11 -1.85 5.32 -8.20
CA LYS A 11 -2.48 4.89 -9.45
C LYS A 11 -2.58 3.36 -9.61
N PHE A 12 -1.56 2.62 -9.15
CA PHE A 12 -1.43 1.16 -9.34
C PHE A 12 -1.75 0.34 -8.08
N GLY A 13 -1.51 0.88 -6.88
CA GLY A 13 -1.95 0.27 -5.62
C GLY A 13 -1.19 -1.02 -5.33
N ALA A 14 -1.90 -2.15 -5.29
CA ALA A 14 -1.30 -3.48 -5.13
C ALA A 14 -0.41 -3.94 -6.31
N LEU A 15 -0.46 -3.22 -7.45
CA LEU A 15 0.34 -3.46 -8.65
C LEU A 15 1.52 -2.48 -8.77
N CYS A 16 1.69 -1.56 -7.80
CA CYS A 16 2.78 -0.58 -7.79
C CYS A 16 4.15 -1.27 -7.70
N SER A 17 5.11 -0.88 -8.54
CA SER A 17 6.33 -1.66 -8.83
C SER A 17 7.56 -1.30 -7.98
N ASN A 18 7.53 -0.21 -7.19
CA ASN A 18 8.64 0.26 -6.38
C ASN A 18 8.36 0.17 -4.85
N PRO A 19 9.24 -0.47 -4.05
CA PRO A 19 8.97 -0.83 -2.65
C PRO A 19 9.05 0.34 -1.66
N SER A 20 9.63 1.48 -2.05
CA SER A 20 9.91 2.61 -1.15
C SER A 20 8.94 3.80 -1.34
N CYS A 21 8.08 3.71 -2.36
CA CYS A 21 7.04 4.69 -2.71
C CYS A 21 6.28 5.28 -1.48
N PRO A 22 6.19 6.62 -1.33
CA PRO A 22 5.61 7.26 -0.16
C PRO A 22 4.08 7.32 -0.15
N PHE A 23 3.39 6.99 -1.25
CA PHE A 23 1.93 7.16 -1.36
C PHE A 23 1.14 5.94 -0.83
N GLY A 24 -0.17 5.94 -1.05
CA GLY A 24 -1.16 5.08 -0.40
C GLY A 24 -1.54 3.85 -1.22
N HIS A 25 -1.40 2.67 -0.62
CA HIS A 25 -1.71 1.36 -1.19
C HIS A 25 -2.55 0.51 -0.18
N PRO A 26 -3.22 -0.59 -0.61
CA PRO A 26 -4.07 -1.41 0.27
C PRO A 26 -3.27 -2.31 1.23
N THR A 27 -3.99 -3.02 2.11
CA THR A 27 -3.41 -4.00 3.06
C THR A 27 -2.58 -5.05 2.28
N PRO A 28 -1.37 -5.42 2.74
CA PRO A 28 -0.56 -6.42 2.05
C PRO A 28 -1.06 -7.85 2.21
N ALA A 29 -1.92 -8.11 3.22
CA ALA A 29 -2.53 -9.43 3.44
C ALA A 29 -3.65 -9.76 2.43
N ASN A 30 -3.97 -8.83 1.52
CA ASN A 30 -5.00 -9.01 0.47
C ASN A 30 -5.00 -7.87 -0.57
N GLU A 31 -4.68 -8.21 -1.83
CA GLU A 31 -4.70 -7.28 -2.97
C GLU A 31 -6.10 -6.93 -3.52
N ASP A 32 -7.16 -7.64 -3.09
CA ASP A 32 -8.52 -7.46 -3.62
C ASP A 32 -9.41 -6.57 -2.73
N ALA A 33 -8.96 -6.17 -1.53
CA ALA A 33 -9.56 -5.10 -0.76
C ALA A 33 -9.00 -3.76 -1.29
N LYS A 34 -9.74 -3.08 -2.17
CA LYS A 34 -9.39 -1.74 -2.66
C LYS A 34 -9.30 -0.73 -1.50
N VAL A 35 -8.68 0.43 -1.71
CA VAL A 35 -8.59 1.49 -0.68
C VAL A 35 -9.85 2.37 -0.78
N ILE A 36 -10.64 2.40 0.30
CA ILE A 36 -11.85 3.22 0.43
C ILE A 36 -11.64 4.26 1.55
N ASP A 37 -10.73 3.99 2.49
CA ASP A 37 -10.49 4.83 3.65
C ASP A 37 -9.17 5.61 3.49
N LEU A 38 -9.23 6.93 3.67
CA LEU A 38 -8.18 7.88 3.37
C LEU A 38 -7.47 8.17 4.69
N MET A 39 -6.82 7.15 5.21
CA MET A 39 -6.17 7.17 6.52
C MET A 39 -4.98 6.22 6.59
N TRP A 40 -3.91 6.69 7.22
CA TRP A 40 -2.68 5.90 7.41
C TRP A 40 -2.86 4.89 8.55
N CYS A 41 -2.89 3.61 8.18
CA CYS A 41 -3.11 2.49 9.11
C CYS A 41 -1.93 2.20 10.07
N ASP A 42 -2.17 1.41 11.12
CA ASP A 42 -1.27 1.23 12.27
C ASP A 42 -0.19 0.12 12.13
N LYS A 43 -0.45 -0.98 11.40
CA LYS A 43 0.55 -2.04 11.17
C LYS A 43 1.33 -1.81 9.86
N ASN A 44 0.89 -0.84 9.05
CA ASN A 44 1.38 -0.54 7.70
C ASN A 44 1.67 -1.81 6.87
N LEU A 45 2.94 -2.08 6.56
CA LEU A 45 3.40 -3.19 5.73
C LEU A 45 3.38 -4.57 6.41
N THR A 46 2.96 -4.62 7.68
CA THR A 46 2.73 -5.85 8.46
C THR A 46 1.27 -6.04 8.85
N CYS A 47 0.32 -5.23 8.33
CA CYS A 47 -1.09 -5.41 8.62
C CYS A 47 -1.60 -6.75 8.06
N ASP A 48 -1.88 -7.66 8.98
CA ASP A 48 -2.25 -9.05 8.73
C ASP A 48 -3.74 -9.27 8.41
N ASN A 49 -4.57 -8.23 8.54
CA ASN A 49 -6.00 -8.26 8.25
C ASN A 49 -6.25 -8.32 6.72
N PRO A 50 -6.89 -9.37 6.18
CA PRO A 50 -7.21 -9.48 4.76
C PRO A 50 -8.44 -8.65 4.34
N GLU A 51 -9.12 -7.99 5.28
CA GLU A 51 -10.35 -7.22 5.05
C GLU A 51 -10.16 -5.71 5.29
N CYS A 52 -8.93 -5.27 5.60
CA CYS A 52 -8.57 -3.85 5.70
C CYS A 52 -8.49 -3.17 4.33
N ARG A 53 -8.80 -1.87 4.30
CA ARG A 53 -9.06 -1.04 3.12
C ARG A 53 -8.52 0.40 3.26
N LYS A 54 -7.43 0.54 4.03
CA LYS A 54 -6.82 1.81 4.43
C LYS A 54 -5.52 2.07 3.65
N ALA A 55 -4.82 3.15 3.97
CA ALA A 55 -3.59 3.57 3.28
C ALA A 55 -2.34 2.99 3.96
N HIS A 56 -1.48 2.36 3.15
CA HIS A 56 -0.21 1.74 3.53
C HIS A 56 0.88 2.12 2.50
N SER A 57 2.16 1.92 2.80
CA SER A 57 3.27 2.03 1.84
C SER A 57 3.22 0.89 0.79
N SER A 58 4.16 0.80 -0.15
CA SER A 58 4.03 -0.14 -1.27
C SER A 58 4.13 -1.63 -0.87
N LEU A 59 3.21 -2.45 -1.38
CA LEU A 59 3.23 -3.90 -1.28
C LEU A 59 4.48 -4.52 -1.90
N SER A 60 5.17 -3.84 -2.81
CA SER A 60 6.41 -4.34 -3.42
C SER A 60 7.52 -4.58 -2.37
N LYS A 61 7.40 -4.01 -1.17
CA LYS A 61 8.32 -4.27 -0.06
C LYS A 61 8.26 -5.71 0.48
N ILE A 62 7.10 -6.39 0.40
CA ILE A 62 6.91 -7.78 0.77
C ILE A 62 6.70 -8.69 -0.46
N LYS A 63 6.53 -8.06 -1.62
CA LYS A 63 6.18 -8.76 -2.87
C LYS A 63 7.34 -8.91 -3.86
N GLU A 64 8.12 -7.85 -4.09
CA GLU A 64 9.16 -7.76 -5.13
C GLU A 64 9.98 -6.47 -4.93
N VAL A 65 11.02 -6.55 -4.09
CA VAL A 65 11.86 -5.40 -3.62
C VAL A 65 12.85 -4.88 -4.68
N LYS A 66 12.56 -5.18 -5.94
CA LYS A 66 13.35 -4.89 -7.14
C LYS A 66 12.44 -4.22 -8.20
N PRO A 67 12.57 -2.90 -8.46
CA PRO A 67 11.76 -2.17 -9.43
C PRO A 67 12.25 -2.39 -10.86
N ILE A 68 11.37 -2.11 -11.83
CA ILE A 68 11.61 -2.16 -13.28
C ILE A 68 10.59 -1.28 -14.00
N SER A 69 11.00 -0.59 -15.06
CA SER A 69 10.23 0.42 -15.83
C SER A 69 10.10 1.76 -15.07
N GLN A 70 9.90 1.69 -13.75
CA GLN A 70 10.32 2.71 -12.79
C GLN A 70 11.86 2.71 -12.57
N LYS A 71 12.56 1.74 -13.21
CA LYS A 71 14.01 1.57 -13.26
C LYS A 71 14.42 0.90 -14.58
N GLY A 1 -8.45 28.29 -4.39
CA GLY A 1 -7.68 27.73 -3.26
C GLY A 1 -7.67 26.21 -3.27
N SER A 2 -7.10 25.59 -2.24
CA SER A 2 -6.99 24.14 -2.06
C SER A 2 -6.65 23.78 -0.59
N VAL A 3 -6.46 22.48 -0.31
CA VAL A 3 -6.21 21.89 1.03
C VAL A 3 -5.31 20.66 0.91
N GLN A 4 -4.58 20.33 1.98
CA GLN A 4 -3.72 19.15 2.08
C GLN A 4 -4.43 18.05 2.89
N THR A 5 -4.77 16.94 2.22
CA THR A 5 -5.48 15.79 2.82
C THR A 5 -4.59 14.98 3.76
N GLY A 6 -3.29 14.90 3.47
CA GLY A 6 -2.29 14.11 4.21
C GLY A 6 -2.17 12.65 3.74
N ILE A 7 -3.09 12.21 2.86
CA ILE A 7 -3.12 10.89 2.22
C ILE A 7 -3.38 11.11 0.71
N VAL A 8 -2.64 10.38 -0.13
CA VAL A 8 -2.77 10.30 -1.59
C VAL A 8 -2.71 8.82 -1.96
N LEU A 9 -3.50 8.36 -2.93
CA LEU A 9 -3.64 6.97 -3.35
C LEU A 9 -2.90 6.82 -4.68
N CYS A 10 -2.18 5.72 -4.80
CA CYS A 10 -1.28 5.49 -5.93
C CYS A 10 -1.98 5.00 -7.21
N LYS A 11 -1.34 5.17 -8.37
CA LYS A 11 -1.86 4.77 -9.69
C LYS A 11 -2.09 3.24 -9.84
N PHE A 12 -1.21 2.42 -9.26
CA PHE A 12 -1.20 0.95 -9.42
C PHE A 12 -1.57 0.18 -8.15
N GLY A 13 -1.33 0.75 -6.96
CA GLY A 13 -1.80 0.18 -5.69
C GLY A 13 -1.08 -1.13 -5.38
N ALA A 14 -1.82 -2.23 -5.32
CA ALA A 14 -1.28 -3.58 -5.11
C ALA A 14 -0.41 -4.13 -6.26
N LEU A 15 -0.36 -3.41 -7.39
CA LEU A 15 0.45 -3.72 -8.58
C LEU A 15 1.64 -2.75 -8.75
N CYS A 16 1.86 -1.83 -7.80
CA CYS A 16 2.98 -0.88 -7.79
C CYS A 16 4.36 -1.59 -7.81
N SER A 17 5.36 -0.97 -8.44
CA SER A 17 6.69 -1.58 -8.67
C SER A 17 7.83 -1.03 -7.78
N ASN A 18 7.56 -0.05 -6.90
CA ASN A 18 8.58 0.60 -6.07
C ASN A 18 8.33 0.28 -4.58
N PRO A 19 9.23 -0.47 -3.88
CA PRO A 19 9.04 -0.89 -2.48
C PRO A 19 9.11 0.24 -1.45
N SER A 20 9.69 1.40 -1.80
CA SER A 20 9.92 2.53 -0.88
C SER A 20 8.94 3.71 -1.09
N CYS A 21 8.09 3.59 -2.12
CA CYS A 21 7.10 4.58 -2.60
C CYS A 21 6.34 5.30 -1.46
N PRO A 22 6.23 6.65 -1.48
CA PRO A 22 5.64 7.43 -0.38
C PRO A 22 4.10 7.43 -0.34
N PHE A 23 3.42 6.99 -1.42
CA PHE A 23 1.96 7.13 -1.54
C PHE A 23 1.16 5.97 -0.91
N GLY A 24 -0.16 5.96 -1.16
CA GLY A 24 -1.18 5.16 -0.46
C GLY A 24 -1.56 3.88 -1.21
N HIS A 25 -1.43 2.73 -0.54
CA HIS A 25 -1.74 1.39 -1.06
C HIS A 25 -2.65 0.59 -0.08
N PRO A 26 -3.35 -0.47 -0.53
CA PRO A 26 -4.25 -1.27 0.32
C PRO A 26 -3.47 -2.17 1.30
N THR A 27 -4.20 -2.90 2.16
CA THR A 27 -3.60 -3.90 3.09
C THR A 27 -2.73 -4.91 2.30
N PRO A 28 -1.51 -5.23 2.75
CA PRO A 28 -0.65 -6.18 2.05
C PRO A 28 -1.09 -7.63 2.17
N ALA A 29 -1.95 -7.94 3.14
CA ALA A 29 -2.53 -9.28 3.32
C ALA A 29 -3.62 -9.62 2.26
N ASN A 30 -3.93 -8.69 1.35
CA ASN A 30 -4.95 -8.86 0.30
C ASN A 30 -4.91 -7.80 -0.81
N GLU A 31 -4.52 -8.22 -2.01
CA GLU A 31 -4.48 -7.38 -3.23
C GLU A 31 -5.86 -7.07 -3.86
N ASP A 32 -6.96 -7.64 -3.34
CA ASP A 32 -8.32 -7.41 -3.84
C ASP A 32 -9.11 -6.38 -3.01
N ALA A 33 -8.56 -5.93 -1.86
CA ALA A 33 -9.00 -4.74 -1.16
C ALA A 33 -8.45 -3.48 -1.86
N LYS A 34 -9.19 -2.39 -1.75
CA LYS A 34 -8.80 -1.06 -2.25
C LYS A 34 -8.47 -0.13 -1.07
N VAL A 35 -7.99 1.09 -1.34
CA VAL A 35 -7.97 2.16 -0.32
C VAL A 35 -9.32 2.87 -0.38
N ILE A 36 -10.08 2.78 0.72
CA ILE A 36 -11.47 3.28 0.84
C ILE A 36 -11.57 4.22 2.06
N ASP A 37 -10.65 4.08 3.02
CA ASP A 37 -10.46 5.00 4.12
C ASP A 37 -9.18 5.82 3.90
N LEU A 38 -9.25 7.12 4.21
CA LEU A 38 -8.21 8.11 3.94
C LEU A 38 -7.50 8.30 5.27
N MET A 39 -6.79 7.25 5.69
CA MET A 39 -6.03 7.24 6.93
C MET A 39 -4.87 6.24 6.91
N TRP A 40 -3.78 6.62 7.55
CA TRP A 40 -2.59 5.78 7.69
C TRP A 40 -2.76 4.79 8.84
N CYS A 41 -2.88 3.51 8.48
CA CYS A 41 -3.15 2.39 9.41
C CYS A 41 -2.02 2.06 10.41
N ASP A 42 -2.36 1.30 11.45
CA ASP A 42 -1.53 1.06 12.65
C ASP A 42 -0.30 0.16 12.44
N LYS A 43 -0.40 -0.97 11.70
CA LYS A 43 0.76 -1.81 11.36
C LYS A 43 1.38 -1.41 10.02
N ASN A 44 0.70 -0.54 9.26
CA ASN A 44 1.10 -0.09 7.94
C ASN A 44 1.39 -1.30 7.01
N LEU A 45 2.59 -1.39 6.45
CA LEU A 45 3.03 -2.42 5.50
C LEU A 45 3.25 -3.82 6.12
N THR A 46 2.87 -4.02 7.39
CA THR A 46 2.81 -5.32 8.09
C THR A 46 1.40 -5.69 8.59
N CYS A 47 0.35 -4.96 8.19
CA CYS A 47 -1.04 -5.28 8.48
C CYS A 47 -1.46 -6.63 7.90
N ASP A 48 -1.75 -7.53 8.83
CA ASP A 48 -2.05 -8.95 8.60
C ASP A 48 -3.55 -9.23 8.27
N ASN A 49 -4.43 -8.24 8.47
CA ASN A 49 -5.86 -8.36 8.21
C ASN A 49 -6.16 -8.26 6.70
N PRO A 50 -6.78 -9.29 6.08
CA PRO A 50 -7.11 -9.30 4.64
C PRO A 50 -8.37 -8.48 4.28
N GLU A 51 -9.10 -7.98 5.27
CA GLU A 51 -10.38 -7.26 5.08
C GLU A 51 -10.26 -5.75 5.38
N CYS A 52 -9.05 -5.27 5.72
CA CYS A 52 -8.74 -3.85 5.88
C CYS A 52 -8.68 -3.10 4.53
N ARG A 53 -9.00 -1.81 4.54
CA ARG A 53 -9.07 -0.93 3.35
C ARG A 53 -8.64 0.52 3.64
N LYS A 54 -7.55 0.66 4.40
CA LYS A 54 -6.92 1.93 4.78
C LYS A 54 -5.67 2.17 3.92
N ALA A 55 -4.94 3.25 4.18
CA ALA A 55 -3.75 3.64 3.44
C ALA A 55 -2.49 3.05 4.08
N HIS A 56 -1.64 2.42 3.25
CA HIS A 56 -0.38 1.80 3.65
C HIS A 56 0.77 2.14 2.65
N SER A 57 2.03 1.83 3.00
CA SER A 57 3.17 1.92 2.08
C SER A 57 3.18 0.75 1.05
N SER A 58 4.16 0.71 0.14
CA SER A 58 4.06 -0.08 -1.09
C SER A 58 4.17 -1.60 -0.90
N LEU A 59 3.22 -2.36 -1.48
CA LEU A 59 3.21 -3.82 -1.48
C LEU A 59 4.42 -4.46 -2.18
N SER A 60 5.14 -3.73 -3.05
CA SER A 60 6.28 -4.26 -3.79
C SER A 60 7.37 -4.81 -2.85
N LYS A 61 7.43 -4.30 -1.62
CA LYS A 61 8.37 -4.71 -0.57
C LYS A 61 8.12 -6.11 0.00
N ILE A 62 6.89 -6.61 -0.06
CA ILE A 62 6.48 -7.94 0.37
C ILE A 62 6.11 -8.85 -0.80
N LYS A 63 6.09 -8.25 -1.99
CA LYS A 63 5.73 -8.90 -3.26
C LYS A 63 6.93 -9.23 -4.18
N GLU A 64 7.77 -8.23 -4.50
CA GLU A 64 8.84 -8.31 -5.49
C GLU A 64 9.74 -7.06 -5.38
N VAL A 65 10.78 -7.14 -4.53
CA VAL A 65 11.66 -6.00 -4.12
C VAL A 65 12.71 -5.62 -5.20
N LYS A 66 12.49 -6.11 -6.42
CA LYS A 66 13.29 -5.88 -7.64
C LYS A 66 12.38 -6.13 -8.87
N PRO A 67 11.75 -5.08 -9.43
CA PRO A 67 10.58 -5.24 -10.30
C PRO A 67 10.95 -5.76 -11.69
N ILE A 68 10.30 -6.86 -12.10
CA ILE A 68 10.41 -7.42 -13.46
C ILE A 68 9.40 -6.77 -14.42
N SER A 69 8.32 -6.22 -13.85
CA SER A 69 7.20 -5.60 -14.58
C SER A 69 7.39 -4.09 -14.85
N GLN A 70 8.55 -3.51 -14.51
CA GLN A 70 8.87 -2.09 -14.67
C GLN A 70 9.81 -1.87 -15.87
N LYS A 71 9.51 -0.85 -16.69
CA LYS A 71 10.24 -0.47 -17.92
C LYS A 71 10.04 1.03 -18.23
N GLY A 1 -0.30 20.76 -1.11
CA GLY A 1 -1.41 20.44 -2.03
C GLY A 1 -2.67 21.19 -1.66
N SER A 2 -3.38 21.75 -2.65
CA SER A 2 -4.51 22.68 -2.46
C SER A 2 -5.76 22.05 -1.80
N VAL A 3 -5.89 20.72 -1.87
CA VAL A 3 -6.96 19.95 -1.19
C VAL A 3 -6.73 19.79 0.33
N GLN A 4 -5.51 20.05 0.82
CA GLN A 4 -5.11 20.04 2.24
C GLN A 4 -5.31 18.70 2.96
N THR A 5 -5.44 17.60 2.21
CA THR A 5 -5.72 16.24 2.73
C THR A 5 -4.56 15.66 3.53
N GLY A 6 -3.31 15.95 3.13
CA GLY A 6 -2.08 15.48 3.81
C GLY A 6 -1.75 14.00 3.58
N ILE A 7 -2.56 13.30 2.79
CA ILE A 7 -2.49 11.86 2.47
C ILE A 7 -2.93 11.69 1.01
N VAL A 8 -2.26 10.79 0.27
CA VAL A 8 -2.45 10.52 -1.17
C VAL A 8 -2.49 9.00 -1.39
N LEU A 9 -3.34 8.54 -2.31
CA LEU A 9 -3.52 7.14 -2.69
C LEU A 9 -3.05 6.96 -4.14
N CYS A 10 -2.28 5.91 -4.38
CA CYS A 10 -1.51 5.70 -5.60
C CYS A 10 -2.36 5.15 -6.76
N LYS A 11 -2.04 5.49 -8.01
CA LYS A 11 -2.81 5.06 -9.19
C LYS A 11 -2.65 3.57 -9.57
N PHE A 12 -1.57 2.91 -9.12
CA PHE A 12 -1.31 1.48 -9.35
C PHE A 12 -1.70 0.60 -8.15
N GLY A 13 -1.48 1.08 -6.92
CA GLY A 13 -1.92 0.39 -5.70
C GLY A 13 -1.11 -0.88 -5.47
N ALA A 14 -1.77 -2.04 -5.43
CA ALA A 14 -1.11 -3.34 -5.30
C ALA A 14 -0.22 -3.74 -6.49
N LEU A 15 -0.29 -2.99 -7.61
CA LEU A 15 0.49 -3.20 -8.84
C LEU A 15 1.66 -2.22 -8.99
N CYS A 16 1.93 -1.38 -7.97
CA CYS A 16 2.97 -0.36 -8.01
C CYS A 16 4.40 -0.93 -8.22
N SER A 17 5.27 -0.21 -8.92
CA SER A 17 6.59 -0.72 -9.37
C SER A 17 7.75 -0.42 -8.38
N ASN A 18 7.51 0.41 -7.35
CA ASN A 18 8.50 0.83 -6.35
C ASN A 18 8.11 0.29 -4.94
N PRO A 19 9.03 -0.37 -4.20
CA PRO A 19 8.77 -0.88 -2.85
C PRO A 19 8.82 0.21 -1.77
N SER A 20 9.46 1.35 -2.03
CA SER A 20 9.78 2.39 -1.03
C SER A 20 8.86 3.63 -1.13
N CYS A 21 8.01 3.64 -2.16
CA CYS A 21 7.01 4.67 -2.50
C CYS A 21 6.28 5.26 -1.28
N PRO A 22 6.21 6.61 -1.12
CA PRO A 22 5.63 7.25 0.06
C PRO A 22 4.10 7.30 0.08
N PHE A 23 3.41 7.00 -1.04
CA PHE A 23 1.94 7.16 -1.15
C PHE A 23 1.16 5.91 -0.69
N GLY A 24 -0.16 5.93 -0.90
CA GLY A 24 -1.13 5.03 -0.27
C GLY A 24 -1.52 3.81 -1.12
N HIS A 25 -1.43 2.62 -0.54
CA HIS A 25 -1.75 1.32 -1.14
C HIS A 25 -2.59 0.45 -0.16
N PRO A 26 -3.26 -0.64 -0.61
CA PRO A 26 -4.13 -1.47 0.25
C PRO A 26 -3.35 -2.37 1.23
N THR A 27 -4.09 -3.05 2.12
CA THR A 27 -3.53 -4.01 3.11
C THR A 27 -2.65 -5.07 2.41
N PRO A 28 -1.43 -5.36 2.89
CA PRO A 28 -0.56 -6.34 2.27
C PRO A 28 -1.01 -7.80 2.47
N ALA A 29 -1.89 -8.06 3.43
CA ALA A 29 -2.54 -9.37 3.60
C ALA A 29 -3.62 -9.65 2.55
N ASN A 30 -3.88 -8.72 1.63
CA ASN A 30 -4.85 -8.87 0.54
C ASN A 30 -4.67 -7.83 -0.59
N GLU A 31 -4.01 -8.23 -1.67
CA GLU A 31 -3.78 -7.42 -2.87
C GLU A 31 -5.04 -7.21 -3.75
N ASP A 32 -6.18 -7.85 -3.43
CA ASP A 32 -7.48 -7.66 -4.09
C ASP A 32 -8.42 -6.70 -3.32
N ALA A 33 -8.03 -6.20 -2.14
CA ALA A 33 -8.74 -5.15 -1.44
C ALA A 33 -8.51 -3.79 -2.11
N LYS A 34 -9.56 -2.97 -2.13
CA LYS A 34 -9.48 -1.55 -2.50
C LYS A 34 -8.78 -0.72 -1.40
N VAL A 35 -8.59 0.57 -1.61
CA VAL A 35 -8.52 1.55 -0.51
C VAL A 35 -9.81 2.38 -0.52
N ILE A 36 -10.47 2.49 0.63
CA ILE A 36 -11.75 3.23 0.80
C ILE A 36 -11.68 4.17 2.01
N ASP A 37 -10.72 3.97 2.92
CA ASP A 37 -10.38 4.91 3.98
C ASP A 37 -9.05 5.60 3.65
N LEU A 38 -9.05 6.93 3.65
CA LEU A 38 -7.98 7.79 3.14
C LEU A 38 -7.04 8.16 4.32
N MET A 39 -6.62 7.13 5.07
CA MET A 39 -6.01 7.27 6.40
C MET A 39 -4.84 6.30 6.57
N TRP A 40 -3.78 6.71 7.26
CA TRP A 40 -2.62 5.85 7.54
C TRP A 40 -2.93 4.84 8.66
N CYS A 41 -2.88 3.55 8.31
CA CYS A 41 -3.09 2.43 9.24
C CYS A 41 -1.93 2.17 10.23
N ASP A 42 -2.17 1.34 11.25
CA ASP A 42 -1.30 1.15 12.43
C ASP A 42 -0.12 0.17 12.25
N LYS A 43 -0.29 -0.97 11.55
CA LYS A 43 0.82 -1.90 11.28
C LYS A 43 1.50 -1.61 9.93
N ASN A 44 0.88 -0.75 9.11
CA ASN A 44 1.30 -0.40 7.77
C ASN A 44 1.63 -1.65 6.91
N LEU A 45 2.91 -1.86 6.56
CA LEU A 45 3.39 -2.91 5.66
C LEU A 45 3.38 -4.31 6.30
N THR A 46 2.94 -4.41 7.57
CA THR A 46 2.75 -5.68 8.31
C THR A 46 1.30 -5.89 8.79
N CYS A 47 0.31 -5.12 8.30
CA CYS A 47 -1.10 -5.35 8.57
C CYS A 47 -1.56 -6.71 8.04
N ASP A 48 -1.90 -7.56 8.99
CA ASP A 48 -2.27 -8.97 8.80
C ASP A 48 -3.77 -9.18 8.45
N ASN A 49 -4.60 -8.14 8.60
CA ASN A 49 -6.03 -8.16 8.36
C ASN A 49 -6.34 -8.17 6.84
N PRO A 50 -7.00 -9.22 6.29
CA PRO A 50 -7.26 -9.35 4.85
C PRO A 50 -8.48 -8.54 4.37
N GLU A 51 -9.26 -7.94 5.26
CA GLU A 51 -10.46 -7.14 4.93
C GLU A 51 -10.28 -5.65 5.28
N CYS A 52 -9.07 -5.24 5.66
CA CYS A 52 -8.72 -3.83 5.84
C CYS A 52 -8.58 -3.11 4.47
N ARG A 53 -8.94 -1.82 4.44
CA ARG A 53 -8.90 -0.98 3.25
C ARG A 53 -8.55 0.49 3.54
N LYS A 54 -7.45 0.65 4.30
CA LYS A 54 -6.81 1.93 4.64
C LYS A 54 -5.53 2.11 3.80
N ALA A 55 -4.79 3.18 4.04
CA ALA A 55 -3.57 3.54 3.32
C ALA A 55 -2.33 2.92 3.99
N HIS A 56 -1.51 2.26 3.18
CA HIS A 56 -0.25 1.63 3.56
C HIS A 56 0.86 1.97 2.52
N SER A 57 2.12 1.78 2.89
CA SER A 57 3.27 1.75 1.97
C SER A 57 3.19 0.57 0.97
N SER A 58 4.05 0.56 -0.06
CA SER A 58 3.88 -0.36 -1.20
C SER A 58 3.98 -1.85 -0.83
N LEU A 59 2.97 -2.63 -1.26
CA LEU A 59 2.95 -4.09 -1.11
C LEU A 59 4.13 -4.76 -1.79
N SER A 60 4.69 -4.17 -2.83
CA SER A 60 5.76 -4.76 -3.64
C SER A 60 7.04 -5.01 -2.81
N LYS A 61 7.14 -4.37 -1.64
CA LYS A 61 8.19 -4.56 -0.64
C LYS A 61 8.12 -5.92 0.07
N ILE A 62 6.92 -6.48 0.31
CA ILE A 62 6.74 -7.84 0.80
C ILE A 62 6.45 -8.84 -0.32
N LYS A 63 6.14 -8.33 -1.50
CA LYS A 63 5.66 -9.14 -2.63
C LYS A 63 6.81 -9.79 -3.41
N GLU A 64 7.59 -9.02 -4.20
CA GLU A 64 8.62 -9.56 -5.11
C GLU A 64 9.66 -8.50 -5.51
N VAL A 65 9.76 -7.44 -4.71
CA VAL A 65 10.74 -6.35 -4.84
C VAL A 65 11.38 -6.04 -3.48
N LYS A 66 11.40 -7.07 -2.62
CA LYS A 66 11.88 -7.07 -1.25
C LYS A 66 13.38 -6.66 -1.10
N PRO A 67 13.75 -5.92 -0.03
CA PRO A 67 15.10 -5.35 0.12
C PRO A 67 16.15 -6.44 0.32
N ILE A 68 17.27 -6.32 -0.41
CA ILE A 68 18.42 -7.23 -0.41
C ILE A 68 18.00 -8.67 -0.80
N SER A 69 16.84 -8.82 -1.44
CA SER A 69 16.14 -10.09 -1.75
C SER A 69 15.64 -10.88 -0.51
N GLN A 70 15.83 -10.31 0.70
CA GLN A 70 15.70 -10.93 2.03
C GLN A 70 16.74 -12.04 2.30
N LYS A 71 17.08 -12.23 3.58
CA LYS A 71 18.17 -13.08 4.08
C LYS A 71 18.04 -13.36 5.59
N GLY A 1 -17.26 24.62 5.57
CA GLY A 1 -16.65 23.61 4.69
C GLY A 1 -15.53 22.86 5.40
N SER A 2 -15.31 21.59 5.02
CA SER A 2 -14.35 20.68 5.68
C SER A 2 -13.76 19.67 4.66
N VAL A 3 -12.51 19.23 4.87
CA VAL A 3 -11.74 18.35 3.97
C VAL A 3 -10.77 17.45 4.76
N GLN A 4 -10.20 16.44 4.10
CA GLN A 4 -9.19 15.54 4.66
C GLN A 4 -8.17 15.21 3.57
N THR A 5 -6.89 15.53 3.82
CA THR A 5 -5.77 15.53 2.86
C THR A 5 -4.44 15.27 3.57
N GLY A 6 -3.33 15.27 2.81
CA GLY A 6 -2.00 14.81 3.24
C GLY A 6 -1.72 13.35 2.88
N ILE A 7 -2.67 12.68 2.21
CA ILE A 7 -2.61 11.31 1.70
C ILE A 7 -3.25 11.29 0.30
N VAL A 8 -2.65 10.54 -0.63
CA VAL A 8 -3.15 10.25 -1.98
C VAL A 8 -2.94 8.74 -2.20
N LEU A 9 -3.89 8.06 -2.86
CA LEU A 9 -3.85 6.63 -3.13
C LEU A 9 -3.37 6.43 -4.57
N CYS A 10 -2.43 5.51 -4.74
CA CYS A 10 -1.57 5.45 -5.91
C CYS A 10 -2.25 4.80 -7.14
N LYS A 11 -1.90 5.23 -8.35
CA LYS A 11 -2.57 4.78 -9.58
C LYS A 11 -2.27 3.32 -10.00
N PHE A 12 -1.15 2.75 -9.53
CA PHE A 12 -0.82 1.32 -9.69
C PHE A 12 -1.27 0.48 -8.50
N GLY A 13 -1.18 1.02 -7.26
CA GLY A 13 -1.72 0.38 -6.05
C GLY A 13 -0.95 -0.89 -5.72
N ALA A 14 -1.63 -2.04 -5.76
CA ALA A 14 -1.04 -3.36 -5.54
C ALA A 14 -0.02 -3.80 -6.61
N LEU A 15 0.02 -3.11 -7.75
CA LEU A 15 0.94 -3.35 -8.87
C LEU A 15 2.10 -2.34 -8.92
N CYS A 16 2.23 -1.46 -7.92
CA CYS A 16 3.26 -0.40 -7.88
C CYS A 16 4.71 -0.95 -7.92
N SER A 17 5.59 -0.29 -8.66
CA SER A 17 6.89 -0.80 -9.07
C SER A 17 8.08 -0.45 -8.16
N ASN A 18 7.84 0.25 -7.03
CA ASN A 18 8.86 0.57 -6.02
C ASN A 18 8.32 0.33 -4.59
N PRO A 19 9.03 -0.46 -3.75
CA PRO A 19 8.68 -0.76 -2.35
C PRO A 19 8.63 0.46 -1.40
N SER A 20 9.32 1.56 -1.71
CA SER A 20 9.60 2.67 -0.78
C SER A 20 8.75 3.92 -1.04
N CYS A 21 7.96 3.89 -2.12
CA CYS A 21 7.01 4.93 -2.56
C CYS A 21 6.21 5.59 -1.39
N PRO A 22 6.10 6.93 -1.33
CA PRO A 22 5.49 7.64 -0.20
C PRO A 22 3.95 7.65 -0.19
N PHE A 23 3.28 7.23 -1.28
CA PHE A 23 1.81 7.31 -1.41
C PHE A 23 1.08 6.08 -0.85
N GLY A 24 -0.24 6.03 -1.04
CA GLY A 24 -1.19 5.12 -0.39
C GLY A 24 -1.51 3.87 -1.21
N HIS A 25 -1.39 2.69 -0.60
CA HIS A 25 -1.68 1.38 -1.20
C HIS A 25 -2.55 0.50 -0.25
N PRO A 26 -3.22 -0.57 -0.73
CA PRO A 26 -4.09 -1.41 0.09
C PRO A 26 -3.33 -2.28 1.09
N THR A 27 -4.06 -2.92 2.01
CA THR A 27 -3.52 -3.89 2.98
C THR A 27 -2.75 -4.98 2.22
N PRO A 28 -1.49 -5.31 2.57
CA PRO A 28 -0.66 -6.19 1.75
C PRO A 28 -1.06 -7.66 1.81
N ALA A 29 -1.79 -8.06 2.85
CA ALA A 29 -2.40 -9.38 2.97
C ALA A 29 -3.63 -9.56 2.04
N ASN A 30 -4.03 -8.53 1.28
CA ASN A 30 -5.09 -8.62 0.25
C ASN A 30 -5.16 -7.41 -0.69
N GLU A 31 -4.79 -7.61 -1.95
CA GLU A 31 -4.85 -6.62 -3.03
C GLU A 31 -6.28 -6.27 -3.52
N ASP A 32 -7.31 -7.04 -3.15
CA ASP A 32 -8.69 -6.85 -3.60
C ASP A 32 -9.58 -6.08 -2.60
N ALA A 33 -9.05 -5.71 -1.42
CA ALA A 33 -9.68 -4.76 -0.51
C ALA A 33 -9.36 -3.33 -0.97
N LYS A 34 -10.18 -2.79 -1.86
CA LYS A 34 -10.08 -1.41 -2.39
C LYS A 34 -9.99 -0.38 -1.24
N VAL A 35 -9.15 0.64 -1.37
CA VAL A 35 -8.90 1.61 -0.29
C VAL A 35 -10.01 2.66 -0.31
N ILE A 36 -10.66 2.84 0.85
CA ILE A 36 -11.83 3.70 1.05
C ILE A 36 -11.63 4.60 2.28
N ASP A 37 -10.70 4.26 3.18
CA ASP A 37 -10.36 5.07 4.34
C ASP A 37 -8.99 5.75 4.14
N LEU A 38 -8.94 7.05 4.45
CA LEU A 38 -7.92 8.00 4.00
C LEU A 38 -7.04 8.32 5.20
N MET A 39 -6.45 7.26 5.76
CA MET A 39 -5.65 7.31 6.98
C MET A 39 -4.56 6.26 7.02
N TRP A 40 -3.42 6.63 7.61
CA TRP A 40 -2.27 5.73 7.78
C TRP A 40 -2.54 4.71 8.90
N CYS A 41 -2.65 3.45 8.50
CA CYS A 41 -2.91 2.31 9.39
C CYS A 41 -1.76 1.96 10.38
N ASP A 42 -2.09 1.21 11.44
CA ASP A 42 -1.20 0.91 12.58
C ASP A 42 -0.02 -0.04 12.28
N LYS A 43 -0.24 -1.15 11.57
CA LYS A 43 0.85 -2.09 11.24
C LYS A 43 1.46 -1.76 9.87
N ASN A 44 0.85 -0.83 9.13
CA ASN A 44 1.22 -0.40 7.79
C ASN A 44 1.56 -1.58 6.85
N LEU A 45 2.83 -1.74 6.50
CA LEU A 45 3.33 -2.74 5.55
C LEU A 45 3.31 -4.17 6.13
N THR A 46 2.99 -4.31 7.42
CA THR A 46 2.89 -5.58 8.15
C THR A 46 1.44 -5.85 8.59
N CYS A 47 0.44 -5.10 8.09
CA CYS A 47 -0.97 -5.39 8.32
C CYS A 47 -1.39 -6.74 7.71
N ASP A 48 -1.62 -7.68 8.61
CA ASP A 48 -1.98 -9.08 8.34
C ASP A 48 -3.48 -9.29 8.05
N ASN A 49 -4.32 -8.29 8.33
CA ASN A 49 -5.76 -8.30 8.11
C ASN A 49 -6.09 -8.24 6.61
N PRO A 50 -6.78 -9.24 6.02
CA PRO A 50 -7.09 -9.27 4.59
C PRO A 50 -8.36 -8.49 4.20
N GLU A 51 -9.09 -7.90 5.17
CA GLU A 51 -10.32 -7.13 4.92
C GLU A 51 -10.16 -5.64 5.28
N CYS A 52 -8.95 -5.21 5.63
CA CYS A 52 -8.60 -3.79 5.83
C CYS A 52 -8.53 -3.00 4.53
N ARG A 53 -8.86 -1.70 4.60
CA ARG A 53 -9.05 -0.79 3.45
C ARG A 53 -8.51 0.63 3.70
N LYS A 54 -7.39 0.73 4.42
CA LYS A 54 -6.72 1.98 4.80
C LYS A 54 -5.48 2.22 3.91
N ALA A 55 -4.71 3.27 4.21
CA ALA A 55 -3.53 3.67 3.45
C ALA A 55 -2.26 3.00 4.00
N HIS A 56 -1.50 2.36 3.12
CA HIS A 56 -0.23 1.68 3.45
C HIS A 56 0.89 1.97 2.43
N SER A 57 2.13 1.60 2.76
CA SER A 57 3.27 1.56 1.82
C SER A 57 3.12 0.46 0.75
N SER A 58 3.98 0.45 -0.28
CA SER A 58 3.79 -0.43 -1.44
C SER A 58 4.04 -1.91 -1.15
N LEU A 59 3.12 -2.76 -1.64
CA LEU A 59 3.09 -4.21 -1.44
C LEU A 59 4.32 -4.95 -1.98
N SER A 60 5.01 -4.35 -2.95
CA SER A 60 6.22 -4.88 -3.60
C SER A 60 7.40 -5.07 -2.63
N LYS A 61 7.31 -4.54 -1.41
CA LYS A 61 8.30 -4.73 -0.34
C LYS A 61 8.28 -6.17 0.22
N ILE A 62 7.11 -6.80 0.42
CA ILE A 62 6.98 -8.17 0.90
C ILE A 62 6.55 -9.14 -0.20
N LYS A 63 6.21 -8.59 -1.36
CA LYS A 63 6.01 -9.37 -2.59
C LYS A 63 7.30 -9.62 -3.40
N GLU A 64 8.36 -8.84 -3.16
CA GLU A 64 9.64 -8.89 -3.89
C GLU A 64 10.77 -8.36 -3.00
N VAL A 65 11.13 -9.14 -1.98
CA VAL A 65 12.10 -8.79 -0.90
C VAL A 65 13.59 -8.80 -1.33
N LYS A 66 13.81 -8.83 -2.65
CA LYS A 66 15.09 -8.84 -3.39
C LYS A 66 15.89 -10.16 -3.24
N PRO A 67 16.36 -10.79 -4.34
CA PRO A 67 17.22 -11.98 -4.30
C PRO A 67 18.66 -11.59 -3.97
N ILE A 68 18.99 -11.51 -2.68
CA ILE A 68 20.35 -11.21 -2.17
C ILE A 68 21.37 -12.28 -2.59
N SER A 69 20.90 -13.47 -2.89
CA SER A 69 21.69 -14.62 -3.39
C SER A 69 22.02 -14.51 -4.91
N GLN A 70 21.48 -13.51 -5.62
CA GLN A 70 21.64 -13.36 -7.08
C GLN A 70 22.36 -12.06 -7.49
N LYS A 71 22.17 -10.93 -6.78
CA LYS A 71 22.81 -9.63 -7.07
C LYS A 71 22.82 -8.70 -5.84
N GLY A 1 -8.89 19.90 -9.83
CA GLY A 1 -8.82 19.06 -8.63
C GLY A 1 -7.49 19.23 -7.90
N SER A 2 -7.52 19.22 -6.57
CA SER A 2 -6.36 19.50 -5.69
C SER A 2 -6.44 18.68 -4.39
N VAL A 3 -5.29 18.31 -3.80
CA VAL A 3 -5.19 17.53 -2.55
C VAL A 3 -4.00 18.06 -1.73
N GLN A 4 -4.25 18.36 -0.45
CA GLN A 4 -3.26 18.93 0.48
C GLN A 4 -3.47 18.44 1.94
N THR A 5 -4.13 17.28 2.10
CA THR A 5 -4.54 16.71 3.40
C THR A 5 -3.49 15.76 4.02
N GLY A 6 -2.37 15.51 3.34
CA GLY A 6 -1.30 14.59 3.78
C GLY A 6 -1.59 13.12 3.51
N ILE A 7 -2.59 12.81 2.67
CA ILE A 7 -3.02 11.45 2.30
C ILE A 7 -3.39 11.44 0.81
N VAL A 8 -2.70 10.59 0.03
CA VAL A 8 -2.89 10.39 -1.42
C VAL A 8 -2.88 8.88 -1.68
N LEU A 9 -3.69 8.39 -2.61
CA LEU A 9 -3.80 6.98 -3.00
C LEU A 9 -3.29 6.81 -4.44
N CYS A 10 -2.46 5.80 -4.63
CA CYS A 10 -1.62 5.66 -5.82
C CYS A 10 -2.34 5.11 -7.07
N LYS A 11 -1.76 5.33 -8.25
CA LYS A 11 -2.29 4.87 -9.55
C LYS A 11 -2.33 3.33 -9.71
N PHE A 12 -1.35 2.61 -9.13
CA PHE A 12 -1.15 1.17 -9.34
C PHE A 12 -1.44 0.31 -8.10
N GLY A 13 -1.27 0.86 -6.89
CA GLY A 13 -1.70 0.22 -5.64
C GLY A 13 -0.86 -1.02 -5.34
N ALA A 14 -1.48 -2.20 -5.35
CA ALA A 14 -0.82 -3.49 -5.18
C ALA A 14 0.16 -3.86 -6.32
N LEU A 15 0.11 -3.15 -7.45
CA LEU A 15 0.96 -3.35 -8.63
C LEU A 15 2.07 -2.28 -8.75
N CYS A 16 2.18 -1.37 -7.78
CA CYS A 16 3.18 -0.29 -7.78
C CYS A 16 4.63 -0.80 -7.82
N SER A 17 5.51 -0.15 -8.56
CA SER A 17 6.81 -0.72 -8.96
C SER A 17 8.00 -0.38 -8.04
N ASN A 18 7.77 0.37 -6.94
CA ASN A 18 8.81 0.74 -5.97
C ASN A 18 8.33 0.56 -4.50
N PRO A 19 9.04 -0.20 -3.65
CA PRO A 19 8.75 -0.39 -2.20
C PRO A 19 8.71 0.89 -1.35
N SER A 20 9.39 1.97 -1.77
CA SER A 20 9.70 3.12 -0.91
C SER A 20 8.82 4.37 -1.18
N CYS A 21 7.98 4.28 -2.22
CA CYS A 21 6.95 5.25 -2.59
C CYS A 21 6.16 5.82 -1.39
N PRO A 22 5.97 7.16 -1.28
CA PRO A 22 5.34 7.79 -0.12
C PRO A 22 3.80 7.71 -0.09
N PHE A 23 3.15 7.33 -1.20
CA PHE A 23 1.68 7.38 -1.31
C PHE A 23 0.97 6.11 -0.81
N GLY A 24 -0.33 6.00 -1.08
CA GLY A 24 -1.28 5.09 -0.41
C GLY A 24 -1.64 3.85 -1.22
N HIS A 25 -1.47 2.67 -0.61
CA HIS A 25 -1.74 1.35 -1.21
C HIS A 25 -2.52 0.44 -0.20
N PRO A 26 -3.14 -0.68 -0.64
CA PRO A 26 -3.99 -1.53 0.21
C PRO A 26 -3.20 -2.35 1.24
N THR A 27 -3.93 -3.06 2.13
CA THR A 27 -3.34 -4.02 3.08
C THR A 27 -2.46 -5.03 2.32
N PRO A 28 -1.24 -5.36 2.79
CA PRO A 28 -0.38 -6.32 2.11
C PRO A 28 -0.84 -7.77 2.23
N ALA A 29 -1.72 -8.06 3.19
CA ALA A 29 -2.32 -9.39 3.36
C ALA A 29 -3.38 -9.72 2.29
N ASN A 30 -3.71 -8.76 1.40
CA ASN A 30 -4.71 -8.91 0.33
C ASN A 30 -4.79 -7.72 -0.65
N GLU A 31 -4.48 -7.97 -1.93
CA GLU A 31 -4.60 -6.98 -3.03
C GLU A 31 -6.04 -6.63 -3.43
N ASP A 32 -7.05 -7.39 -2.99
CA ASP A 32 -8.46 -7.22 -3.39
C ASP A 32 -9.30 -6.43 -2.38
N ALA A 33 -8.73 -6.07 -1.21
CA ALA A 33 -9.29 -5.10 -0.28
C ALA A 33 -8.92 -3.68 -0.73
N LYS A 34 -9.55 -3.24 -1.83
CA LYS A 34 -9.27 -1.96 -2.50
C LYS A 34 -9.50 -0.76 -1.55
N VAL A 35 -8.75 0.33 -1.71
CA VAL A 35 -8.65 1.37 -0.67
C VAL A 35 -9.81 2.34 -0.79
N ILE A 36 -10.54 2.50 0.32
CA ILE A 36 -11.76 3.32 0.43
C ILE A 36 -11.66 4.24 1.66
N ASP A 37 -10.75 3.96 2.59
CA ASP A 37 -10.53 4.77 3.78
C ASP A 37 -9.21 5.56 3.64
N LEU A 38 -9.29 6.86 3.93
CA LEU A 38 -8.23 7.83 3.73
C LEU A 38 -7.61 8.03 5.10
N MET A 39 -6.90 7.00 5.55
CA MET A 39 -6.19 7.00 6.82
C MET A 39 -4.97 6.09 6.81
N TRP A 40 -3.92 6.55 7.46
CA TRP A 40 -2.66 5.81 7.61
C TRP A 40 -2.78 4.80 8.75
N CYS A 41 -2.90 3.53 8.37
CA CYS A 41 -3.16 2.40 9.28
C CYS A 41 -2.03 2.09 10.29
N ASP A 42 -2.37 1.35 11.36
CA ASP A 42 -1.53 1.14 12.55
C ASP A 42 -0.32 0.19 12.37
N LYS A 43 -0.43 -0.89 11.60
CA LYS A 43 0.70 -1.80 11.32
C LYS A 43 1.45 -1.41 10.04
N ASN A 44 0.86 -0.53 9.22
CA ASN A 44 1.30 -0.20 7.87
C ASN A 44 1.56 -1.48 7.06
N LEU A 45 2.79 -1.71 6.61
CA LEU A 45 3.14 -2.81 5.70
C LEU A 45 3.34 -4.17 6.41
N THR A 46 2.98 -4.26 7.70
CA THR A 46 2.83 -5.51 8.46
C THR A 46 1.40 -5.76 8.94
N CYS A 47 0.40 -5.04 8.39
CA CYS A 47 -1.01 -5.32 8.60
C CYS A 47 -1.40 -6.68 8.01
N ASP A 48 -1.77 -7.56 8.93
CA ASP A 48 -2.10 -8.98 8.68
C ASP A 48 -3.59 -9.20 8.31
N ASN A 49 -4.44 -8.19 8.45
CA ASN A 49 -5.87 -8.23 8.19
C ASN A 49 -6.17 -8.28 6.67
N PRO A 50 -6.83 -9.33 6.13
CA PRO A 50 -7.07 -9.50 4.70
C PRO A 50 -8.28 -8.70 4.16
N GLU A 51 -9.05 -8.03 5.02
CA GLU A 51 -10.22 -7.23 4.64
C GLU A 51 -10.03 -5.72 4.93
N CYS A 52 -8.83 -5.32 5.38
CA CYS A 52 -8.49 -3.91 5.61
C CYS A 52 -8.32 -3.10 4.32
N ARG A 53 -8.89 -1.90 4.30
CA ARG A 53 -9.06 -1.04 3.12
C ARG A 53 -8.51 0.38 3.31
N LYS A 54 -7.42 0.50 4.09
CA LYS A 54 -6.82 1.78 4.51
C LYS A 54 -5.52 2.04 3.71
N ALA A 55 -4.83 3.12 4.03
CA ALA A 55 -3.64 3.58 3.32
C ALA A 55 -2.35 3.01 3.95
N HIS A 56 -1.53 2.35 3.13
CA HIS A 56 -0.23 1.77 3.51
C HIS A 56 0.86 2.08 2.46
N SER A 57 2.13 1.78 2.76
CA SER A 57 3.26 1.82 1.81
C SER A 57 3.12 0.80 0.64
N SER A 58 3.99 0.86 -0.38
CA SER A 58 3.89 -0.03 -1.54
C SER A 58 4.12 -1.51 -1.18
N LEU A 59 3.21 -2.39 -1.62
CA LEU A 59 3.27 -3.82 -1.36
C LEU A 59 4.49 -4.52 -1.96
N SER A 60 5.10 -3.99 -3.02
CA SER A 60 6.23 -4.63 -3.74
C SER A 60 7.53 -4.82 -2.90
N LYS A 61 7.53 -4.39 -1.66
CA LYS A 61 8.48 -4.77 -0.61
C LYS A 61 8.30 -6.22 -0.11
N ILE A 62 7.06 -6.74 -0.12
CA ILE A 62 6.69 -8.09 0.30
C ILE A 62 6.10 -8.95 -0.82
N LYS A 63 5.79 -8.34 -1.96
CA LYS A 63 4.95 -8.96 -3.00
C LYS A 63 5.70 -9.90 -3.96
N GLU A 64 7.02 -9.73 -4.11
CA GLU A 64 7.87 -10.55 -5.00
C GLU A 64 9.33 -10.52 -4.50
N VAL A 65 9.50 -10.64 -3.17
CA VAL A 65 10.77 -10.48 -2.46
C VAL A 65 11.07 -11.68 -1.53
N LYS A 66 10.37 -12.79 -1.80
CA LYS A 66 10.48 -14.08 -1.10
C LYS A 66 11.40 -15.06 -1.86
N PRO A 67 12.01 -16.06 -1.18
CA PRO A 67 12.87 -17.07 -1.80
C PRO A 67 12.01 -18.13 -2.52
N ILE A 68 11.47 -17.77 -3.69
CA ILE A 68 10.56 -18.63 -4.48
C ILE A 68 11.23 -19.86 -5.10
N SER A 69 12.55 -19.96 -5.02
CA SER A 69 13.34 -21.14 -5.38
C SER A 69 13.28 -22.26 -4.31
N GLN A 70 12.78 -21.95 -3.11
CA GLN A 70 12.60 -22.92 -2.02
C GLN A 70 11.29 -23.74 -2.16
N LYS A 71 10.34 -23.26 -2.97
CA LYS A 71 9.04 -23.90 -3.31
C LYS A 71 8.11 -24.06 -2.09
N GLY A 1 -11.70 21.76 -0.46
CA GLY A 1 -11.04 20.43 -0.56
C GLY A 1 -9.77 20.49 -1.41
N SER A 2 -9.08 19.36 -1.55
CA SER A 2 -7.84 19.19 -2.33
C SER A 2 -7.55 17.69 -2.59
N VAL A 3 -6.35 17.38 -3.11
CA VAL A 3 -5.90 16.04 -3.53
C VAL A 3 -4.36 15.99 -3.59
N GLN A 4 -3.77 14.81 -3.34
CA GLN A 4 -2.32 14.56 -3.39
C GLN A 4 -1.55 15.31 -2.28
N THR A 5 -2.18 15.46 -1.10
CA THR A 5 -1.71 16.28 0.02
C THR A 5 -2.33 15.82 1.34
N GLY A 6 -1.55 15.86 2.42
CA GLY A 6 -1.93 15.38 3.76
C GLY A 6 -1.90 13.85 3.84
N ILE A 7 -2.82 13.21 3.12
CA ILE A 7 -2.90 11.75 2.90
C ILE A 7 -3.26 11.51 1.43
N VAL A 8 -2.53 10.63 0.76
CA VAL A 8 -2.55 10.39 -0.69
C VAL A 8 -2.57 8.88 -0.97
N LEU A 9 -3.35 8.45 -1.96
CA LEU A 9 -3.51 7.06 -2.40
C LEU A 9 -3.06 6.97 -3.87
N CYS A 10 -2.33 5.90 -4.18
CA CYS A 10 -1.56 5.77 -5.42
C CYS A 10 -2.41 5.31 -6.64
N LYS A 11 -1.90 5.56 -7.85
CA LYS A 11 -2.55 5.19 -9.12
C LYS A 11 -2.71 3.68 -9.34
N PHE A 12 -1.72 2.88 -8.91
CA PHE A 12 -1.63 1.43 -9.19
C PHE A 12 -1.87 0.55 -7.96
N GLY A 13 -1.58 1.04 -6.75
CA GLY A 13 -1.91 0.34 -5.50
C GLY A 13 -1.08 -0.92 -5.33
N ALA A 14 -1.73 -2.09 -5.30
CA ALA A 14 -1.06 -3.39 -5.22
C ALA A 14 -0.21 -3.75 -6.47
N LEU A 15 -0.38 -3.02 -7.57
CA LEU A 15 0.32 -3.20 -8.84
C LEU A 15 1.46 -2.17 -9.03
N CYS A 16 1.72 -1.32 -8.04
CA CYS A 16 2.76 -0.28 -8.07
C CYS A 16 4.18 -0.85 -8.30
N SER A 17 5.03 -0.14 -9.04
CA SER A 17 6.35 -0.65 -9.49
C SER A 17 7.53 -0.30 -8.56
N ASN A 18 7.31 0.53 -7.53
CA ASN A 18 8.32 1.01 -6.58
C ASN A 18 8.01 0.47 -5.16
N PRO A 19 8.95 -0.22 -4.47
CA PRO A 19 8.74 -0.73 -3.12
C PRO A 19 8.87 0.34 -2.01
N SER A 20 9.53 1.48 -2.28
CA SER A 20 9.85 2.50 -1.25
C SER A 20 8.94 3.74 -1.33
N CYS A 21 8.03 3.72 -2.30
CA CYS A 21 7.03 4.75 -2.64
C CYS A 21 6.35 5.39 -1.39
N PRO A 22 6.30 6.74 -1.27
CA PRO A 22 5.76 7.43 -0.11
C PRO A 22 4.21 7.49 -0.05
N PHE A 23 3.49 7.10 -1.12
CA PHE A 23 2.03 7.22 -1.18
C PHE A 23 1.30 5.99 -0.59
N GLY A 24 -0.03 5.95 -0.73
CA GLY A 24 -0.95 5.03 -0.07
C GLY A 24 -1.40 3.85 -0.92
N HIS A 25 -1.34 2.64 -0.36
CA HIS A 25 -1.65 1.36 -1.01
C HIS A 25 -2.55 0.48 -0.09
N PRO A 26 -3.21 -0.61 -0.58
CA PRO A 26 -4.09 -1.46 0.22
C PRO A 26 -3.33 -2.36 1.22
N THR A 27 -4.06 -3.08 2.08
CA THR A 27 -3.50 -4.04 3.06
C THR A 27 -2.59 -5.05 2.34
N PRO A 28 -1.36 -5.32 2.82
CA PRO A 28 -0.45 -6.25 2.16
C PRO A 28 -0.85 -7.72 2.27
N ALA A 29 -1.76 -8.04 3.20
CA ALA A 29 -2.35 -9.37 3.32
C ALA A 29 -3.38 -9.68 2.20
N ASN A 30 -3.71 -8.70 1.33
CA ASN A 30 -4.69 -8.87 0.24
C ASN A 30 -4.70 -7.72 -0.79
N GLU A 31 -4.34 -8.04 -2.03
CA GLU A 31 -4.36 -7.11 -3.18
C GLU A 31 -5.76 -6.69 -3.67
N ASP A 32 -6.83 -7.39 -3.27
CA ASP A 32 -8.21 -7.14 -3.72
C ASP A 32 -9.03 -6.30 -2.72
N ALA A 33 -8.50 -5.99 -1.53
CA ALA A 33 -9.10 -5.08 -0.56
C ALA A 33 -8.77 -3.61 -0.91
N LYS A 34 -9.27 -3.15 -2.07
CA LYS A 34 -9.03 -1.80 -2.60
C LYS A 34 -9.44 -0.70 -1.59
N VAL A 35 -8.80 0.48 -1.67
CA VAL A 35 -8.78 1.45 -0.56
C VAL A 35 -10.05 2.31 -0.60
N ILE A 36 -10.77 2.32 0.53
CA ILE A 36 -12.08 2.98 0.74
C ILE A 36 -12.09 3.76 2.06
N ASP A 37 -11.05 3.61 2.89
CA ASP A 37 -10.79 4.39 4.09
C ASP A 37 -9.47 5.16 3.91
N LEU A 38 -9.47 6.46 4.22
CA LEU A 38 -8.58 7.47 3.66
C LEU A 38 -7.54 7.88 4.72
N MET A 39 -6.93 6.90 5.38
CA MET A 39 -6.03 7.15 6.50
C MET A 39 -4.97 6.07 6.70
N TRP A 40 -3.85 6.49 7.30
CA TRP A 40 -2.68 5.63 7.54
C TRP A 40 -2.98 4.61 8.64
N CYS A 41 -2.90 3.32 8.29
CA CYS A 41 -3.31 2.21 9.16
C CYS A 41 -2.40 1.93 10.38
N ASP A 42 -2.95 1.13 11.30
CA ASP A 42 -2.45 0.71 12.62
C ASP A 42 -1.11 -0.06 12.58
N LYS A 43 -0.95 -1.07 11.69
CA LYS A 43 0.31 -1.82 11.54
C LYS A 43 1.08 -1.44 10.25
N ASN A 44 0.48 -0.59 9.41
CA ASN A 44 0.99 -0.20 8.09
C ASN A 44 1.37 -1.43 7.24
N LEU A 45 2.63 -1.58 6.84
CA LEU A 45 3.13 -2.62 5.93
C LEU A 45 3.18 -4.02 6.59
N THR A 46 2.81 -4.14 7.87
CA THR A 46 2.72 -5.39 8.64
C THR A 46 1.27 -5.71 9.03
N CYS A 47 0.27 -5.06 8.42
CA CYS A 47 -1.13 -5.39 8.59
C CYS A 47 -1.47 -6.76 7.99
N ASP A 48 -1.80 -7.68 8.88
CA ASP A 48 -2.10 -9.09 8.61
C ASP A 48 -3.58 -9.35 8.27
N ASN A 49 -4.46 -8.37 8.47
CA ASN A 49 -5.90 -8.48 8.18
C ASN A 49 -6.17 -8.42 6.65
N PRO A 50 -6.78 -9.45 6.03
CA PRO A 50 -7.00 -9.53 4.58
C PRO A 50 -8.22 -8.75 4.07
N GLU A 51 -9.04 -8.16 4.95
CA GLU A 51 -10.25 -7.40 4.59
C GLU A 51 -10.13 -5.90 4.92
N CYS A 52 -8.97 -5.45 5.41
CA CYS A 52 -8.67 -4.05 5.67
C CYS A 52 -8.45 -3.24 4.38
N ARG A 53 -8.83 -1.95 4.42
CA ARG A 53 -8.95 -1.07 3.25
C ARG A 53 -8.48 0.39 3.51
N LYS A 54 -7.47 0.53 4.38
CA LYS A 54 -6.81 1.81 4.74
C LYS A 54 -5.57 2.05 3.87
N ALA A 55 -4.82 3.09 4.19
CA ALA A 55 -3.61 3.51 3.48
C ALA A 55 -2.35 2.86 4.10
N HIS A 56 -1.52 2.22 3.26
CA HIS A 56 -0.27 1.56 3.65
C HIS A 56 0.90 1.88 2.69
N SER A 57 2.14 1.50 3.03
CA SER A 57 3.31 1.57 2.12
C SER A 57 3.21 0.55 0.96
N SER A 58 4.09 0.59 -0.04
CA SER A 58 3.94 -0.25 -1.23
C SER A 58 4.08 -1.76 -0.94
N LEU A 59 3.11 -2.55 -1.41
CA LEU A 59 3.11 -4.00 -1.31
C LEU A 59 4.32 -4.63 -2.00
N SER A 60 4.88 -3.98 -3.01
CA SER A 60 6.03 -4.52 -3.76
C SER A 60 7.27 -4.71 -2.87
N LYS A 61 7.30 -4.07 -1.70
CA LYS A 61 8.34 -4.27 -0.68
C LYS A 61 8.28 -5.61 0.06
N ILE A 62 7.08 -6.16 0.29
CA ILE A 62 6.87 -7.45 0.96
C ILE A 62 6.59 -8.57 -0.05
N LYS A 63 6.43 -8.16 -1.31
CA LYS A 63 6.00 -9.03 -2.42
C LYS A 63 7.17 -9.48 -3.31
N GLU A 64 7.94 -8.54 -3.87
CA GLU A 64 8.95 -8.81 -4.90
C GLU A 64 9.85 -7.57 -5.14
N VAL A 65 10.92 -7.44 -4.35
CA VAL A 65 11.94 -6.37 -4.47
C VAL A 65 13.01 -6.67 -5.54
N LYS A 66 12.80 -7.75 -6.29
CA LYS A 66 13.70 -8.30 -7.31
C LYS A 66 12.98 -9.36 -8.20
N PRO A 67 12.90 -9.18 -9.54
CA PRO A 67 12.39 -10.19 -10.44
C PRO A 67 13.41 -11.33 -10.57
N ILE A 68 12.94 -12.58 -10.48
CA ILE A 68 13.79 -13.79 -10.55
C ILE A 68 13.97 -14.28 -12.01
N SER A 69 13.26 -13.68 -12.97
CA SER A 69 13.19 -14.08 -14.39
C SER A 69 12.52 -15.47 -14.56
N GLN A 70 11.73 -15.89 -13.57
CA GLN A 70 11.12 -17.22 -13.44
C GLN A 70 9.97 -17.15 -12.42
N LYS A 71 9.05 -18.12 -12.47
CA LYS A 71 7.84 -18.22 -11.62
C LYS A 71 7.41 -19.67 -11.32
N GLY A 1 -10.42 18.36 -2.52
CA GLY A 1 -10.69 16.93 -2.82
C GLY A 1 -10.25 16.02 -1.67
N SER A 2 -10.75 14.79 -1.61
CA SER A 2 -10.59 13.89 -0.45
C SER A 2 -9.13 13.49 -0.14
N VAL A 3 -8.24 13.53 -1.15
CA VAL A 3 -6.79 13.24 -1.00
C VAL A 3 -5.97 14.46 -0.51
N GLN A 4 -6.63 15.57 -0.15
CA GLN A 4 -6.02 16.77 0.43
C GLN A 4 -5.87 16.68 1.97
N THR A 5 -5.99 15.45 2.51
CA THR A 5 -6.00 15.10 3.94
C THR A 5 -4.64 14.57 4.46
N GLY A 6 -3.63 14.50 3.59
CA GLY A 6 -2.28 13.96 3.87
C GLY A 6 -2.08 12.50 3.43
N ILE A 7 -3.18 11.81 3.08
CA ILE A 7 -3.21 10.54 2.37
C ILE A 7 -3.46 10.83 0.89
N VAL A 8 -2.54 10.38 0.04
CA VAL A 8 -2.61 10.45 -1.44
C VAL A 8 -2.46 9.02 -1.97
N LEU A 9 -3.24 8.64 -2.99
CA LEU A 9 -3.45 7.28 -3.44
C LEU A 9 -2.82 7.10 -4.83
N CYS A 10 -2.11 5.99 -5.00
CA CYS A 10 -1.15 5.85 -6.09
C CYS A 10 -1.71 5.44 -7.46
N LYS A 11 -3.02 5.19 -7.58
CA LYS A 11 -3.77 4.62 -8.73
C LYS A 11 -3.34 3.21 -9.23
N PHE A 12 -2.13 2.74 -8.92
CA PHE A 12 -1.64 1.39 -9.21
C PHE A 12 -1.90 0.44 -8.03
N GLY A 13 -1.44 0.81 -6.83
CA GLY A 13 -1.82 0.13 -5.59
C GLY A 13 -1.00 -1.14 -5.38
N ALA A 14 -1.66 -2.30 -5.44
CA ALA A 14 -1.05 -3.60 -5.20
C ALA A 14 0.01 -4.02 -6.25
N LEU A 15 0.06 -3.33 -7.40
CA LEU A 15 0.94 -3.63 -8.53
C LEU A 15 2.09 -2.62 -8.72
N CYS A 16 2.09 -1.53 -7.93
CA CYS A 16 3.12 -0.47 -7.94
C CYS A 16 4.56 -1.01 -7.93
N SER A 17 5.46 -0.41 -8.72
CA SER A 17 6.79 -1.00 -9.03
C SER A 17 7.93 -0.55 -8.11
N ASN A 18 7.68 0.34 -7.15
CA ASN A 18 8.67 0.85 -6.18
C ASN A 18 8.28 0.41 -4.75
N PRO A 19 9.11 -0.37 -4.03
CA PRO A 19 8.80 -0.84 -2.67
C PRO A 19 8.94 0.24 -1.58
N SER A 20 9.61 1.37 -1.86
CA SER A 20 9.92 2.43 -0.88
C SER A 20 9.02 3.69 -1.05
N CYS A 21 8.21 3.69 -2.11
CA CYS A 21 7.22 4.71 -2.50
C CYS A 21 6.43 5.30 -1.30
N PRO A 22 6.29 6.64 -1.19
CA PRO A 22 5.65 7.30 -0.04
C PRO A 22 4.11 7.32 -0.07
N PHE A 23 3.47 6.99 -1.22
CA PHE A 23 2.01 7.16 -1.39
C PHE A 23 1.19 5.95 -0.92
N GLY A 24 -0.11 5.95 -1.26
CA GLY A 24 -1.17 5.14 -0.64
C GLY A 24 -1.54 3.89 -1.44
N HIS A 25 -1.44 2.72 -0.81
CA HIS A 25 -1.74 1.39 -1.34
C HIS A 25 -2.56 0.53 -0.33
N PRO A 26 -3.25 -0.55 -0.77
CA PRO A 26 -4.11 -1.38 0.09
C PRO A 26 -3.33 -2.27 1.08
N THR A 27 -4.06 -2.95 1.98
CA THR A 27 -3.50 -3.89 2.97
C THR A 27 -2.65 -4.96 2.27
N PRO A 28 -1.43 -5.27 2.75
CA PRO A 28 -0.58 -6.29 2.14
C PRO A 28 -1.09 -7.72 2.33
N ALA A 29 -2.00 -7.96 3.28
CA ALA A 29 -2.66 -9.24 3.46
C ALA A 29 -3.73 -9.54 2.39
N ASN A 30 -3.98 -8.59 1.47
CA ASN A 30 -5.00 -8.74 0.41
C ASN A 30 -4.88 -7.71 -0.74
N GLU A 31 -4.44 -8.18 -1.91
CA GLU A 31 -4.32 -7.38 -3.15
C GLU A 31 -5.66 -6.98 -3.80
N ASP A 32 -6.80 -7.52 -3.33
CA ASP A 32 -8.15 -7.24 -3.89
C ASP A 32 -8.94 -6.18 -3.09
N ALA A 33 -8.42 -5.69 -1.96
CA ALA A 33 -8.88 -4.46 -1.32
C ALA A 33 -8.36 -3.23 -2.09
N LYS A 34 -8.95 -2.08 -1.77
CA LYS A 34 -8.58 -0.75 -2.25
C LYS A 34 -8.54 0.24 -1.07
N VAL A 35 -8.01 1.45 -1.25
CA VAL A 35 -8.01 2.45 -0.17
C VAL A 35 -9.34 3.21 -0.24
N ILE A 36 -10.16 3.05 0.82
CA ILE A 36 -11.56 3.52 0.87
C ILE A 36 -11.88 4.22 2.18
N ASP A 37 -11.07 3.99 3.21
CA ASP A 37 -10.86 4.94 4.30
C ASP A 37 -9.45 5.54 4.13
N LEU A 38 -9.37 6.86 3.98
CA LEU A 38 -8.17 7.55 3.49
C LEU A 38 -7.38 7.98 4.72
N MET A 39 -6.86 6.97 5.43
CA MET A 39 -6.16 7.12 6.70
C MET A 39 -4.90 6.27 6.71
N TRP A 40 -3.82 6.75 7.30
CA TRP A 40 -2.57 5.97 7.44
C TRP A 40 -2.71 4.95 8.58
N CYS A 41 -2.73 3.68 8.21
CA CYS A 41 -3.00 2.55 9.13
C CYS A 41 -1.86 2.26 10.15
N ASP A 42 -2.19 1.45 11.17
CA ASP A 42 -1.36 1.16 12.36
C ASP A 42 -0.09 0.33 12.11
N LYS A 43 -0.16 -0.81 11.40
CA LYS A 43 1.00 -1.67 11.12
C LYS A 43 1.67 -1.33 9.77
N ASN A 44 1.00 -0.52 8.97
CA ASN A 44 1.37 -0.19 7.59
C ASN A 44 1.67 -1.47 6.76
N LEU A 45 2.93 -1.66 6.35
CA LEU A 45 3.39 -2.72 5.43
C LEU A 45 3.41 -4.12 6.09
N THR A 46 2.99 -4.23 7.36
CA THR A 46 2.83 -5.49 8.10
C THR A 46 1.40 -5.75 8.61
N CYS A 47 0.39 -5.01 8.14
CA CYS A 47 -1.01 -5.25 8.44
C CYS A 47 -1.49 -6.60 7.88
N ASP A 48 -1.79 -7.49 8.83
CA ASP A 48 -2.17 -8.90 8.62
C ASP A 48 -3.67 -9.10 8.35
N ASN A 49 -4.50 -8.06 8.50
CA ASN A 49 -5.95 -8.12 8.27
C ASN A 49 -6.29 -8.07 6.76
N PRO A 50 -6.93 -9.11 6.18
CA PRO A 50 -7.25 -9.19 4.75
C PRO A 50 -8.49 -8.39 4.33
N GLU A 51 -9.23 -7.79 5.27
CA GLU A 51 -10.46 -7.02 5.01
C GLU A 51 -10.28 -5.53 5.35
N CYS A 52 -9.05 -5.11 5.64
CA CYS A 52 -8.66 -3.70 5.75
C CYS A 52 -8.62 -3.00 4.37
N ARG A 53 -8.88 -1.70 4.37
CA ARG A 53 -9.03 -0.82 3.20
C ARG A 53 -8.55 0.61 3.47
N LYS A 54 -7.41 0.71 4.18
CA LYS A 54 -6.74 1.96 4.57
C LYS A 54 -5.44 2.16 3.79
N ALA A 55 -4.73 3.23 4.06
CA ALA A 55 -3.55 3.66 3.33
C ALA A 55 -2.27 3.03 3.91
N HIS A 56 -1.49 2.37 3.05
CA HIS A 56 -0.22 1.73 3.38
C HIS A 56 0.85 2.06 2.30
N SER A 57 2.12 1.82 2.60
CA SER A 57 3.24 1.82 1.64
C SER A 57 3.16 0.63 0.65
N SER A 58 3.98 0.62 -0.41
CA SER A 58 3.81 -0.34 -1.51
C SER A 58 3.98 -1.82 -1.11
N LEU A 59 3.02 -2.67 -1.50
CA LEU A 59 3.01 -4.11 -1.28
C LEU A 59 4.20 -4.85 -1.89
N SER A 60 4.84 -4.28 -2.92
CA SER A 60 5.97 -4.90 -3.62
C SER A 60 7.19 -5.13 -2.70
N LYS A 61 7.22 -4.49 -1.53
CA LYS A 61 8.23 -4.65 -0.48
C LYS A 61 8.16 -6.02 0.21
N ILE A 62 6.94 -6.55 0.47
CA ILE A 62 6.73 -7.86 1.05
C ILE A 62 6.44 -8.91 -0.02
N LYS A 63 6.22 -8.45 -1.25
CA LYS A 63 5.86 -9.31 -2.37
C LYS A 63 7.09 -9.83 -3.13
N GLU A 64 7.93 -8.95 -3.70
CA GLU A 64 8.88 -9.30 -4.77
C GLU A 64 9.86 -8.14 -5.03
N VAL A 65 10.84 -7.97 -4.13
CA VAL A 65 11.95 -6.99 -4.28
C VAL A 65 13.13 -7.53 -5.14
N LYS A 66 12.91 -8.70 -5.72
CA LYS A 66 13.84 -9.56 -6.44
C LYS A 66 13.12 -10.59 -7.33
N PRO A 67 13.66 -10.95 -8.51
CA PRO A 67 13.08 -11.96 -9.38
C PRO A 67 13.29 -13.37 -8.80
N ILE A 68 12.34 -14.28 -9.05
CA ILE A 68 12.41 -15.67 -8.55
C ILE A 68 13.54 -16.46 -9.23
N SER A 69 13.99 -16.00 -10.39
CA SER A 69 15.20 -16.47 -11.10
C SER A 69 16.51 -16.20 -10.33
N GLN A 70 16.46 -15.41 -9.24
CA GLN A 70 17.57 -15.07 -8.35
C GLN A 70 17.15 -15.23 -6.87
N LYS A 71 16.24 -16.17 -6.58
CA LYS A 71 15.79 -16.50 -5.21
C LYS A 71 16.93 -16.89 -4.27
N GLY A 1 -10.66 18.19 -7.24
CA GLY A 1 -11.04 18.40 -5.83
C GLY A 1 -9.88 18.15 -4.88
N SER A 2 -9.98 18.63 -3.65
CA SER A 2 -8.95 18.52 -2.60
C SER A 2 -9.53 18.82 -1.18
N VAL A 3 -8.84 18.40 -0.12
CA VAL A 3 -9.33 18.53 1.28
C VAL A 3 -8.20 18.79 2.31
N GLN A 4 -7.03 19.25 1.85
CA GLN A 4 -5.91 19.75 2.68
C GLN A 4 -5.29 18.70 3.63
N THR A 5 -5.47 17.41 3.34
CA THR A 5 -4.99 16.28 4.15
C THR A 5 -3.67 15.72 3.61
N GLY A 6 -2.83 15.18 4.50
CA GLY A 6 -1.52 14.60 4.20
C GLY A 6 -1.60 13.16 3.69
N ILE A 7 -2.48 12.91 2.72
CA ILE A 7 -2.82 11.57 2.20
C ILE A 7 -3.09 11.65 0.69
N VAL A 8 -2.41 10.81 -0.08
CA VAL A 8 -2.67 10.54 -1.50
C VAL A 8 -2.61 9.03 -1.74
N LEU A 9 -3.43 8.51 -2.65
CA LEU A 9 -3.58 7.10 -2.98
C LEU A 9 -3.06 6.88 -4.41
N CYS A 10 -2.29 5.81 -4.59
CA CYS A 10 -1.49 5.61 -5.80
C CYS A 10 -2.30 5.06 -7.00
N LYS A 11 -1.91 5.41 -8.22
CA LYS A 11 -2.64 5.02 -9.45
C LYS A 11 -2.62 3.51 -9.78
N PHE A 12 -1.61 2.76 -9.29
CA PHE A 12 -1.45 1.32 -9.50
C PHE A 12 -1.80 0.49 -8.25
N GLY A 13 -1.56 1.03 -7.05
CA GLY A 13 -1.96 0.41 -5.78
C GLY A 13 -1.16 -0.87 -5.53
N ALA A 14 -1.83 -2.02 -5.47
CA ALA A 14 -1.20 -3.33 -5.31
C ALA A 14 -0.32 -3.75 -6.50
N LEU A 15 -0.41 -3.05 -7.64
CA LEU A 15 0.35 -3.30 -8.88
C LEU A 15 1.53 -2.32 -9.07
N CYS A 16 1.80 -1.45 -8.07
CA CYS A 16 2.86 -0.44 -8.11
C CYS A 16 4.27 -1.04 -8.32
N SER A 17 5.16 -0.32 -9.00
CA SER A 17 6.48 -0.82 -9.43
C SER A 17 7.64 -0.50 -8.45
N ASN A 18 7.42 0.32 -7.42
CA ASN A 18 8.41 0.74 -6.42
C ASN A 18 8.05 0.20 -5.02
N PRO A 19 8.96 -0.45 -4.27
CA PRO A 19 8.70 -0.98 -2.93
C PRO A 19 8.76 0.09 -1.81
N SER A 20 9.43 1.22 -2.04
CA SER A 20 9.70 2.25 -1.01
C SER A 20 8.80 3.50 -1.13
N CYS A 21 7.99 3.53 -2.18
CA CYS A 21 7.02 4.56 -2.55
C CYS A 21 6.24 5.14 -1.33
N PRO A 22 6.20 6.48 -1.14
CA PRO A 22 5.59 7.12 0.03
C PRO A 22 4.05 7.25 -0.02
N PHE A 23 3.40 6.88 -1.14
CA PHE A 23 1.95 7.06 -1.32
C PHE A 23 1.12 5.89 -0.77
N GLY A 24 -0.21 5.97 -0.97
CA GLY A 24 -1.22 5.12 -0.35
C GLY A 24 -1.58 3.86 -1.16
N HIS A 25 -1.44 2.69 -0.55
CA HIS A 25 -1.75 1.37 -1.12
C HIS A 25 -2.59 0.53 -0.12
N PRO A 26 -3.30 -0.55 -0.56
CA PRO A 26 -4.16 -1.37 0.30
C PRO A 26 -3.37 -2.28 1.26
N THR A 27 -4.08 -3.00 2.14
CA THR A 27 -3.50 -3.96 3.10
C THR A 27 -2.64 -5.00 2.36
N PRO A 28 -1.41 -5.30 2.82
CA PRO A 28 -0.55 -6.30 2.19
C PRO A 28 -1.02 -7.74 2.41
N ALA A 29 -1.91 -7.98 3.37
CA ALA A 29 -2.56 -9.28 3.57
C ALA A 29 -3.64 -9.58 2.50
N ASN A 30 -3.91 -8.65 1.58
CA ASN A 30 -4.91 -8.82 0.51
C ASN A 30 -4.80 -7.75 -0.60
N GLU A 31 -4.26 -8.15 -1.76
CA GLU A 31 -4.11 -7.31 -2.95
C GLU A 31 -5.42 -7.08 -3.75
N ASP A 32 -6.54 -7.69 -3.36
CA ASP A 32 -7.86 -7.55 -4.03
C ASP A 32 -8.81 -6.54 -3.35
N ALA A 33 -8.50 -6.06 -2.14
CA ALA A 33 -9.20 -4.94 -1.53
C ALA A 33 -8.72 -3.62 -2.15
N LYS A 34 -9.65 -2.78 -2.58
CA LYS A 34 -9.38 -1.37 -2.90
C LYS A 34 -9.03 -0.58 -1.62
N VAL A 35 -8.46 0.62 -1.74
CA VAL A 35 -8.41 1.58 -0.63
C VAL A 35 -9.71 2.39 -0.65
N ILE A 36 -10.39 2.45 0.49
CA ILE A 36 -11.74 3.04 0.63
C ILE A 36 -11.78 4.00 1.85
N ASP A 37 -10.87 3.82 2.81
CA ASP A 37 -10.64 4.72 3.93
C ASP A 37 -9.34 5.50 3.74
N LEU A 38 -9.42 6.83 3.98
CA LEU A 38 -8.37 7.80 3.73
C LEU A 38 -7.73 8.06 5.09
N MET A 39 -6.99 7.04 5.55
CA MET A 39 -6.25 7.10 6.80
C MET A 39 -5.03 6.20 6.78
N TRP A 40 -3.95 6.68 7.40
CA TRP A 40 -2.71 5.91 7.55
C TRP A 40 -2.86 4.89 8.68
N CYS A 41 -2.90 3.62 8.30
CA CYS A 41 -3.10 2.50 9.22
C CYS A 41 -1.91 2.21 10.16
N ASP A 42 -2.16 1.51 11.28
CA ASP A 42 -1.22 1.30 12.38
C ASP A 42 -0.02 0.39 12.06
N LYS A 43 -0.21 -0.71 11.31
CA LYS A 43 0.87 -1.68 11.05
C LYS A 43 1.54 -1.46 9.69
N ASN A 44 1.04 -0.53 8.87
CA ASN A 44 1.59 -0.13 7.57
C ASN A 44 1.84 -1.38 6.69
N LEU A 45 3.08 -1.64 6.29
CA LEU A 45 3.50 -2.76 5.44
C LEU A 45 3.47 -4.15 6.12
N THR A 46 3.01 -4.21 7.38
CA THR A 46 2.90 -5.41 8.23
C THR A 46 1.46 -5.66 8.66
N CYS A 47 0.45 -4.92 8.17
CA CYS A 47 -0.96 -5.16 8.46
C CYS A 47 -1.43 -6.53 7.95
N ASP A 48 -1.76 -7.38 8.91
CA ASP A 48 -2.11 -8.81 8.74
C ASP A 48 -3.60 -9.05 8.43
N ASN A 49 -4.46 -8.04 8.57
CA ASN A 49 -5.90 -8.11 8.35
C ASN A 49 -6.24 -8.13 6.84
N PRO A 50 -6.90 -9.18 6.30
CA PRO A 50 -7.20 -9.31 4.87
C PRO A 50 -8.43 -8.51 4.40
N GLU A 51 -9.21 -7.93 5.32
CA GLU A 51 -10.41 -7.15 4.99
C GLU A 51 -10.24 -5.66 5.38
N CYS A 52 -9.02 -5.24 5.73
CA CYS A 52 -8.66 -3.84 5.84
C CYS A 52 -8.57 -3.15 4.46
N ARG A 53 -8.82 -1.84 4.44
CA ARG A 53 -8.93 -1.02 3.22
C ARG A 53 -8.50 0.44 3.44
N LYS A 54 -7.44 0.62 4.23
CA LYS A 54 -6.84 1.90 4.60
C LYS A 54 -5.56 2.16 3.78
N ALA A 55 -4.83 3.23 4.09
CA ALA A 55 -3.61 3.64 3.39
C ALA A 55 -2.36 3.02 4.03
N HIS A 56 -1.55 2.33 3.23
CA HIS A 56 -0.28 1.67 3.62
C HIS A 56 0.83 1.96 2.58
N SER A 57 2.10 1.71 2.93
CA SER A 57 3.24 1.72 1.99
C SER A 57 3.19 0.53 0.99
N SER A 58 4.04 0.53 -0.04
CA SER A 58 3.86 -0.37 -1.21
C SER A 58 3.99 -1.88 -0.91
N LEU A 59 2.98 -2.66 -1.33
CA LEU A 59 2.97 -4.12 -1.23
C LEU A 59 4.12 -4.77 -1.97
N SER A 60 4.69 -4.12 -2.98
CA SER A 60 5.81 -4.67 -3.74
C SER A 60 7.07 -4.90 -2.88
N LYS A 61 7.11 -4.34 -1.66
CA LYS A 61 8.15 -4.60 -0.66
C LYS A 61 8.07 -6.01 -0.06
N ILE A 62 6.88 -6.55 0.22
CA ILE A 62 6.67 -7.89 0.77
C ILE A 62 6.36 -8.92 -0.32
N LYS A 63 6.24 -8.40 -1.54
CA LYS A 63 6.03 -9.19 -2.76
C LYS A 63 7.36 -9.73 -3.31
N GLU A 64 8.43 -8.94 -3.18
CA GLU A 64 9.81 -9.27 -3.55
C GLU A 64 10.76 -8.41 -2.71
N VAL A 65 11.17 -8.95 -1.56
CA VAL A 65 12.09 -8.32 -0.58
C VAL A 65 13.57 -8.37 -1.00
N LYS A 66 13.82 -8.80 -2.24
CA LYS A 66 15.12 -8.93 -2.93
C LYS A 66 16.28 -9.46 -2.03
N PRO A 67 16.19 -10.72 -1.54
CA PRO A 67 17.19 -11.32 -0.66
C PRO A 67 18.49 -11.61 -1.44
N ILE A 68 19.63 -11.34 -0.80
CA ILE A 68 20.99 -11.55 -1.34
C ILE A 68 21.87 -12.09 -0.20
N SER A 69 22.58 -13.19 -0.44
CA SER A 69 23.47 -13.86 0.53
C SER A 69 22.71 -14.53 1.72
N GLN A 70 21.40 -14.71 1.60
CA GLN A 70 20.51 -15.26 2.63
C GLN A 70 20.67 -16.79 2.82
N LYS A 71 21.22 -17.49 1.82
CA LYS A 71 21.44 -18.94 1.79
C LYS A 71 22.56 -19.33 0.81
N GLY A 1 -7.32 18.94 0.00
CA GLY A 1 -8.33 18.55 1.01
C GLY A 1 -7.67 18.07 2.29
N SER A 2 -8.21 18.46 3.45
CA SER A 2 -7.59 18.26 4.78
C SER A 2 -8.19 17.12 5.62
N VAL A 3 -9.26 16.46 5.14
CA VAL A 3 -10.01 15.41 5.85
C VAL A 3 -10.39 14.28 4.88
N GLN A 4 -10.10 13.03 5.26
CA GLN A 4 -10.44 11.79 4.54
C GLN A 4 -9.72 11.65 3.18
N THR A 5 -8.65 12.43 2.95
CA THR A 5 -7.89 12.51 1.69
C THR A 5 -6.47 13.08 1.89
N GLY A 6 -5.93 12.97 3.11
CA GLY A 6 -4.57 13.42 3.48
C GLY A 6 -3.44 12.57 2.86
N ILE A 7 -3.80 11.53 2.12
CA ILE A 7 -2.97 10.62 1.31
C ILE A 7 -3.76 10.36 0.01
N VAL A 8 -3.07 10.10 -1.10
CA VAL A 8 -3.66 9.76 -2.41
C VAL A 8 -3.28 8.32 -2.74
N LEU A 9 -4.19 7.56 -3.38
CA LEU A 9 -4.07 6.15 -3.72
C LEU A 9 -3.26 6.07 -5.00
N CYS A 10 -2.30 5.16 -5.05
CA CYS A 10 -1.31 5.19 -6.12
C CYS A 10 -1.86 4.65 -7.46
N LYS A 11 -1.40 5.21 -8.58
CA LYS A 11 -1.88 4.86 -9.94
C LYS A 11 -1.39 3.50 -10.49
N PHE A 12 -0.59 2.76 -9.70
CA PHE A 12 -0.23 1.36 -9.95
C PHE A 12 -0.82 0.42 -8.87
N GLY A 13 -0.69 0.78 -7.59
CA GLY A 13 -1.25 0.01 -6.47
C GLY A 13 -0.35 -1.15 -6.06
N ALA A 14 -0.88 -2.36 -6.01
CA ALA A 14 -0.17 -3.56 -5.54
C ALA A 14 1.02 -3.99 -6.43
N LEU A 15 1.09 -3.46 -7.66
CA LEU A 15 2.11 -3.80 -8.67
C LEU A 15 3.19 -2.72 -8.85
N CYS A 16 3.08 -1.61 -8.10
CA CYS A 16 3.98 -0.46 -8.08
C CYS A 16 5.49 -0.84 -8.08
N SER A 17 6.31 -0.14 -8.87
CA SER A 17 7.71 -0.53 -9.15
C SER A 17 8.75 0.12 -8.20
N ASN A 18 8.30 0.96 -7.25
CA ASN A 18 9.13 1.63 -6.25
C ASN A 18 8.77 1.10 -4.84
N PRO A 19 9.74 0.62 -4.04
CA PRO A 19 9.47 0.07 -2.70
C PRO A 19 9.31 1.13 -1.61
N SER A 20 9.80 2.36 -1.80
CA SER A 20 9.85 3.44 -0.78
C SER A 20 8.79 4.56 -0.97
N CYS A 21 8.00 4.41 -2.02
CA CYS A 21 6.97 5.32 -2.54
C CYS A 21 6.10 6.01 -1.45
N PRO A 22 5.86 7.34 -1.52
CA PRO A 22 5.14 8.10 -0.50
C PRO A 22 3.60 8.10 -0.66
N PHE A 23 3.01 7.24 -1.49
CA PHE A 23 1.56 7.19 -1.75
C PHE A 23 0.86 5.96 -1.12
N GLY A 24 -0.46 5.92 -1.25
CA GLY A 24 -1.37 4.97 -0.62
C GLY A 24 -1.49 3.64 -1.37
N HIS A 25 -1.11 2.54 -0.74
CA HIS A 25 -1.35 1.16 -1.21
C HIS A 25 -2.27 0.39 -0.23
N PRO A 26 -2.97 -0.67 -0.68
CA PRO A 26 -3.95 -1.40 0.13
C PRO A 26 -3.28 -2.37 1.14
N THR A 27 -4.10 -2.90 2.07
CA THR A 27 -3.67 -3.85 3.13
C THR A 27 -2.96 -5.05 2.46
N PRO A 28 -1.74 -5.43 2.88
CA PRO A 28 -0.95 -6.47 2.22
C PRO A 28 -1.65 -7.82 2.06
N ALA A 29 -2.47 -8.20 3.04
CA ALA A 29 -3.22 -9.46 3.05
C ALA A 29 -4.43 -9.49 2.09
N ASN A 30 -4.77 -8.36 1.46
CA ASN A 30 -5.85 -8.25 0.47
C ASN A 30 -5.78 -6.94 -0.35
N GLU A 31 -5.23 -7.02 -1.57
CA GLU A 31 -5.14 -5.90 -2.50
C GLU A 31 -6.48 -5.53 -3.19
N ASP A 32 -7.55 -6.28 -2.96
CA ASP A 32 -8.90 -6.03 -3.49
C ASP A 32 -9.85 -5.33 -2.48
N ALA A 33 -9.38 -5.01 -1.27
CA ALA A 33 -10.11 -4.17 -0.32
C ALA A 33 -9.92 -2.70 -0.71
N LYS A 34 -10.96 -2.10 -1.30
CA LYS A 34 -10.94 -0.72 -1.77
C LYS A 34 -10.61 0.26 -0.62
N VAL A 35 -9.58 1.09 -0.80
CA VAL A 35 -9.09 2.01 0.25
C VAL A 35 -10.01 3.24 0.28
N ILE A 36 -10.55 3.53 1.47
CA ILE A 36 -11.53 4.59 1.73
C ILE A 36 -11.12 5.41 2.97
N ASP A 37 -10.16 4.91 3.75
CA ASP A 37 -9.50 5.66 4.83
C ASP A 37 -8.08 6.01 4.38
N LEU A 38 -7.76 7.31 4.34
CA LEU A 38 -6.55 7.86 3.74
C LEU A 38 -5.68 8.39 4.88
N MET A 39 -5.33 7.46 5.75
CA MET A 39 -4.45 7.61 6.91
C MET A 39 -3.55 6.38 7.04
N TRP A 40 -2.32 6.60 7.52
CA TRP A 40 -1.30 5.55 7.61
C TRP A 40 -1.65 4.54 8.71
N CYS A 41 -1.88 3.29 8.31
CA CYS A 41 -2.37 2.22 9.19
C CYS A 41 -1.41 1.76 10.32
N ASP A 42 -2.00 1.08 11.31
CA ASP A 42 -1.43 0.50 12.51
C ASP A 42 -0.25 -0.48 12.25
N LYS A 43 -0.45 -1.51 11.41
CA LYS A 43 0.60 -2.50 11.07
C LYS A 43 1.39 -2.13 9.81
N ASN A 44 0.84 -1.21 9.01
CA ASN A 44 1.37 -0.80 7.70
C ASN A 44 1.65 -2.02 6.78
N LEU A 45 2.91 -2.25 6.40
CA LEU A 45 3.34 -3.30 5.48
C LEU A 45 3.30 -4.71 6.10
N THR A 46 2.86 -4.84 7.36
CA THR A 46 2.64 -6.12 8.06
C THR A 46 1.17 -6.40 8.41
N CYS A 47 0.21 -5.57 7.97
CA CYS A 47 -1.22 -5.76 8.18
C CYS A 47 -1.74 -7.07 7.56
N ASP A 48 -1.92 -8.06 8.42
CA ASP A 48 -2.39 -9.42 8.10
C ASP A 48 -3.93 -9.54 8.01
N ASN A 49 -4.65 -8.47 8.35
CA ASN A 49 -6.09 -8.34 8.23
C ASN A 49 -6.51 -8.25 6.74
N PRO A 50 -7.31 -9.18 6.20
CA PRO A 50 -7.78 -9.16 4.80
C PRO A 50 -8.98 -8.22 4.56
N GLU A 51 -9.49 -7.55 5.61
CA GLU A 51 -10.71 -6.74 5.58
C GLU A 51 -10.44 -5.23 5.82
N CYS A 52 -9.17 -4.85 6.03
CA CYS A 52 -8.73 -3.48 6.22
C CYS A 52 -8.75 -2.64 4.93
N ARG A 53 -8.82 -1.30 5.08
CA ARG A 53 -8.97 -0.33 3.98
C ARG A 53 -8.32 1.04 4.24
N LYS A 54 -7.18 1.04 4.95
CA LYS A 54 -6.37 2.23 5.24
C LYS A 54 -5.24 2.36 4.21
N ALA A 55 -4.37 3.36 4.37
CA ALA A 55 -3.21 3.58 3.52
C ALA A 55 -1.97 2.85 4.08
N HIS A 56 -1.23 2.20 3.20
CA HIS A 56 -0.01 1.45 3.52
C HIS A 56 1.11 1.80 2.52
N SER A 57 2.37 1.58 2.92
CA SER A 57 3.55 1.68 2.07
C SER A 57 3.60 0.55 1.03
N SER A 58 4.56 0.62 0.10
CA SER A 58 4.52 -0.12 -1.16
C SER A 58 4.50 -1.64 -1.00
N LEU A 59 3.45 -2.29 -1.53
CA LEU A 59 3.19 -3.73 -1.41
C LEU A 59 4.31 -4.62 -2.00
N SER A 60 5.14 -4.09 -2.89
CA SER A 60 6.29 -4.80 -3.48
C SER A 60 7.34 -5.20 -2.43
N LYS A 61 7.37 -4.58 -1.24
CA LYS A 61 8.32 -4.89 -0.17
C LYS A 61 8.11 -6.24 0.52
N ILE A 62 6.88 -6.73 0.69
CA ILE A 62 6.64 -8.10 1.14
C ILE A 62 6.37 -9.05 -0.03
N LYS A 63 6.09 -8.46 -1.19
CA LYS A 63 5.61 -9.22 -2.36
C LYS A 63 6.73 -9.67 -3.32
N GLU A 64 7.63 -8.77 -3.74
CA GLU A 64 8.59 -8.97 -4.84
C GLU A 64 9.58 -7.78 -4.91
N VAL A 65 10.57 -7.75 -4.01
CA VAL A 65 11.60 -6.66 -3.94
C VAL A 65 12.78 -6.85 -4.93
N LYS A 66 12.64 -7.86 -5.77
CA LYS A 66 13.56 -8.42 -6.74
C LYS A 66 12.78 -9.30 -7.75
N PRO A 67 13.09 -9.24 -9.06
CA PRO A 67 12.24 -9.78 -10.12
C PRO A 67 12.01 -11.28 -9.95
N ILE A 68 10.74 -11.70 -9.96
CA ILE A 68 10.22 -13.07 -9.76
C ILE A 68 10.74 -13.76 -8.47
N SER A 69 11.22 -12.98 -7.50
CA SER A 69 11.88 -13.45 -6.27
C SER A 69 13.30 -14.03 -6.51
N GLN A 70 13.83 -13.87 -7.73
CA GLN A 70 15.17 -14.23 -8.22
C GLN A 70 15.44 -15.74 -8.38
N LYS A 71 14.78 -16.58 -7.56
CA LYS A 71 14.83 -18.06 -7.58
C LYS A 71 16.25 -18.61 -7.34
N GLY A 1 -10.21 19.70 2.78
CA GLY A 1 -9.82 18.27 2.92
C GLY A 1 -10.67 17.39 2.03
N SER A 2 -10.25 17.18 0.79
CA SER A 2 -11.02 16.49 -0.27
C SER A 2 -10.14 16.20 -1.51
N VAL A 3 -10.05 17.16 -2.44
CA VAL A 3 -9.12 17.12 -3.61
C VAL A 3 -7.65 17.15 -3.13
N GLN A 4 -7.41 17.81 -2.00
CA GLN A 4 -6.15 17.84 -1.24
C GLN A 4 -6.51 17.65 0.25
N THR A 5 -5.68 16.91 1.00
CA THR A 5 -5.97 16.51 2.40
C THR A 5 -4.72 16.06 3.20
N GLY A 6 -3.52 16.17 2.62
CA GLY A 6 -2.26 15.74 3.25
C GLY A 6 -1.97 14.23 3.14
N ILE A 7 -2.79 13.51 2.37
CA ILE A 7 -2.72 12.06 2.10
C ILE A 7 -3.09 11.85 0.63
N VAL A 8 -2.37 10.96 -0.07
CA VAL A 8 -2.55 10.63 -1.50
C VAL A 8 -2.50 9.10 -1.64
N LEU A 9 -3.42 8.55 -2.41
CA LEU A 9 -3.59 7.12 -2.68
C LEU A 9 -3.21 6.87 -4.15
N CYS A 10 -2.39 5.86 -4.37
CA CYS A 10 -1.64 5.66 -5.61
C CYS A 10 -2.47 5.04 -6.75
N LYS A 11 -2.13 5.33 -8.01
CA LYS A 11 -2.88 4.87 -9.19
C LYS A 11 -2.81 3.34 -9.44
N PHE A 12 -1.74 2.67 -8.97
CA PHE A 12 -1.53 1.22 -9.12
C PHE A 12 -1.90 0.43 -7.86
N GLY A 13 -1.65 0.99 -6.66
CA GLY A 13 -2.09 0.40 -5.39
C GLY A 13 -1.33 -0.88 -5.08
N ALA A 14 -2.03 -2.01 -5.03
CA ALA A 14 -1.45 -3.34 -4.85
C ALA A 14 -0.54 -3.80 -6.01
N LEU A 15 -0.58 -3.08 -7.14
CA LEU A 15 0.20 -3.36 -8.35
C LEU A 15 1.39 -2.40 -8.52
N CYS A 16 1.65 -1.51 -7.53
CA CYS A 16 2.74 -0.54 -7.59
C CYS A 16 4.13 -1.21 -7.68
N SER A 17 5.05 -0.65 -8.47
CA SER A 17 6.27 -1.32 -8.92
C SER A 17 7.55 -0.89 -8.15
N ASN A 18 7.42 -0.12 -7.05
CA ASN A 18 8.55 0.31 -6.20
C ASN A 18 8.26 0.15 -4.69
N PRO A 19 9.11 -0.59 -3.94
CA PRO A 19 9.00 -0.84 -2.49
C PRO A 19 9.08 0.41 -1.59
N SER A 20 9.62 1.53 -2.08
CA SER A 20 10.00 2.71 -1.27
C SER A 20 9.03 3.90 -1.41
N CYS A 21 8.11 3.84 -2.38
CA CYS A 21 7.08 4.84 -2.68
C CYS A 21 6.39 5.42 -1.42
N PRO A 22 6.25 6.76 -1.28
CA PRO A 22 5.72 7.40 -0.08
C PRO A 22 4.18 7.41 0.01
N PHE A 23 3.45 7.10 -1.06
CA PHE A 23 1.99 7.28 -1.11
C PHE A 23 1.19 6.07 -0.57
N GLY A 24 -0.12 6.07 -0.79
CA GLY A 24 -1.12 5.22 -0.14
C GLY A 24 -1.54 3.99 -0.97
N HIS A 25 -1.43 2.80 -0.39
CA HIS A 25 -1.75 1.50 -0.99
C HIS A 25 -2.58 0.63 -0.01
N PRO A 26 -3.28 -0.43 -0.45
CA PRO A 26 -4.15 -1.25 0.41
C PRO A 26 -3.35 -2.22 1.31
N THR A 27 -4.07 -2.97 2.16
CA THR A 27 -3.49 -3.99 3.06
C THR A 27 -2.63 -4.99 2.27
N PRO A 28 -1.43 -5.36 2.75
CA PRO A 28 -0.59 -6.36 2.09
C PRO A 28 -1.09 -7.79 2.22
N ALA A 29 -1.99 -8.07 3.18
CA ALA A 29 -2.61 -9.38 3.34
C ALA A 29 -3.70 -9.67 2.28
N ASN A 30 -3.96 -8.73 1.36
CA ASN A 30 -4.96 -8.88 0.29
C ASN A 30 -4.85 -7.82 -0.82
N GLU A 31 -4.43 -8.24 -2.01
CA GLU A 31 -4.32 -7.40 -3.21
C GLU A 31 -5.66 -7.05 -3.90
N ASP A 32 -6.80 -7.61 -3.46
CA ASP A 32 -8.12 -7.40 -4.07
C ASP A 32 -8.99 -6.35 -3.34
N ALA A 33 -8.58 -5.85 -2.17
CA ALA A 33 -9.17 -4.67 -1.56
C ALA A 33 -8.53 -3.41 -2.19
N LYS A 34 -9.36 -2.45 -2.61
CA LYS A 34 -8.90 -1.08 -2.92
C LYS A 34 -8.72 -0.27 -1.62
N VAL A 35 -8.21 0.97 -1.69
CA VAL A 35 -8.23 1.90 -0.55
C VAL A 35 -9.57 2.66 -0.56
N ILE A 36 -10.34 2.55 0.53
CA ILE A 36 -11.65 3.19 0.71
C ILE A 36 -11.58 4.17 1.88
N ASP A 37 -10.72 3.90 2.87
CA ASP A 37 -10.55 4.70 4.07
C ASP A 37 -9.24 5.49 4.00
N LEU A 38 -9.33 6.80 4.26
CA LEU A 38 -8.41 7.82 3.77
C LEU A 38 -7.45 8.16 4.92
N MET A 39 -6.80 7.12 5.44
CA MET A 39 -6.09 7.17 6.72
C MET A 39 -4.99 6.14 6.80
N TRP A 40 -3.96 6.50 7.56
CA TRP A 40 -2.75 5.71 7.77
C TRP A 40 -2.95 4.67 8.88
N CYS A 41 -2.86 3.40 8.52
CA CYS A 41 -3.02 2.25 9.43
C CYS A 41 -1.84 2.01 10.40
N ASP A 42 -2.04 1.11 11.38
CA ASP A 42 -1.12 0.87 12.51
C ASP A 42 0.02 -0.14 12.25
N LYS A 43 -0.20 -1.21 11.47
CA LYS A 43 0.87 -2.18 11.13
C LYS A 43 1.55 -1.85 9.80
N ASN A 44 0.97 -0.93 9.02
CA ASN A 44 1.43 -0.55 7.69
C ASN A 44 1.73 -1.79 6.80
N LEU A 45 2.99 -1.97 6.40
CA LEU A 45 3.46 -2.98 5.44
C LEU A 45 3.47 -4.42 6.01
N THR A 46 3.05 -4.60 7.27
CA THR A 46 2.86 -5.92 7.91
C THR A 46 1.45 -6.15 8.49
N CYS A 47 0.45 -5.33 8.14
CA CYS A 47 -0.96 -5.56 8.48
C CYS A 47 -1.47 -6.90 7.94
N ASP A 48 -1.78 -7.77 8.88
CA ASP A 48 -2.20 -9.18 8.64
C ASP A 48 -3.68 -9.33 8.25
N ASN A 49 -4.49 -8.28 8.40
CA ASN A 49 -5.94 -8.32 8.15
C ASN A 49 -6.26 -8.26 6.63
N PRO A 50 -6.90 -9.29 6.04
CA PRO A 50 -7.20 -9.36 4.61
C PRO A 50 -8.43 -8.53 4.18
N GLU A 51 -9.17 -7.94 5.12
CA GLU A 51 -10.38 -7.13 4.85
C GLU A 51 -10.17 -5.65 5.22
N CYS A 52 -8.94 -5.26 5.59
CA CYS A 52 -8.56 -3.86 5.75
C CYS A 52 -8.42 -3.14 4.39
N ARG A 53 -8.64 -1.82 4.40
CA ARG A 53 -8.78 -0.96 3.21
C ARG A 53 -8.33 0.49 3.48
N LYS A 54 -7.32 0.64 4.36
CA LYS A 54 -6.68 1.91 4.72
C LYS A 54 -5.43 2.16 3.85
N ALA A 55 -4.72 3.24 4.13
CA ALA A 55 -3.49 3.64 3.46
C ALA A 55 -2.25 3.00 4.12
N HIS A 56 -1.43 2.35 3.30
CA HIS A 56 -0.16 1.70 3.64
C HIS A 56 0.92 2.07 2.60
N SER A 57 2.21 1.81 2.88
CA SER A 57 3.32 1.89 1.93
C SER A 57 3.24 0.78 0.84
N SER A 58 4.02 0.87 -0.25
CA SER A 58 3.86 -0.08 -1.37
C SER A 58 4.17 -1.53 -1.01
N LEU A 59 3.28 -2.44 -1.43
CA LEU A 59 3.33 -3.87 -1.20
C LEU A 59 4.58 -4.55 -1.74
N SER A 60 5.29 -3.96 -2.70
CA SER A 60 6.37 -4.58 -3.49
C SER A 60 7.51 -5.13 -2.61
N LYS A 61 7.62 -4.61 -1.39
CA LYS A 61 8.63 -4.95 -0.38
C LYS A 61 8.33 -6.25 0.40
N ILE A 62 7.06 -6.65 0.52
CA ILE A 62 6.65 -7.99 0.91
C ILE A 62 6.32 -8.88 -0.29
N LYS A 63 6.23 -8.26 -1.46
CA LYS A 63 5.80 -8.94 -2.71
C LYS A 63 6.96 -9.67 -3.39
N GLU A 64 7.90 -8.98 -4.05
CA GLU A 64 9.00 -9.60 -4.79
C GLU A 64 10.14 -8.63 -5.16
N VAL A 65 10.26 -7.52 -4.43
CA VAL A 65 11.20 -6.41 -4.73
C VAL A 65 12.11 -6.08 -3.53
N LYS A 66 12.27 -7.07 -2.64
CA LYS A 66 13.20 -7.09 -1.51
C LYS A 66 13.63 -8.56 -1.21
N PRO A 67 14.79 -9.03 -1.73
CA PRO A 67 15.32 -10.36 -1.43
C PRO A 67 15.88 -10.40 0.01
N ILE A 68 15.77 -11.56 0.65
CA ILE A 68 16.18 -11.82 2.03
C ILE A 68 16.37 -13.33 2.24
N SER A 69 17.39 -13.74 3.01
CA SER A 69 17.81 -15.12 3.28
C SER A 69 18.44 -15.82 2.05
N GLN A 70 17.77 -15.78 0.89
CA GLN A 70 18.27 -16.08 -0.47
C GLN A 70 18.62 -17.57 -0.73
N LYS A 71 18.40 -18.47 0.24
CA LYS A 71 18.71 -19.92 0.15
C LYS A 71 17.84 -20.75 1.09
N GLY A 1 -3.26 21.43 -8.72
CA GLY A 1 -2.90 21.38 -7.29
C GLY A 1 -2.38 19.99 -6.89
N SER A 2 -2.11 19.80 -5.60
CA SER A 2 -1.44 18.57 -5.07
C SER A 2 -1.88 18.21 -3.63
N VAL A 3 -3.07 18.66 -3.21
CA VAL A 3 -3.72 18.47 -1.89
C VAL A 3 -2.94 19.03 -0.69
N GLN A 4 -3.58 19.06 0.49
CA GLN A 4 -3.05 19.61 1.75
C GLN A 4 -3.48 18.82 3.00
N THR A 5 -3.97 17.58 2.80
CA THR A 5 -4.56 16.72 3.85
C THR A 5 -3.59 15.68 4.43
N GLY A 6 -2.39 15.53 3.83
CA GLY A 6 -1.36 14.58 4.27
C GLY A 6 -1.55 13.14 3.79
N ILE A 7 -2.43 12.93 2.81
CA ILE A 7 -2.78 11.61 2.25
C ILE A 7 -2.99 11.74 0.72
N VAL A 8 -2.28 10.92 -0.06
CA VAL A 8 -2.53 10.68 -1.49
C VAL A 8 -2.47 9.17 -1.77
N LEU A 9 -3.31 8.68 -2.69
CA LEU A 9 -3.49 7.26 -3.00
C LEU A 9 -3.03 7.01 -4.44
N CYS A 10 -2.26 5.95 -4.61
CA CYS A 10 -1.50 5.69 -5.83
C CYS A 10 -2.36 5.07 -6.95
N LYS A 11 -2.11 5.41 -8.22
CA LYS A 11 -2.93 4.95 -9.36
C LYS A 11 -2.70 3.48 -9.78
N PHE A 12 -1.58 2.87 -9.35
CA PHE A 12 -1.29 1.43 -9.54
C PHE A 12 -1.73 0.57 -8.34
N GLY A 13 -1.61 1.11 -7.12
CA GLY A 13 -2.09 0.46 -5.89
C GLY A 13 -1.29 -0.79 -5.57
N ALA A 14 -1.97 -1.94 -5.54
CA ALA A 14 -1.36 -3.25 -5.24
C ALA A 14 -0.36 -3.75 -6.30
N LEU A 15 -0.30 -3.11 -7.47
CA LEU A 15 0.55 -3.44 -8.62
C LEU A 15 1.67 -2.41 -8.86
N CYS A 16 1.88 -1.46 -7.94
CA CYS A 16 2.88 -0.39 -8.03
C CYS A 16 4.31 -0.87 -8.31
N SER A 17 5.09 -0.09 -9.07
CA SER A 17 6.38 -0.51 -9.65
C SER A 17 7.62 -0.17 -8.79
N ASN A 18 7.45 0.32 -7.55
CA ASN A 18 8.52 0.53 -6.57
C ASN A 18 8.11 0.04 -5.16
N PRO A 19 8.94 -0.75 -4.45
CA PRO A 19 8.70 -1.19 -3.07
C PRO A 19 8.71 -0.08 -2.00
N SER A 20 9.37 1.05 -2.23
CA SER A 20 9.66 2.06 -1.18
C SER A 20 8.77 3.31 -1.25
N CYS A 21 7.95 3.40 -2.30
CA CYS A 21 7.00 4.48 -2.62
C CYS A 21 6.22 5.01 -1.38
N PRO A 22 6.24 6.32 -1.09
CA PRO A 22 5.65 6.89 0.12
C PRO A 22 4.12 7.12 0.05
N PHE A 23 3.46 6.85 -1.09
CA PHE A 23 2.02 7.11 -1.26
C PHE A 23 1.14 5.94 -0.78
N GLY A 24 -0.17 6.02 -1.02
CA GLY A 24 -1.20 5.20 -0.41
C GLY A 24 -1.59 3.96 -1.23
N HIS A 25 -1.48 2.77 -0.64
CA HIS A 25 -1.82 1.47 -1.21
C HIS A 25 -2.65 0.61 -0.21
N PRO A 26 -3.32 -0.49 -0.63
CA PRO A 26 -4.16 -1.33 0.24
C PRO A 26 -3.35 -2.23 1.20
N THR A 27 -4.05 -2.93 2.10
CA THR A 27 -3.47 -3.88 3.08
C THR A 27 -2.60 -4.93 2.37
N PRO A 28 -1.38 -5.20 2.83
CA PRO A 28 -0.48 -6.16 2.16
C PRO A 28 -0.84 -7.64 2.40
N ALA A 29 -1.71 -7.93 3.38
CA ALA A 29 -2.28 -9.26 3.56
C ALA A 29 -3.37 -9.60 2.52
N ASN A 30 -3.67 -8.68 1.58
CA ASN A 30 -4.64 -8.90 0.49
C ASN A 30 -4.51 -7.87 -0.65
N GLU A 31 -3.87 -8.28 -1.74
CA GLU A 31 -3.69 -7.47 -2.95
C GLU A 31 -4.97 -7.28 -3.81
N ASP A 32 -6.10 -7.88 -3.44
CA ASP A 32 -7.41 -7.67 -4.07
C ASP A 32 -8.34 -6.70 -3.30
N ALA A 33 -7.95 -6.24 -2.11
CA ALA A 33 -8.60 -5.15 -1.40
C ALA A 33 -8.29 -3.82 -2.10
N LYS A 34 -9.27 -2.92 -2.08
CA LYS A 34 -9.14 -1.54 -2.59
C LYS A 34 -8.67 -0.59 -1.46
N VAL A 35 -8.51 0.70 -1.73
CA VAL A 35 -8.45 1.73 -0.68
C VAL A 35 -9.77 2.49 -0.69
N ILE A 36 -10.45 2.46 0.45
CA ILE A 36 -11.81 2.99 0.67
C ILE A 36 -11.82 3.93 1.88
N ASP A 37 -10.87 3.76 2.79
CA ASP A 37 -10.67 4.56 3.99
C ASP A 37 -9.45 5.48 3.80
N LEU A 38 -9.60 6.73 4.21
CA LEU A 38 -8.68 7.82 3.91
C LEU A 38 -7.88 8.08 5.19
N MET A 39 -7.12 7.07 5.61
CA MET A 39 -6.33 7.12 6.83
C MET A 39 -5.11 6.20 6.80
N TRP A 40 -4.04 6.65 7.43
CA TRP A 40 -2.82 5.87 7.60
C TRP A 40 -2.98 4.87 8.77
N CYS A 41 -3.02 3.59 8.41
CA CYS A 41 -3.32 2.47 9.31
C CYS A 41 -2.29 2.18 10.43
N ASP A 42 -2.69 1.34 11.40
CA ASP A 42 -1.98 0.97 12.63
C ASP A 42 -0.58 0.33 12.42
N LYS A 43 -0.47 -0.73 11.60
CA LYS A 43 0.79 -1.47 11.40
C LYS A 43 1.47 -1.13 10.06
N ASN A 44 0.74 -0.40 9.20
CA ASN A 44 1.12 -0.06 7.83
C ASN A 44 1.57 -1.29 7.03
N LEU A 45 2.89 -1.44 6.85
CA LEU A 45 3.56 -2.40 5.97
C LEU A 45 3.47 -3.85 6.50
N THR A 46 3.03 -4.04 7.75
CA THR A 46 2.87 -5.34 8.41
C THR A 46 1.42 -5.61 8.85
N CYS A 47 0.42 -4.90 8.29
CA CYS A 47 -0.98 -5.17 8.54
C CYS A 47 -1.40 -6.54 7.99
N ASP A 48 -1.70 -7.43 8.92
CA ASP A 48 -1.99 -8.85 8.73
C ASP A 48 -3.48 -9.16 8.40
N ASN A 49 -4.37 -8.17 8.55
CA ASN A 49 -5.78 -8.28 8.26
C ASN A 49 -6.05 -8.28 6.73
N PRO A 50 -6.67 -9.34 6.15
CA PRO A 50 -6.97 -9.43 4.73
C PRO A 50 -8.22 -8.65 4.30
N GLU A 51 -8.96 -8.06 5.24
CA GLU A 51 -10.24 -7.36 4.99
C GLU A 51 -10.14 -5.84 5.24
N CYS A 52 -8.94 -5.35 5.58
CA CYS A 52 -8.63 -3.93 5.69
C CYS A 52 -8.54 -3.23 4.32
N ARG A 53 -8.84 -1.93 4.28
CA ARG A 53 -8.89 -1.09 3.07
C ARG A 53 -8.53 0.39 3.34
N LYS A 54 -7.50 0.58 4.16
CA LYS A 54 -6.91 1.88 4.57
C LYS A 54 -5.64 2.17 3.74
N ALA A 55 -4.93 3.24 4.07
CA ALA A 55 -3.72 3.70 3.36
C ALA A 55 -2.44 3.09 3.97
N HIS A 56 -1.63 2.46 3.12
CA HIS A 56 -0.36 1.81 3.47
C HIS A 56 0.76 2.12 2.45
N SER A 57 2.02 1.82 2.78
CA SER A 57 3.17 1.81 1.86
C SER A 57 3.05 0.67 0.81
N SER A 58 3.96 0.59 -0.16
CA SER A 58 3.81 -0.30 -1.32
C SER A 58 3.82 -1.80 -0.97
N LEU A 59 2.88 -2.56 -1.54
CA LEU A 59 2.78 -4.01 -1.38
C LEU A 59 3.96 -4.75 -2.00
N SER A 60 4.62 -4.17 -3.00
CA SER A 60 5.72 -4.81 -3.73
C SER A 60 6.93 -5.10 -2.83
N LYS A 61 7.01 -4.44 -1.67
CA LYS A 61 8.01 -4.65 -0.62
C LYS A 61 7.81 -6.00 0.11
N ILE A 62 6.56 -6.46 0.27
CA ILE A 62 6.25 -7.80 0.82
C ILE A 62 6.00 -8.80 -0.31
N LYS A 63 5.93 -8.30 -1.54
CA LYS A 63 5.64 -9.13 -2.70
C LYS A 63 6.90 -9.82 -3.23
N GLU A 64 7.95 -9.05 -3.58
CA GLU A 64 9.28 -9.58 -3.95
C GLU A 64 10.44 -8.56 -3.95
N VAL A 65 10.22 -7.37 -3.39
CA VAL A 65 11.10 -6.17 -3.41
C VAL A 65 11.46 -5.71 -4.85
N LYS A 66 10.74 -6.27 -5.83
CA LYS A 66 11.01 -6.24 -7.27
C LYS A 66 9.76 -6.77 -8.03
N PRO A 67 8.78 -5.90 -8.34
CA PRO A 67 7.56 -6.27 -9.06
C PRO A 67 7.86 -6.58 -10.55
N ILE A 68 6.81 -6.92 -11.32
CA ILE A 68 6.88 -7.33 -12.73
C ILE A 68 7.10 -6.12 -13.69
N SER A 69 7.86 -5.14 -13.21
CA SER A 69 8.28 -3.92 -13.91
C SER A 69 9.65 -3.41 -13.38
N GLN A 70 10.44 -4.28 -12.74
CA GLN A 70 11.71 -3.97 -12.10
C GLN A 70 12.79 -5.03 -12.38
N LYS A 71 14.00 -4.76 -11.86
CA LYS A 71 15.28 -5.40 -12.19
C LYS A 71 16.32 -5.16 -11.09
N GLY A 1 -8.31 25.82 6.13
CA GLY A 1 -8.51 24.71 5.17
C GLY A 1 -7.28 24.51 4.28
N SER A 2 -7.43 23.76 3.18
CA SER A 2 -6.38 23.46 2.21
C SER A 2 -6.97 22.96 0.86
N VAL A 3 -6.11 22.64 -0.10
CA VAL A 3 -6.43 22.19 -1.47
C VAL A 3 -5.93 20.77 -1.77
N GLN A 4 -5.49 20.03 -0.74
CA GLN A 4 -5.03 18.64 -0.80
C GLN A 4 -5.48 17.89 0.47
N THR A 5 -5.72 16.58 0.34
CA THR A 5 -6.21 15.69 1.42
C THR A 5 -5.19 15.51 2.55
N GLY A 6 -3.89 15.67 2.25
CA GLY A 6 -2.78 15.48 3.21
C GLY A 6 -2.29 14.03 3.31
N ILE A 7 -3.09 13.09 2.81
CA ILE A 7 -2.76 11.66 2.59
C ILE A 7 -3.26 11.31 1.19
N VAL A 8 -2.44 10.62 0.40
CA VAL A 8 -2.60 10.43 -1.06
C VAL A 8 -2.50 8.94 -1.39
N LEU A 9 -3.34 8.47 -2.31
CA LEU A 9 -3.49 7.08 -2.75
C LEU A 9 -2.91 6.99 -4.16
N CYS A 10 -2.22 5.88 -4.40
CA CYS A 10 -1.42 5.70 -5.61
C CYS A 10 -2.25 5.28 -6.84
N LYS A 11 -1.81 5.65 -8.05
CA LYS A 11 -2.51 5.32 -9.31
C LYS A 11 -2.49 3.82 -9.69
N PHE A 12 -1.61 3.03 -9.07
CA PHE A 12 -1.44 1.59 -9.33
C PHE A 12 -1.96 0.72 -8.18
N GLY A 13 -1.59 1.03 -6.93
CA GLY A 13 -2.07 0.29 -5.74
C GLY A 13 -1.28 -1.00 -5.54
N ALA A 14 -1.96 -2.15 -5.51
CA ALA A 14 -1.37 -3.46 -5.22
C ALA A 14 -0.38 -3.95 -6.30
N LEU A 15 -0.35 -3.31 -7.48
CA LEU A 15 0.49 -3.64 -8.63
C LEU A 15 1.65 -2.65 -8.86
N CYS A 16 1.76 -1.64 -7.99
CA CYS A 16 2.82 -0.62 -8.02
C CYS A 16 4.24 -1.21 -8.11
N SER A 17 5.15 -0.57 -8.87
CA SER A 17 6.46 -1.14 -9.23
C SER A 17 7.62 -0.75 -8.29
N ASN A 18 7.38 0.11 -7.29
CA ASN A 18 8.39 0.63 -6.37
C ASN A 18 8.12 0.15 -4.92
N PRO A 19 9.06 -0.53 -4.23
CA PRO A 19 8.88 -1.00 -2.85
C PRO A 19 9.02 0.09 -1.78
N SER A 20 9.62 1.25 -2.09
CA SER A 20 9.92 2.32 -1.13
C SER A 20 8.96 3.53 -1.25
N CYS A 21 8.08 3.49 -2.25
CA CYS A 21 7.07 4.51 -2.61
C CYS A 21 6.36 5.13 -1.38
N PRO A 22 6.27 6.49 -1.27
CA PRO A 22 5.72 7.16 -0.10
C PRO A 22 4.18 7.21 -0.06
N PHE A 23 3.47 6.88 -1.15
CA PHE A 23 2.01 7.05 -1.24
C PHE A 23 1.21 5.85 -0.71
N GLY A 24 -0.11 5.89 -0.88
CA GLY A 24 -1.10 5.03 -0.22
C GLY A 24 -1.52 3.82 -1.07
N HIS A 25 -1.39 2.63 -0.48
CA HIS A 25 -1.73 1.32 -1.08
C HIS A 25 -2.62 0.48 -0.10
N PRO A 26 -3.32 -0.57 -0.56
CA PRO A 26 -4.20 -1.39 0.28
C PRO A 26 -3.42 -2.31 1.25
N THR A 27 -4.13 -3.02 2.13
CA THR A 27 -3.55 -3.99 3.08
C THR A 27 -2.69 -5.02 2.32
N PRO A 28 -1.46 -5.33 2.78
CA PRO A 28 -0.60 -6.30 2.11
C PRO A 28 -1.05 -7.76 2.26
N ALA A 29 -1.95 -8.04 3.21
CA ALA A 29 -2.57 -9.36 3.35
C ALA A 29 -3.64 -9.65 2.29
N ASN A 30 -3.90 -8.71 1.37
CA ASN A 30 -4.90 -8.87 0.28
C ASN A 30 -4.76 -7.84 -0.85
N GLU A 31 -4.34 -8.30 -2.03
CA GLU A 31 -4.23 -7.50 -3.25
C GLU A 31 -5.58 -7.08 -3.88
N ASP A 32 -6.71 -7.67 -3.46
CA ASP A 32 -8.05 -7.38 -3.98
C ASP A 32 -8.86 -6.39 -3.11
N ALA A 33 -8.32 -5.93 -1.98
CA ALA A 33 -8.85 -4.80 -1.23
C ALA A 33 -8.49 -3.48 -1.94
N LYS A 34 -9.37 -2.50 -1.84
CA LYS A 34 -9.13 -1.12 -2.29
C LYS A 34 -8.54 -0.27 -1.14
N VAL A 35 -8.32 1.03 -1.36
CA VAL A 35 -8.19 2.01 -0.26
C VAL A 35 -9.47 2.85 -0.26
N ILE A 36 -10.20 2.81 0.85
CA ILE A 36 -11.52 3.44 1.05
C ILE A 36 -11.48 4.38 2.26
N ASP A 37 -10.52 4.16 3.16
CA ASP A 37 -10.18 5.09 4.24
C ASP A 37 -8.86 5.81 3.93
N LEU A 38 -8.85 7.14 4.04
CA LEU A 38 -7.78 8.02 3.56
C LEU A 38 -6.74 8.23 4.69
N MET A 39 -6.42 7.17 5.44
CA MET A 39 -5.77 7.25 6.75
C MET A 39 -4.65 6.22 6.87
N TRP A 40 -3.57 6.58 7.55
CA TRP A 40 -2.42 5.68 7.79
C TRP A 40 -2.75 4.66 8.89
N CYS A 41 -2.76 3.39 8.52
CA CYS A 41 -3.05 2.24 9.41
C CYS A 41 -1.97 1.94 10.48
N ASP A 42 -2.29 1.07 11.45
CA ASP A 42 -1.54 0.82 12.68
C ASP A 42 -0.32 -0.12 12.56
N LYS A 43 -0.34 -1.14 11.68
CA LYS A 43 0.82 -2.03 11.44
C LYS A 43 1.48 -1.74 10.08
N ASN A 44 0.83 -0.87 9.30
CA ASN A 44 1.19 -0.47 7.93
C ASN A 44 1.54 -1.68 7.05
N LEU A 45 2.84 -1.84 6.72
CA LEU A 45 3.38 -2.81 5.78
C LEU A 45 3.37 -4.26 6.33
N THR A 46 2.94 -4.44 7.59
CA THR A 46 2.75 -5.75 8.25
C THR A 46 1.30 -6.01 8.70
N CYS A 47 0.32 -5.23 8.22
CA CYS A 47 -1.10 -5.46 8.48
C CYS A 47 -1.57 -6.80 7.90
N ASP A 48 -1.90 -7.69 8.82
CA ASP A 48 -2.28 -9.09 8.58
C ASP A 48 -3.78 -9.28 8.25
N ASN A 49 -4.61 -8.26 8.48
CA ASN A 49 -6.06 -8.28 8.20
C ASN A 49 -6.32 -8.21 6.67
N PRO A 50 -6.98 -9.22 6.05
CA PRO A 50 -7.23 -9.27 4.62
C PRO A 50 -8.44 -8.44 4.15
N GLU A 51 -9.26 -7.91 5.05
CA GLU A 51 -10.45 -7.10 4.72
C GLU A 51 -10.32 -5.63 5.18
N CYS A 52 -9.11 -5.22 5.58
CA CYS A 52 -8.75 -3.83 5.78
C CYS A 52 -8.60 -3.06 4.45
N ARG A 53 -8.91 -1.76 4.47
CA ARG A 53 -8.91 -0.86 3.30
C ARG A 53 -8.49 0.58 3.66
N LYS A 54 -7.42 0.69 4.44
CA LYS A 54 -6.76 1.95 4.85
C LYS A 54 -5.50 2.16 4.00
N ALA A 55 -4.74 3.21 4.26
CA ALA A 55 -3.54 3.57 3.50
C ALA A 55 -2.29 2.91 4.09
N HIS A 56 -1.49 2.27 3.24
CA HIS A 56 -0.24 1.58 3.59
C HIS A 56 0.89 1.91 2.58
N SER A 57 2.13 1.63 2.94
CA SER A 57 3.30 1.60 2.05
C SER A 57 3.19 0.51 0.96
N SER A 58 4.06 0.52 -0.06
CA SER A 58 3.88 -0.37 -1.22
C SER A 58 3.98 -1.87 -0.89
N LEU A 59 3.02 -2.65 -1.37
CA LEU A 59 3.02 -4.11 -1.33
C LEU A 59 4.24 -4.72 -2.04
N SER A 60 4.89 -3.98 -2.95
CA SER A 60 6.07 -4.46 -3.68
C SER A 60 7.24 -4.77 -2.73
N LYS A 61 7.22 -4.20 -1.51
CA LYS A 61 8.23 -4.44 -0.48
C LYS A 61 8.15 -5.86 0.12
N ILE A 62 6.95 -6.44 0.25
CA ILE A 62 6.72 -7.80 0.76
C ILE A 62 6.50 -8.80 -0.37
N LYS A 63 6.35 -8.27 -1.58
CA LYS A 63 6.08 -9.05 -2.80
C LYS A 63 7.34 -9.35 -3.63
N GLU A 64 8.20 -8.36 -3.89
CA GLU A 64 9.36 -8.46 -4.79
C GLU A 64 10.29 -7.24 -4.61
N VAL A 65 11.05 -7.20 -3.51
CA VAL A 65 11.91 -6.06 -3.10
C VAL A 65 13.18 -5.86 -3.94
N LYS A 66 13.37 -6.81 -4.84
CA LYS A 66 14.49 -6.99 -5.78
C LYS A 66 14.11 -8.00 -6.90
N PRO A 67 14.42 -7.71 -8.19
CA PRO A 67 14.18 -8.63 -9.30
C PRO A 67 15.16 -9.82 -9.26
N ILE A 68 14.75 -10.94 -9.85
CA ILE A 68 15.51 -12.20 -9.88
C ILE A 68 15.07 -13.05 -11.09
N SER A 69 16.02 -13.73 -11.73
CA SER A 69 15.86 -14.63 -12.91
C SER A 69 15.41 -13.95 -14.22
N GLN A 70 14.79 -12.77 -14.16
CA GLN A 70 14.26 -11.99 -15.29
C GLN A 70 13.13 -12.73 -16.05
N LYS A 71 12.54 -13.74 -15.42
CA LYS A 71 11.50 -14.65 -15.95
C LYS A 71 10.12 -13.98 -16.03
N GLY A 1 -9.01 21.20 -8.97
CA GLY A 1 -9.24 21.89 -7.68
C GLY A 1 -7.94 22.16 -6.93
N SER A 2 -8.02 22.80 -5.76
CA SER A 2 -6.87 23.14 -4.91
C SER A 2 -7.28 23.29 -3.44
N VAL A 3 -7.06 22.26 -2.62
CA VAL A 3 -7.38 22.20 -1.18
C VAL A 3 -6.38 21.27 -0.45
N GLN A 4 -6.30 20.00 -0.87
CA GLN A 4 -5.42 18.94 -0.33
C GLN A 4 -5.78 18.52 1.12
N THR A 5 -5.11 17.47 1.60
CA THR A 5 -5.32 16.82 2.91
C THR A 5 -4.07 16.12 3.45
N GLY A 6 -3.04 15.92 2.62
CA GLY A 6 -1.76 15.30 3.00
C GLY A 6 -1.75 13.76 2.89
N ILE A 7 -2.78 13.18 2.28
CA ILE A 7 -2.96 11.72 2.09
C ILE A 7 -3.46 11.48 0.66
N VAL A 8 -2.76 10.62 -0.09
CA VAL A 8 -2.97 10.34 -1.52
C VAL A 8 -2.91 8.83 -1.74
N LEU A 9 -3.70 8.28 -2.67
CA LEU A 9 -3.76 6.87 -3.05
C LEU A 9 -3.20 6.71 -4.46
N CYS A 10 -2.34 5.70 -4.64
CA CYS A 10 -1.51 5.56 -5.83
C CYS A 10 -2.25 4.94 -7.02
N LYS A 11 -1.84 5.29 -8.26
CA LYS A 11 -2.50 4.81 -9.49
C LYS A 11 -2.29 3.31 -9.81
N PHE A 12 -1.23 2.70 -9.27
CA PHE A 12 -0.90 1.27 -9.46
C PHE A 12 -1.29 0.40 -8.26
N GLY A 13 -1.15 0.91 -7.03
CA GLY A 13 -1.62 0.23 -5.81
C GLY A 13 -0.77 -1.01 -5.52
N ALA A 14 -1.38 -2.18 -5.54
CA ALA A 14 -0.71 -3.48 -5.36
C ALA A 14 0.21 -3.88 -6.54
N LEU A 15 0.21 -3.12 -7.63
CA LEU A 15 1.08 -3.28 -8.80
C LEU A 15 2.22 -2.24 -8.84
N CYS A 16 2.34 -1.38 -7.83
CA CYS A 16 3.36 -0.32 -7.76
C CYS A 16 4.80 -0.88 -7.80
N SER A 17 5.70 -0.19 -8.51
CA SER A 17 7.01 -0.73 -8.92
C SER A 17 8.18 -0.43 -7.98
N ASN A 18 7.96 0.29 -6.87
CA ASN A 18 8.98 0.63 -5.87
C ASN A 18 8.45 0.43 -4.44
N PRO A 19 9.13 -0.36 -3.58
CA PRO A 19 8.77 -0.62 -2.18
C PRO A 19 8.70 0.62 -1.26
N SER A 20 9.36 1.73 -1.62
CA SER A 20 9.62 2.86 -0.71
C SER A 20 8.73 4.10 -0.99
N CYS A 21 8.00 4.08 -2.11
CA CYS A 21 7.04 5.11 -2.54
C CYS A 21 6.10 5.59 -1.38
N PRO A 22 5.98 6.91 -1.13
CA PRO A 22 5.35 7.45 0.08
C PRO A 22 3.82 7.48 0.07
N PHE A 23 3.16 7.14 -1.05
CA PHE A 23 1.70 7.27 -1.18
C PHE A 23 0.94 6.01 -0.69
N GLY A 24 -0.36 5.94 -0.99
CA GLY A 24 -1.34 5.04 -0.37
C GLY A 24 -1.67 3.80 -1.21
N HIS A 25 -1.53 2.63 -0.61
CA HIS A 25 -1.76 1.30 -1.21
C HIS A 25 -2.60 0.41 -0.24
N PRO A 26 -3.20 -0.70 -0.71
CA PRO A 26 -4.11 -1.55 0.09
C PRO A 26 -3.37 -2.39 1.14
N THR A 27 -4.13 -3.07 2.02
CA THR A 27 -3.59 -4.00 3.02
C THR A 27 -2.70 -5.05 2.33
N PRO A 28 -1.47 -5.32 2.82
CA PRO A 28 -0.56 -6.27 2.18
C PRO A 28 -1.00 -7.74 2.33
N ALA A 29 -1.89 -8.05 3.27
CA ALA A 29 -2.50 -9.37 3.39
C ALA A 29 -3.55 -9.67 2.31
N ASN A 30 -3.88 -8.68 1.45
CA ASN A 30 -4.86 -8.82 0.37
C ASN A 30 -4.86 -7.64 -0.64
N GLU A 31 -4.32 -7.88 -1.84
CA GLU A 31 -4.29 -6.91 -2.94
C GLU A 31 -5.67 -6.57 -3.55
N ASP A 32 -6.75 -7.30 -3.23
CA ASP A 32 -8.11 -7.05 -3.73
C ASP A 32 -8.99 -6.27 -2.73
N ALA A 33 -8.50 -5.99 -1.52
CA ALA A 33 -9.15 -5.10 -0.55
C ALA A 33 -8.83 -3.62 -0.87
N LYS A 34 -9.41 -3.13 -1.98
CA LYS A 34 -9.24 -1.76 -2.48
C LYS A 34 -9.58 -0.71 -1.39
N VAL A 35 -8.91 0.46 -1.43
CA VAL A 35 -8.84 1.39 -0.29
C VAL A 35 -10.05 2.33 -0.30
N ILE A 36 -10.65 2.52 0.86
CA ILE A 36 -11.89 3.29 1.09
C ILE A 36 -11.67 4.34 2.18
N ASP A 37 -10.69 4.13 3.07
CA ASP A 37 -10.34 5.05 4.15
C ASP A 37 -9.02 5.77 3.84
N LEU A 38 -9.02 7.09 4.01
CA LEU A 38 -7.88 7.97 3.75
C LEU A 38 -7.20 8.22 5.10
N MET A 39 -6.69 7.12 5.70
CA MET A 39 -6.03 7.13 7.00
C MET A 39 -4.85 6.16 7.00
N TRP A 40 -3.77 6.52 7.71
CA TRP A 40 -2.56 5.70 7.82
C TRP A 40 -2.71 4.67 8.95
N CYS A 41 -2.80 3.40 8.55
CA CYS A 41 -3.06 2.25 9.43
C CYS A 41 -1.92 1.89 10.43
N ASP A 42 -2.26 1.06 11.43
CA ASP A 42 -1.44 0.63 12.57
C ASP A 42 -0.10 -0.03 12.20
N LYS A 43 -0.10 -1.15 11.46
CA LYS A 43 1.13 -1.93 11.17
C LYS A 43 1.71 -1.61 9.78
N ASN A 44 0.96 -0.84 8.98
CA ASN A 44 1.33 -0.44 7.63
C ASN A 44 1.66 -1.64 6.73
N LEU A 45 2.93 -1.81 6.34
CA LEU A 45 3.42 -2.82 5.40
C LEU A 45 3.43 -4.26 5.97
N THR A 46 3.01 -4.44 7.23
CA THR A 46 2.84 -5.75 7.89
C THR A 46 1.44 -5.98 8.46
N CYS A 47 0.41 -5.21 8.04
CA CYS A 47 -0.98 -5.44 8.40
C CYS A 47 -1.51 -6.76 7.84
N ASP A 48 -1.79 -7.66 8.77
CA ASP A 48 -2.17 -9.06 8.55
C ASP A 48 -3.66 -9.29 8.25
N ASN A 49 -4.51 -8.26 8.44
CA ASN A 49 -5.96 -8.34 8.20
C ASN A 49 -6.28 -8.28 6.69
N PRO A 50 -6.93 -9.31 6.10
CA PRO A 50 -7.21 -9.39 4.66
C PRO A 50 -8.43 -8.60 4.18
N GLU A 51 -9.19 -7.96 5.07
CA GLU A 51 -10.39 -7.17 4.76
C GLU A 51 -10.20 -5.67 5.07
N CYS A 52 -9.00 -5.27 5.51
CA CYS A 52 -8.65 -3.87 5.76
C CYS A 52 -8.49 -3.09 4.44
N ARG A 53 -8.85 -1.81 4.49
CA ARG A 53 -9.01 -0.91 3.34
C ARG A 53 -8.61 0.54 3.69
N LYS A 54 -7.52 0.68 4.44
CA LYS A 54 -6.88 1.94 4.84
C LYS A 54 -5.61 2.14 3.99
N ALA A 55 -4.87 3.21 4.23
CA ALA A 55 -3.69 3.58 3.45
C ALA A 55 -2.41 2.95 4.02
N HIS A 56 -1.62 2.32 3.15
CA HIS A 56 -0.34 1.69 3.49
C HIS A 56 0.75 2.05 2.45
N SER A 57 2.02 1.78 2.75
CA SER A 57 3.16 1.88 1.82
C SER A 57 3.14 0.73 0.78
N SER A 58 4.04 0.74 -0.21
CA SER A 58 3.91 -0.12 -1.39
C SER A 58 4.16 -1.62 -1.09
N LEU A 59 3.22 -2.47 -1.50
CA LEU A 59 3.24 -3.92 -1.28
C LEU A 59 4.46 -4.63 -1.89
N SER A 60 5.13 -3.99 -2.86
CA SER A 60 6.31 -4.51 -3.57
C SER A 60 7.51 -4.78 -2.65
N LYS A 61 7.46 -4.33 -1.39
CA LYS A 61 8.38 -4.71 -0.32
C LYS A 61 8.21 -6.16 0.17
N ILE A 62 6.95 -6.62 0.37
CA ILE A 62 6.61 -7.93 0.89
C ILE A 62 6.17 -8.92 -0.19
N LYS A 63 6.01 -8.41 -1.41
CA LYS A 63 5.47 -9.14 -2.55
C LYS A 63 6.57 -9.91 -3.32
N GLU A 64 6.90 -9.51 -4.56
CA GLU A 64 7.87 -10.16 -5.45
C GLU A 64 8.09 -9.20 -6.63
N VAL A 65 8.74 -8.07 -6.36
CA VAL A 65 8.98 -7.00 -7.32
C VAL A 65 10.36 -6.39 -7.02
N LYS A 66 11.21 -6.58 -8.01
CA LYS A 66 12.67 -6.39 -7.99
C LYS A 66 13.25 -6.18 -9.41
N PRO A 67 14.44 -5.55 -9.56
CA PRO A 67 15.11 -5.40 -10.85
C PRO A 67 15.62 -6.75 -11.35
N ILE A 68 15.35 -7.07 -12.63
CA ILE A 68 15.66 -8.40 -13.23
C ILE A 68 17.17 -8.68 -13.38
N SER A 69 17.99 -7.63 -13.32
CA SER A 69 19.46 -7.71 -13.30
C SER A 69 20.06 -7.61 -11.88
N GLN A 70 19.19 -7.53 -10.85
CA GLN A 70 19.49 -7.54 -9.39
C GLN A 70 20.17 -6.25 -8.86
N LYS A 71 20.90 -5.51 -9.71
CA LYS A 71 21.64 -4.28 -9.36
C LYS A 71 21.48 -3.20 -10.44
N GLY A 1 -6.10 23.36 -9.12
CA GLY A 1 -6.42 23.55 -7.68
C GLY A 1 -5.65 22.59 -6.79
N SER A 2 -6.01 22.51 -5.51
CA SER A 2 -5.40 21.64 -4.48
C SER A 2 -6.32 21.53 -3.24
N VAL A 3 -6.35 20.33 -2.63
CA VAL A 3 -7.01 19.99 -1.35
C VAL A 3 -6.66 18.53 -1.01
N GLN A 4 -5.86 18.34 0.03
CA GLN A 4 -5.34 17.03 0.48
C GLN A 4 -5.31 16.96 2.02
N THR A 5 -5.38 15.73 2.57
CA THR A 5 -5.52 15.46 4.01
C THR A 5 -4.27 14.79 4.62
N GLY A 6 -3.17 14.71 3.87
CA GLY A 6 -1.92 14.02 4.25
C GLY A 6 -1.83 12.57 3.74
N ILE A 7 -2.94 12.03 3.23
CA ILE A 7 -3.04 10.77 2.50
C ILE A 7 -3.26 11.10 1.02
N VAL A 8 -2.46 10.45 0.16
CA VAL A 8 -2.55 10.46 -1.30
C VAL A 8 -2.42 9.02 -1.78
N LEU A 9 -3.28 8.59 -2.70
CA LEU A 9 -3.45 7.21 -3.14
C LEU A 9 -2.91 7.06 -4.56
N CYS A 10 -2.15 6.00 -4.78
CA CYS A 10 -1.21 5.91 -5.89
C CYS A 10 -1.79 5.55 -7.27
N LYS A 11 -3.11 5.39 -7.40
CA LYS A 11 -3.87 5.01 -8.62
C LYS A 11 -3.68 3.53 -9.05
N PHE A 12 -2.46 2.98 -8.96
CA PHE A 12 -2.15 1.57 -9.26
C PHE A 12 -2.23 0.68 -8.03
N GLY A 13 -1.76 1.15 -6.87
CA GLY A 13 -1.97 0.48 -5.58
C GLY A 13 -1.13 -0.79 -5.51
N ALA A 14 -1.78 -1.96 -5.44
CA ALA A 14 -1.10 -3.26 -5.48
C ALA A 14 -0.47 -3.61 -6.85
N LEU A 15 -0.73 -2.80 -7.90
CA LEU A 15 -0.12 -2.92 -9.22
C LEU A 15 1.06 -1.95 -9.42
N CYS A 16 1.37 -1.13 -8.39
CA CYS A 16 2.51 -0.19 -8.41
C CYS A 16 3.87 -0.91 -8.64
N SER A 17 4.81 -0.26 -9.32
CA SER A 17 6.09 -0.88 -9.74
C SER A 17 7.28 -0.67 -8.76
N ASN A 18 7.09 0.11 -7.68
CA ASN A 18 8.15 0.51 -6.74
C ASN A 18 7.89 -0.08 -5.33
N PRO A 19 8.91 -0.66 -4.64
CA PRO A 19 8.77 -1.23 -3.30
C PRO A 19 9.08 -0.26 -2.14
N SER A 20 9.67 0.91 -2.41
CA SER A 20 10.02 1.91 -1.37
C SER A 20 9.09 3.14 -1.33
N CYS A 21 8.18 3.22 -2.30
CA CYS A 21 7.21 4.27 -2.59
C CYS A 21 6.52 4.89 -1.33
N PRO A 22 6.44 6.23 -1.20
CA PRO A 22 5.86 6.90 -0.04
C PRO A 22 4.32 7.02 -0.04
N PHE A 23 3.64 6.75 -1.17
CA PHE A 23 2.19 7.01 -1.30
C PHE A 23 1.31 5.84 -0.83
N GLY A 24 0.01 5.92 -1.10
CA GLY A 24 -1.05 5.09 -0.51
C GLY A 24 -1.44 3.87 -1.34
N HIS A 25 -1.34 2.69 -0.73
CA HIS A 25 -1.66 1.36 -1.29
C HIS A 25 -2.52 0.52 -0.29
N PRO A 26 -3.17 -0.59 -0.72
CA PRO A 26 -4.04 -1.40 0.13
C PRO A 26 -3.28 -2.29 1.13
N THR A 27 -4.03 -2.98 2.01
CA THR A 27 -3.48 -3.90 3.03
C THR A 27 -2.57 -4.96 2.37
N PRO A 28 -1.37 -5.23 2.90
CA PRO A 28 -0.45 -6.22 2.34
C PRO A 28 -0.89 -7.67 2.57
N ALA A 29 -1.83 -7.92 3.48
CA ALA A 29 -2.46 -9.23 3.63
C ALA A 29 -3.46 -9.56 2.50
N ASN A 30 -3.71 -8.62 1.57
CA ASN A 30 -4.63 -8.81 0.45
C ASN A 30 -4.51 -7.73 -0.64
N GLU A 31 -3.87 -8.08 -1.76
CA GLU A 31 -3.73 -7.26 -2.97
C GLU A 31 -5.05 -7.02 -3.74
N ASP A 32 -6.15 -7.68 -3.38
CA ASP A 32 -7.47 -7.54 -4.03
C ASP A 32 -8.44 -6.59 -3.27
N ALA A 33 -8.03 -6.06 -2.10
CA ALA A 33 -8.72 -4.96 -1.44
C ALA A 33 -8.40 -3.63 -2.16
N LYS A 34 -9.36 -2.72 -2.17
CA LYS A 34 -9.16 -1.34 -2.62
C LYS A 34 -8.55 -0.48 -1.49
N VAL A 35 -8.34 0.82 -1.73
CA VAL A 35 -8.28 1.82 -0.65
C VAL A 35 -9.56 2.63 -0.70
N ILE A 36 -10.27 2.68 0.43
CA ILE A 36 -11.62 3.26 0.58
C ILE A 36 -11.62 4.26 1.75
N ASP A 37 -10.74 4.04 2.73
CA ASP A 37 -10.53 4.92 3.88
C ASP A 37 -9.20 5.68 3.73
N LEU A 38 -9.25 7.00 3.94
CA LEU A 38 -8.18 7.94 3.61
C LEU A 38 -7.42 8.23 4.89
N MET A 39 -6.80 7.17 5.42
CA MET A 39 -6.08 7.21 6.69
C MET A 39 -4.88 6.25 6.69
N TRP A 40 -3.80 6.70 7.32
CA TRP A 40 -2.59 5.90 7.48
C TRP A 40 -2.78 4.88 8.62
N CYS A 41 -2.84 3.61 8.25
CA CYS A 41 -3.11 2.48 9.16
C CYS A 41 -1.99 2.18 10.19
N ASP A 42 -2.32 1.42 11.24
CA ASP A 42 -1.51 1.24 12.45
C ASP A 42 -0.23 0.41 12.29
N LYS A 43 -0.27 -0.76 11.63
CA LYS A 43 0.94 -1.55 11.36
C LYS A 43 1.57 -1.23 10.00
N ASN A 44 0.82 -0.49 9.16
CA ASN A 44 1.19 -0.15 7.79
C ASN A 44 1.57 -1.42 6.97
N LEU A 45 2.84 -1.56 6.61
CA LEU A 45 3.34 -2.59 5.68
C LEU A 45 3.37 -4.01 6.28
N THR A 46 2.92 -4.17 7.53
CA THR A 46 2.74 -5.47 8.22
C THR A 46 1.32 -5.71 8.73
N CYS A 47 0.31 -4.96 8.28
CA CYS A 47 -1.10 -5.20 8.59
C CYS A 47 -1.57 -6.57 8.08
N ASP A 48 -1.94 -7.38 9.06
CA ASP A 48 -2.34 -8.80 8.92
C ASP A 48 -3.78 -9.01 8.43
N ASN A 49 -4.64 -7.98 8.49
CA ASN A 49 -6.07 -8.08 8.18
C ASN A 49 -6.31 -8.05 6.65
N PRO A 50 -6.89 -9.11 6.03
CA PRO A 50 -7.11 -9.18 4.59
C PRO A 50 -8.35 -8.41 4.09
N GLU A 51 -9.15 -7.83 5.00
CA GLU A 51 -10.38 -7.08 4.67
C GLU A 51 -10.26 -5.59 5.04
N CYS A 52 -9.06 -5.15 5.45
CA CYS A 52 -8.71 -3.73 5.61
C CYS A 52 -8.55 -3.03 4.26
N ARG A 53 -8.89 -1.73 4.23
CA ARG A 53 -8.90 -0.88 3.01
C ARG A 53 -8.51 0.57 3.32
N LYS A 54 -7.45 0.73 4.10
CA LYS A 54 -6.82 1.99 4.50
C LYS A 54 -5.53 2.22 3.68
N ALA A 55 -4.81 3.30 3.96
CA ALA A 55 -3.60 3.70 3.26
C ALA A 55 -2.35 3.06 3.89
N HIS A 56 -1.53 2.40 3.07
CA HIS A 56 -0.28 1.76 3.44
C HIS A 56 0.84 2.07 2.42
N SER A 57 2.11 1.89 2.80
CA SER A 57 3.26 1.86 1.91
C SER A 57 3.22 0.66 0.93
N SER A 58 4.09 0.62 -0.07
CA SER A 58 4.01 -0.32 -1.20
C SER A 58 4.11 -1.81 -0.82
N LEU A 59 3.13 -2.63 -1.25
CA LEU A 59 3.08 -4.07 -1.03
C LEU A 59 4.29 -4.80 -1.61
N SER A 60 4.91 -4.26 -2.67
CA SER A 60 6.06 -4.86 -3.33
C SER A 60 7.28 -5.01 -2.40
N LYS A 61 7.26 -4.34 -1.25
CA LYS A 61 8.29 -4.48 -0.20
C LYS A 61 8.24 -5.85 0.49
N ILE A 62 7.04 -6.40 0.77
CA ILE A 62 6.86 -7.72 1.37
C ILE A 62 6.60 -8.79 0.32
N LYS A 63 6.32 -8.34 -0.90
CA LYS A 63 5.97 -9.21 -2.02
C LYS A 63 7.18 -9.58 -2.90
N GLU A 64 8.18 -8.70 -3.02
CA GLU A 64 9.34 -8.91 -3.90
C GLU A 64 10.63 -8.15 -3.51
N VAL A 65 10.75 -7.74 -2.24
CA VAL A 65 11.93 -7.21 -1.51
C VAL A 65 12.65 -6.02 -2.16
N LYS A 66 12.58 -4.91 -1.44
CA LYS A 66 13.27 -3.66 -1.79
C LYS A 66 14.83 -3.82 -1.84
N PRO A 67 15.54 -3.06 -2.72
CA PRO A 67 16.99 -3.12 -2.81
C PRO A 67 17.67 -2.50 -1.58
N ILE A 68 18.89 -2.95 -1.29
CA ILE A 68 19.70 -2.51 -0.12
C ILE A 68 21.12 -2.04 -0.47
N SER A 69 21.55 -2.28 -1.71
CA SER A 69 22.90 -1.92 -2.23
C SER A 69 22.84 -0.85 -3.35
N GLN A 70 21.66 -0.28 -3.60
CA GLN A 70 21.39 0.68 -4.68
C GLN A 70 20.10 1.47 -4.33
N LYS A 71 20.02 2.73 -4.75
CA LYS A 71 18.89 3.66 -4.54
C LYS A 71 18.78 4.69 -5.67
N GLY A 1 -0.77 23.78 -1.00
CA GLY A 1 -0.91 25.00 -0.19
C GLY A 1 -2.36 25.41 -0.01
N SER A 2 -2.67 26.10 1.09
CA SER A 2 -3.99 26.67 1.50
C SER A 2 -5.10 25.65 1.79
N VAL A 3 -5.32 24.68 0.90
CA VAL A 3 -6.28 23.55 1.00
C VAL A 3 -5.72 22.32 0.29
N GLN A 4 -5.81 21.15 0.94
CA GLN A 4 -5.24 19.88 0.49
C GLN A 4 -5.71 18.71 1.38
N THR A 5 -5.78 17.50 0.80
CA THR A 5 -6.31 16.28 1.45
C THR A 5 -5.33 15.66 2.46
N GLY A 6 -4.03 15.90 2.29
CA GLY A 6 -2.95 15.43 3.20
C GLY A 6 -2.54 13.97 3.01
N ILE A 7 -3.39 13.17 2.37
CA ILE A 7 -3.17 11.76 1.99
C ILE A 7 -3.59 11.62 0.52
N VAL A 8 -2.83 10.85 -0.25
CA VAL A 8 -2.99 10.60 -1.69
C VAL A 8 -2.82 9.09 -1.93
N LEU A 9 -3.71 8.50 -2.74
CA LEU A 9 -3.83 7.07 -3.01
C LEU A 9 -3.37 6.80 -4.43
N CYS A 10 -2.54 5.78 -4.59
CA CYS A 10 -1.66 5.65 -5.76
C CYS A 10 -2.38 5.08 -7.01
N LYS A 11 -1.84 5.36 -8.20
CA LYS A 11 -2.39 4.93 -9.50
C LYS A 11 -2.45 3.39 -9.67
N PHE A 12 -1.46 2.67 -9.13
CA PHE A 12 -1.28 1.22 -9.33
C PHE A 12 -1.57 0.38 -8.07
N GLY A 13 -1.39 0.94 -6.86
CA GLY A 13 -1.81 0.31 -5.61
C GLY A 13 -0.98 -0.93 -5.33
N ALA A 14 -1.62 -2.10 -5.37
CA ALA A 14 -0.97 -3.41 -5.21
C ALA A 14 0.02 -3.76 -6.35
N LEU A 15 -0.02 -3.04 -7.47
CA LEU A 15 0.82 -3.25 -8.65
C LEU A 15 1.93 -2.20 -8.81
N CYS A 16 2.10 -1.31 -7.82
CA CYS A 16 3.11 -0.24 -7.84
C CYS A 16 4.56 -0.74 -8.00
N SER A 17 5.40 0.03 -8.70
CA SER A 17 6.73 -0.43 -9.18
C SER A 17 7.91 -0.10 -8.23
N ASN A 18 7.68 0.56 -7.09
CA ASN A 18 8.72 0.91 -6.09
C ASN A 18 8.25 0.61 -4.65
N PRO A 19 9.02 -0.16 -3.85
CA PRO A 19 8.74 -0.47 -2.43
C PRO A 19 8.70 0.74 -1.48
N SER A 20 9.33 1.87 -1.81
CA SER A 20 9.62 2.98 -0.88
C SER A 20 8.70 4.21 -1.07
N CYS A 21 7.87 4.16 -2.11
CA CYS A 21 6.87 5.16 -2.50
C CYS A 21 6.08 5.78 -1.30
N PRO A 22 5.91 7.12 -1.23
CA PRO A 22 5.27 7.80 -0.10
C PRO A 22 3.73 7.72 -0.09
N PHE A 23 3.08 7.33 -1.19
CA PHE A 23 1.62 7.40 -1.34
C PHE A 23 0.89 6.14 -0.81
N GLY A 24 -0.44 6.09 -1.04
CA GLY A 24 -1.40 5.19 -0.39
C GLY A 24 -1.69 3.91 -1.17
N HIS A 25 -1.45 2.75 -0.57
CA HIS A 25 -1.71 1.41 -1.13
C HIS A 25 -2.55 0.54 -0.12
N PRO A 26 -3.22 -0.54 -0.58
CA PRO A 26 -4.10 -1.36 0.26
C PRO A 26 -3.35 -2.30 1.21
N THR A 27 -4.09 -3.02 2.08
CA THR A 27 -3.54 -4.01 3.02
C THR A 27 -2.69 -5.06 2.27
N PRO A 28 -1.47 -5.39 2.74
CA PRO A 28 -0.61 -6.37 2.08
C PRO A 28 -1.11 -7.81 2.18
N ALA A 29 -1.97 -8.11 3.16
CA ALA A 29 -2.59 -9.43 3.29
C ALA A 29 -3.72 -9.68 2.26
N ASN A 30 -4.00 -8.72 1.38
CA ASN A 30 -5.02 -8.84 0.32
C ASN A 30 -4.92 -7.74 -0.76
N GLU A 31 -4.42 -8.12 -1.94
CA GLU A 31 -4.30 -7.24 -3.11
C GLU A 31 -5.64 -6.90 -3.82
N ASP A 32 -6.77 -7.47 -3.38
CA ASP A 32 -8.11 -7.18 -3.91
C ASP A 32 -8.92 -6.18 -3.05
N ALA A 33 -8.41 -5.76 -1.88
CA ALA A 33 -8.85 -4.53 -1.23
C ALA A 33 -8.29 -3.32 -2.00
N LYS A 34 -8.98 -2.19 -1.88
CA LYS A 34 -8.56 -0.87 -2.39
C LYS A 34 -8.60 0.14 -1.22
N VAL A 35 -7.98 1.32 -1.37
CA VAL A 35 -7.94 2.30 -0.27
C VAL A 35 -9.20 3.15 -0.33
N ILE A 36 -10.06 2.96 0.67
CA ILE A 36 -11.36 3.63 0.83
C ILE A 36 -11.32 4.50 2.09
N ASP A 37 -10.43 4.17 3.04
CA ASP A 37 -10.20 4.90 4.27
C ASP A 37 -8.87 5.66 4.20
N LEU A 38 -8.90 6.97 4.46
CA LEU A 38 -7.80 7.91 4.24
C LEU A 38 -7.16 8.15 5.59
N MET A 39 -6.52 7.08 6.08
CA MET A 39 -5.76 7.07 7.32
C MET A 39 -4.62 6.07 7.27
N TRP A 40 -3.49 6.45 7.83
CA TRP A 40 -2.29 5.60 7.89
C TRP A 40 -2.44 4.54 8.98
N CYS A 41 -2.55 3.29 8.54
CA CYS A 41 -2.77 2.12 9.40
C CYS A 41 -1.56 1.75 10.28
N ASP A 42 -1.80 0.99 11.37
CA ASP A 42 -0.85 0.75 12.45
C ASP A 42 0.27 -0.27 12.15
N LYS A 43 -0.01 -1.36 11.42
CA LYS A 43 1.00 -2.38 11.06
C LYS A 43 1.60 -2.13 9.67
N ASN A 44 1.05 -1.17 8.92
CA ASN A 44 1.46 -0.75 7.59
C ASN A 44 1.75 -1.94 6.64
N LEU A 45 3.01 -2.13 6.24
CA LEU A 45 3.47 -3.16 5.29
C LEU A 45 3.46 -4.58 5.89
N THR A 46 3.05 -4.72 7.16
CA THR A 46 2.90 -5.98 7.89
C THR A 46 1.47 -6.16 8.43
N CYS A 47 0.48 -5.36 7.99
CA CYS A 47 -0.92 -5.57 8.33
C CYS A 47 -1.47 -6.88 7.75
N ASP A 48 -1.76 -7.78 8.68
CA ASP A 48 -2.17 -9.17 8.46
C ASP A 48 -3.67 -9.35 8.17
N ASN A 49 -4.48 -8.30 8.36
CA ASN A 49 -5.93 -8.30 8.16
C ASN A 49 -6.29 -8.27 6.66
N PRO A 50 -6.97 -9.30 6.10
CA PRO A 50 -7.30 -9.39 4.67
C PRO A 50 -8.51 -8.54 4.24
N GLU A 51 -9.25 -7.94 5.18
CA GLU A 51 -10.45 -7.13 4.88
C GLU A 51 -10.24 -5.64 5.25
N CYS A 52 -9.01 -5.25 5.60
CA CYS A 52 -8.61 -3.85 5.79
C CYS A 52 -8.50 -3.10 4.45
N ARG A 53 -8.74 -1.78 4.49
CA ARG A 53 -8.86 -0.89 3.32
C ARG A 53 -8.39 0.55 3.62
N LYS A 54 -7.34 0.65 4.45
CA LYS A 54 -6.68 1.90 4.88
C LYS A 54 -5.43 2.15 4.04
N ALA A 55 -4.66 3.19 4.38
CA ALA A 55 -3.48 3.61 3.63
C ALA A 55 -2.21 2.92 4.19
N HIS A 56 -1.44 2.29 3.28
CA HIS A 56 -0.19 1.59 3.56
C HIS A 56 0.89 1.94 2.49
N SER A 57 2.15 1.61 2.74
CA SER A 57 3.25 1.67 1.77
C SER A 57 3.15 0.54 0.71
N SER A 58 3.98 0.57 -0.33
CA SER A 58 3.82 -0.31 -1.50
C SER A 58 4.03 -1.80 -1.19
N LEU A 59 3.06 -2.65 -1.58
CA LEU A 59 3.02 -4.08 -1.27
C LEU A 59 4.20 -4.88 -1.82
N SER A 60 4.84 -4.41 -2.89
CA SER A 60 5.91 -5.13 -3.61
C SER A 60 7.16 -5.41 -2.76
N LYS A 61 7.24 -4.78 -1.58
CA LYS A 61 8.28 -5.00 -0.58
C LYS A 61 8.16 -6.38 0.11
N ILE A 62 6.94 -6.85 0.41
CA ILE A 62 6.68 -8.15 1.00
C ILE A 62 6.21 -9.17 -0.03
N LYS A 63 5.77 -8.67 -1.18
CA LYS A 63 5.19 -9.51 -2.24
C LYS A 63 6.23 -10.18 -3.16
N GLU A 64 7.49 -9.74 -3.12
CA GLU A 64 8.65 -10.37 -3.77
C GLU A 64 9.95 -9.97 -3.05
N VAL A 65 10.04 -10.26 -1.75
CA VAL A 65 11.16 -9.84 -0.86
C VAL A 65 12.52 -10.49 -1.15
N LYS A 66 12.44 -11.50 -2.00
CA LYS A 66 13.50 -12.33 -2.60
C LYS A 66 12.91 -13.29 -3.67
N PRO A 67 13.33 -13.23 -4.95
CA PRO A 67 12.79 -14.10 -6.00
C PRO A 67 13.43 -15.50 -5.97
N ILE A 68 12.61 -16.56 -5.90
CA ILE A 68 13.04 -17.94 -5.66
C ILE A 68 12.31 -19.02 -6.49
N SER A 69 11.16 -18.69 -7.07
CA SER A 69 10.26 -19.64 -7.74
C SER A 69 9.22 -18.89 -8.60
N GLN A 70 9.64 -17.82 -9.28
CA GLN A 70 8.72 -16.83 -9.86
C GLN A 70 8.12 -17.25 -11.21
N LYS A 71 8.63 -18.33 -11.83
CA LYS A 71 8.19 -18.90 -13.12
C LYS A 71 8.71 -20.34 -13.29
N GLY A 1 -4.52 19.15 -2.87
CA GLY A 1 -5.75 18.33 -2.95
C GLY A 1 -6.91 19.03 -2.25
N SER A 2 -8.01 19.29 -2.97
CA SER A 2 -9.14 20.13 -2.50
C SER A 2 -9.89 19.56 -1.27
N VAL A 3 -9.86 18.23 -1.08
CA VAL A 3 -10.42 17.55 0.10
C VAL A 3 -9.62 17.78 1.40
N GLN A 4 -8.40 18.33 1.31
CA GLN A 4 -7.55 18.76 2.43
C GLN A 4 -7.14 17.60 3.39
N THR A 5 -7.19 16.35 2.90
CA THR A 5 -7.02 15.14 3.72
C THR A 5 -5.56 14.76 3.98
N GLY A 6 -4.61 15.35 3.24
CA GLY A 6 -3.17 15.21 3.46
C GLY A 6 -2.57 13.87 3.02
N ILE A 7 -3.32 13.06 2.28
CA ILE A 7 -2.99 11.68 1.86
C ILE A 7 -3.46 11.50 0.41
N VAL A 8 -2.67 10.77 -0.37
CA VAL A 8 -2.90 10.44 -1.79
C VAL A 8 -2.74 8.91 -1.95
N LEU A 9 -3.61 8.30 -2.74
CA LEU A 9 -3.65 6.87 -3.05
C LEU A 9 -3.15 6.67 -4.48
N CYS A 10 -2.27 5.68 -4.64
CA CYS A 10 -1.41 5.56 -5.82
C CYS A 10 -2.12 4.93 -7.04
N LYS A 11 -1.73 5.33 -8.26
CA LYS A 11 -2.38 4.87 -9.50
C LYS A 11 -2.19 3.37 -9.82
N PHE A 12 -1.12 2.75 -9.33
CA PHE A 12 -0.80 1.32 -9.52
C PHE A 12 -1.19 0.45 -8.32
N GLY A 13 -1.08 0.99 -7.09
CA GLY A 13 -1.57 0.33 -5.87
C GLY A 13 -0.75 -0.91 -5.55
N ALA A 14 -1.39 -2.08 -5.56
CA ALA A 14 -0.75 -3.38 -5.33
C ALA A 14 0.22 -3.82 -6.45
N LEU A 15 0.26 -3.10 -7.58
CA LEU A 15 1.12 -3.33 -8.73
C LEU A 15 2.25 -2.28 -8.86
N CYS A 16 2.39 -1.38 -7.88
CA CYS A 16 3.40 -0.30 -7.87
C CYS A 16 4.84 -0.84 -7.96
N SER A 17 5.72 -0.14 -8.69
CA SER A 17 7.02 -0.68 -9.13
C SER A 17 8.20 -0.36 -8.17
N ASN A 18 7.96 0.32 -7.04
CA ASN A 18 8.96 0.63 -6.01
C ASN A 18 8.42 0.36 -4.59
N PRO A 19 9.14 -0.43 -3.75
CA PRO A 19 8.77 -0.74 -2.37
C PRO A 19 8.68 0.47 -1.42
N SER A 20 9.41 1.56 -1.69
CA SER A 20 9.68 2.65 -0.73
C SER A 20 8.86 3.91 -0.96
N CYS A 21 8.08 3.93 -2.06
CA CYS A 21 7.11 4.96 -2.44
C CYS A 21 6.29 5.53 -1.26
N PRO A 22 6.14 6.86 -1.12
CA PRO A 22 5.52 7.50 0.05
C PRO A 22 3.97 7.50 0.04
N PHE A 23 3.33 7.15 -1.09
CA PHE A 23 1.86 7.26 -1.24
C PHE A 23 1.10 6.01 -0.75
N GLY A 24 -0.22 5.99 -1.00
CA GLY A 24 -1.19 5.09 -0.37
C GLY A 24 -1.50 3.84 -1.19
N HIS A 25 -1.32 2.65 -0.60
CA HIS A 25 -1.60 1.34 -1.19
C HIS A 25 -2.45 0.45 -0.22
N PRO A 26 -3.11 -0.63 -0.70
CA PRO A 26 -4.02 -1.45 0.12
C PRO A 26 -3.29 -2.31 1.17
N THR A 27 -4.06 -2.96 2.05
CA THR A 27 -3.54 -3.91 3.05
C THR A 27 -2.66 -4.98 2.36
N PRO A 28 -1.44 -5.26 2.82
CA PRO A 28 -0.55 -6.22 2.18
C PRO A 28 -0.99 -7.68 2.34
N ALA A 29 -1.88 -7.97 3.28
CA ALA A 29 -2.52 -9.28 3.40
C ALA A 29 -3.59 -9.53 2.32
N ASN A 30 -3.89 -8.54 1.47
CA ASN A 30 -4.89 -8.66 0.39
C ASN A 30 -4.83 -7.50 -0.64
N GLU A 31 -4.29 -7.79 -1.83
CA GLU A 31 -4.23 -6.86 -2.97
C GLU A 31 -5.61 -6.49 -3.58
N ASP A 32 -6.69 -7.20 -3.23
CA ASP A 32 -8.05 -6.98 -3.74
C ASP A 32 -8.95 -6.14 -2.80
N ALA A 33 -8.45 -5.80 -1.60
CA ALA A 33 -9.15 -4.92 -0.65
C ALA A 33 -8.91 -3.45 -1.01
N LYS A 34 -9.64 -2.96 -2.02
CA LYS A 34 -9.57 -1.59 -2.53
C LYS A 34 -9.74 -0.54 -1.41
N VAL A 35 -8.95 0.54 -1.43
CA VAL A 35 -8.82 1.49 -0.32
C VAL A 35 -9.98 2.48 -0.33
N ILE A 36 -10.57 2.73 0.84
CA ILE A 36 -11.75 3.57 1.05
C ILE A 36 -11.50 4.58 2.19
N ASP A 37 -10.55 4.30 3.08
CA ASP A 37 -10.18 5.16 4.19
C ASP A 37 -8.84 5.85 3.93
N LEU A 38 -8.80 7.16 4.19
CA LEU A 38 -7.70 8.06 3.88
C LEU A 38 -7.01 8.33 5.22
N MET A 39 -6.38 7.28 5.74
CA MET A 39 -5.60 7.30 6.97
C MET A 39 -4.50 6.25 6.99
N TRP A 40 -3.36 6.61 7.58
CA TRP A 40 -2.20 5.73 7.71
C TRP A 40 -2.41 4.71 8.83
N CYS A 41 -2.53 3.44 8.43
CA CYS A 41 -2.82 2.33 9.34
C CYS A 41 -1.68 1.95 10.32
N ASP A 42 -2.01 1.21 11.39
CA ASP A 42 -1.15 0.97 12.56
C ASP A 42 0.03 -0.01 12.34
N LYS A 43 -0.13 -1.05 11.50
CA LYS A 43 0.99 -1.93 11.12
C LYS A 43 1.66 -1.47 9.82
N ASN A 44 1.01 -0.59 9.06
CA ASN A 44 1.42 -0.16 7.74
C ASN A 44 1.74 -1.37 6.83
N LEU A 45 3.01 -1.57 6.46
CA LEU A 45 3.46 -2.55 5.49
C LEU A 45 3.46 -4.02 5.98
N THR A 46 3.02 -4.28 7.22
CA THR A 46 2.87 -5.63 7.80
C THR A 46 1.45 -5.97 8.26
N CYS A 47 0.44 -5.12 7.98
CA CYS A 47 -0.95 -5.33 8.35
C CYS A 47 -1.52 -6.66 7.80
N ASP A 48 -1.84 -7.52 8.75
CA ASP A 48 -2.23 -8.93 8.55
C ASP A 48 -3.73 -9.12 8.25
N ASN A 49 -4.55 -8.08 8.45
CA ASN A 49 -5.99 -8.10 8.24
C ASN A 49 -6.33 -8.11 6.73
N PRO A 50 -7.03 -9.15 6.19
CA PRO A 50 -7.30 -9.29 4.76
C PRO A 50 -8.49 -8.47 4.23
N GLU A 51 -9.25 -7.81 5.11
CA GLU A 51 -10.42 -6.99 4.75
C GLU A 51 -10.20 -5.49 5.04
N CYS A 52 -8.99 -5.11 5.48
CA CYS A 52 -8.61 -3.73 5.73
C CYS A 52 -8.43 -2.93 4.43
N ARG A 53 -8.76 -1.64 4.49
CA ARG A 53 -8.89 -0.75 3.33
C ARG A 53 -8.48 0.69 3.67
N LYS A 54 -7.36 0.80 4.41
CA LYS A 54 -6.68 2.04 4.80
C LYS A 54 -5.40 2.22 3.94
N ALA A 55 -4.61 3.25 4.23
CA ALA A 55 -3.42 3.61 3.45
C ALA A 55 -2.15 2.94 4.03
N HIS A 56 -1.38 2.27 3.17
CA HIS A 56 -0.11 1.59 3.50
C HIS A 56 0.99 1.87 2.46
N SER A 57 2.24 1.47 2.72
CA SER A 57 3.34 1.53 1.74
C SER A 57 3.21 0.43 0.64
N SER A 58 4.03 0.46 -0.41
CA SER A 58 3.86 -0.42 -1.58
C SER A 58 4.03 -1.92 -1.28
N LEU A 59 3.07 -2.74 -1.72
CA LEU A 59 3.04 -4.18 -1.54
C LEU A 59 4.20 -4.93 -2.23
N SER A 60 4.84 -4.31 -3.22
CA SER A 60 5.97 -4.89 -3.97
C SER A 60 7.20 -5.18 -3.09
N LYS A 61 7.23 -4.65 -1.87
CA LYS A 61 8.22 -4.97 -0.84
C LYS A 61 8.05 -6.38 -0.24
N ILE A 62 6.79 -6.80 0.00
CA ILE A 62 6.45 -7.97 0.78
C ILE A 62 5.94 -9.11 -0.09
N LYS A 63 5.66 -8.79 -1.35
CA LYS A 63 5.07 -9.75 -2.29
C LYS A 63 6.13 -10.51 -3.11
N GLU A 64 7.11 -9.78 -3.67
CA GLU A 64 8.31 -10.23 -4.36
C GLU A 64 9.18 -9.01 -4.72
N VAL A 65 10.22 -8.76 -3.93
CA VAL A 65 11.16 -7.61 -4.10
C VAL A 65 12.46 -7.94 -4.84
N LYS A 66 12.55 -9.21 -5.20
CA LYS A 66 13.65 -9.90 -5.91
C LYS A 66 15.00 -9.73 -5.16
N PRO A 67 15.21 -10.43 -4.03
CA PRO A 67 16.47 -10.42 -3.29
C PRO A 67 17.56 -11.18 -4.05
N ILE A 68 18.82 -10.86 -3.74
CA ILE A 68 20.02 -11.42 -4.41
C ILE A 68 21.06 -11.89 -3.36
N SER A 69 20.56 -12.46 -2.26
CA SER A 69 21.33 -12.99 -1.11
C SER A 69 20.46 -13.80 -0.14
N GLN A 70 19.21 -13.35 0.11
CA GLN A 70 18.21 -14.10 0.89
C GLN A 70 17.56 -15.20 0.03
N LYS A 71 17.22 -16.33 0.66
CA LYS A 71 16.32 -17.36 0.11
C LYS A 71 14.88 -16.83 -0.06
N GLY A 1 4.59 24.17 2.23
CA GLY A 1 3.60 23.74 3.25
C GLY A 1 2.25 23.43 2.62
N SER A 2 1.44 22.61 3.31
CA SER A 2 0.14 22.10 2.82
C SER A 2 -0.87 21.93 3.98
N VAL A 3 -2.16 22.09 3.70
CA VAL A 3 -3.27 21.98 4.68
C VAL A 3 -4.49 21.34 4.00
N GLN A 4 -5.04 20.30 4.66
CA GLN A 4 -6.22 19.51 4.27
C GLN A 4 -5.90 18.50 3.14
N THR A 5 -6.40 17.26 3.28
CA THR A 5 -6.26 16.14 2.31
C THR A 5 -4.77 15.80 2.08
N GLY A 6 -4.05 15.57 3.18
CA GLY A 6 -2.60 15.33 3.21
C GLY A 6 -2.18 13.87 2.95
N ILE A 7 -3.09 13.02 2.48
CA ILE A 7 -2.89 11.58 2.22
C ILE A 7 -3.52 11.25 0.85
N VAL A 8 -2.79 10.50 0.03
CA VAL A 8 -3.06 10.22 -1.40
C VAL A 8 -2.85 8.73 -1.67
N LEU A 9 -3.62 8.15 -2.59
CA LEU A 9 -3.59 6.74 -2.99
C LEU A 9 -2.99 6.63 -4.38
N CYS A 10 -2.12 5.64 -4.57
CA CYS A 10 -1.26 5.53 -5.73
C CYS A 10 -1.97 4.96 -6.98
N LYS A 11 -1.61 5.42 -8.18
CA LYS A 11 -2.27 5.01 -9.44
C LYS A 11 -2.01 3.55 -9.87
N PHE A 12 -0.93 2.92 -9.38
CA PHE A 12 -0.61 1.51 -9.64
C PHE A 12 -1.02 0.58 -8.48
N GLY A 13 -0.93 1.05 -7.23
CA GLY A 13 -1.45 0.34 -6.05
C GLY A 13 -0.67 -0.95 -5.80
N ALA A 14 -1.35 -2.10 -5.91
CA ALA A 14 -0.77 -3.43 -5.78
C ALA A 14 0.24 -3.80 -6.89
N LEU A 15 0.32 -2.99 -7.97
CA LEU A 15 1.22 -3.16 -9.11
C LEU A 15 2.39 -2.16 -9.11
N CYS A 16 2.51 -1.32 -8.07
CA CYS A 16 3.53 -0.27 -7.95
C CYS A 16 4.98 -0.81 -8.05
N SER A 17 5.84 -0.14 -8.81
CA SER A 17 7.16 -0.63 -9.23
C SER A 17 8.34 -0.23 -8.32
N ASN A 18 8.08 0.38 -7.14
CA ASN A 18 9.07 0.64 -6.11
C ASN A 18 8.52 0.29 -4.70
N PRO A 19 9.25 -0.51 -3.88
CA PRO A 19 8.89 -0.88 -2.50
C PRO A 19 8.85 0.29 -1.49
N SER A 20 9.52 1.41 -1.76
CA SER A 20 9.78 2.49 -0.78
C SER A 20 8.91 3.75 -0.98
N CYS A 21 8.17 3.81 -2.09
CA CYS A 21 7.25 4.90 -2.47
C CYS A 21 6.33 5.34 -1.30
N PRO A 22 6.18 6.65 -1.01
CA PRO A 22 5.56 7.17 0.21
C PRO A 22 4.03 7.25 0.19
N PHE A 23 3.36 6.98 -0.95
CA PHE A 23 1.90 7.13 -1.08
C PHE A 23 1.13 5.88 -0.65
N GLY A 24 -0.19 5.86 -0.92
CA GLY A 24 -1.16 4.95 -0.31
C GLY A 24 -1.46 3.71 -1.16
N HIS A 25 -1.35 2.53 -0.56
CA HIS A 25 -1.60 1.22 -1.17
C HIS A 25 -2.47 0.33 -0.23
N PRO A 26 -3.12 -0.75 -0.72
CA PRO A 26 -4.04 -1.58 0.07
C PRO A 26 -3.32 -2.48 1.08
N THR A 27 -4.10 -3.07 2.01
CA THR A 27 -3.62 -3.99 3.05
C THR A 27 -2.80 -5.14 2.42
N PRO A 28 -1.57 -5.44 2.88
CA PRO A 28 -0.72 -6.43 2.24
C PRO A 28 -1.19 -7.87 2.42
N ALA A 29 -2.00 -8.16 3.45
CA ALA A 29 -2.65 -9.47 3.62
C ALA A 29 -3.82 -9.70 2.64
N ASN A 30 -4.15 -8.71 1.81
CA ASN A 30 -5.14 -8.80 0.73
C ASN A 30 -5.04 -7.63 -0.24
N GLU A 31 -4.22 -7.80 -1.28
CA GLU A 31 -3.97 -6.80 -2.32
C GLU A 31 -5.21 -6.42 -3.17
N ASP A 32 -6.30 -7.17 -3.08
CA ASP A 32 -7.55 -6.93 -3.82
C ASP A 32 -8.63 -6.20 -3.01
N ALA A 33 -8.36 -5.83 -1.74
CA ALA A 33 -9.27 -5.02 -0.93
C ALA A 33 -9.20 -3.54 -1.38
N LYS A 34 -10.22 -3.09 -2.11
CA LYS A 34 -10.33 -1.71 -2.61
C LYS A 34 -10.30 -0.70 -1.43
N VAL A 35 -9.46 0.34 -1.53
CA VAL A 35 -9.17 1.27 -0.41
C VAL A 35 -10.27 2.34 -0.37
N ILE A 36 -10.79 2.61 0.83
CA ILE A 36 -11.91 3.54 1.08
C ILE A 36 -11.52 4.55 2.18
N ASP A 37 -10.53 4.22 3.01
CA ASP A 37 -10.08 5.07 4.12
C ASP A 37 -8.73 5.71 3.79
N LEU A 38 -8.65 7.03 3.99
CA LEU A 38 -7.55 7.90 3.56
C LEU A 38 -6.68 8.24 4.77
N MET A 39 -6.28 7.21 5.51
CA MET A 39 -5.54 7.31 6.77
C MET A 39 -4.51 6.19 6.91
N TRP A 40 -3.35 6.52 7.48
CA TRP A 40 -2.23 5.60 7.69
C TRP A 40 -2.53 4.61 8.81
N CYS A 41 -2.68 3.34 8.44
CA CYS A 41 -2.96 2.22 9.34
C CYS A 41 -1.83 1.87 10.34
N ASP A 42 -2.17 1.13 11.40
CA ASP A 42 -1.33 0.90 12.59
C ASP A 42 -0.11 -0.02 12.40
N LYS A 43 -0.21 -1.11 11.64
CA LYS A 43 0.96 -1.94 11.26
C LYS A 43 1.55 -1.51 9.91
N ASN A 44 0.86 -0.64 9.18
CA ASN A 44 1.22 -0.19 7.85
C ASN A 44 1.50 -1.41 6.93
N LEU A 45 2.70 -1.52 6.37
CA LEU A 45 3.12 -2.54 5.39
C LEU A 45 3.33 -3.95 5.98
N THR A 46 2.96 -4.18 7.25
CA THR A 46 2.86 -5.53 7.88
C THR A 46 1.48 -5.82 8.47
N CYS A 47 0.42 -5.09 8.09
CA CYS A 47 -0.95 -5.36 8.49
C CYS A 47 -1.45 -6.73 7.97
N ASP A 48 -1.73 -7.59 8.94
CA ASP A 48 -2.13 -8.99 8.78
C ASP A 48 -3.62 -9.21 8.45
N ASN A 49 -4.45 -8.17 8.54
CA ASN A 49 -5.90 -8.25 8.33
C ASN A 49 -6.24 -8.28 6.82
N PRO A 50 -6.93 -9.33 6.32
CA PRO A 50 -7.32 -9.46 4.91
C PRO A 50 -8.58 -8.67 4.52
N GLU A 51 -9.22 -8.00 5.49
CA GLU A 51 -10.49 -7.26 5.30
C GLU A 51 -10.32 -5.74 5.50
N CYS A 52 -9.09 -5.27 5.77
CA CYS A 52 -8.75 -3.86 5.90
C CYS A 52 -8.73 -3.12 4.55
N ARG A 53 -8.95 -1.79 4.59
CA ARG A 53 -9.06 -0.91 3.42
C ARG A 53 -8.61 0.53 3.70
N LYS A 54 -7.50 0.66 4.44
CA LYS A 54 -6.82 1.91 4.79
C LYS A 54 -5.56 2.10 3.92
N ALA A 55 -4.81 3.16 4.17
CA ALA A 55 -3.61 3.51 3.40
C ALA A 55 -2.36 2.87 4.02
N HIS A 56 -1.54 2.23 3.18
CA HIS A 56 -0.27 1.60 3.57
C HIS A 56 0.87 1.94 2.58
N SER A 57 2.13 1.69 2.94
CA SER A 57 3.28 1.81 2.02
C SER A 57 3.31 0.68 0.97
N SER A 58 4.28 0.66 0.04
CA SER A 58 4.14 -0.12 -1.20
C SER A 58 4.21 -1.65 -1.04
N LEU A 59 3.15 -2.33 -1.49
CA LEU A 59 2.94 -3.77 -1.43
C LEU A 59 4.03 -4.61 -2.13
N SER A 60 4.73 -4.05 -3.11
CA SER A 60 5.81 -4.73 -3.84
C SER A 60 6.99 -5.15 -2.94
N LYS A 61 7.10 -4.57 -1.74
CA LYS A 61 8.14 -4.87 -0.75
C LYS A 61 8.01 -6.26 -0.11
N ILE A 62 6.78 -6.77 0.07
CA ILE A 62 6.49 -8.07 0.62
C ILE A 62 5.99 -9.06 -0.44
N LYS A 63 5.67 -8.51 -1.61
CA LYS A 63 5.08 -9.24 -2.74
C LYS A 63 6.14 -9.72 -3.74
N GLU A 64 6.98 -8.82 -4.25
CA GLU A 64 7.94 -9.09 -5.33
C GLU A 64 8.92 -7.91 -5.47
N VAL A 65 10.01 -7.94 -4.73
CA VAL A 65 11.11 -6.99 -4.73
C VAL A 65 11.99 -7.14 -5.97
N LYS A 66 11.45 -6.58 -7.04
CA LYS A 66 12.05 -6.39 -8.36
C LYS A 66 11.80 -4.93 -8.83
N PRO A 67 12.51 -3.95 -8.23
CA PRO A 67 12.18 -2.53 -8.34
C PRO A 67 12.63 -1.91 -9.67
N ILE A 68 12.02 -0.78 -10.03
CA ILE A 68 12.36 0.01 -11.24
C ILE A 68 13.78 0.58 -11.23
N SER A 69 14.41 0.65 -10.05
CA SER A 69 15.81 1.00 -9.84
C SER A 69 16.81 -0.15 -10.16
N GLN A 70 16.28 -1.36 -10.41
CA GLN A 70 16.97 -2.56 -10.91
C GLN A 70 17.91 -3.25 -9.89
N LYS A 71 18.36 -2.55 -8.84
CA LYS A 71 19.36 -3.01 -7.85
C LYS A 71 19.36 -2.20 -6.54
N GLY A 1 -2.97 19.48 -6.06
CA GLY A 1 -4.00 18.79 -6.86
C GLY A 1 -5.41 19.17 -6.42
N SER A 2 -6.43 18.66 -7.13
CA SER A 2 -7.84 19.05 -6.90
C SER A 2 -8.47 18.44 -5.62
N VAL A 3 -7.91 17.35 -5.10
CA VAL A 3 -8.31 16.67 -3.86
C VAL A 3 -7.08 16.07 -3.17
N GLN A 4 -6.96 16.30 -1.85
CA GLN A 4 -5.84 15.91 -0.99
C GLN A 4 -6.17 16.20 0.48
N THR A 5 -5.59 15.43 1.42
CA THR A 5 -5.93 15.48 2.86
C THR A 5 -4.78 15.02 3.78
N GLY A 6 -3.55 15.04 3.26
CA GLY A 6 -2.36 14.43 3.88
C GLY A 6 -2.17 12.96 3.52
N ILE A 7 -3.17 12.36 2.87
CA ILE A 7 -3.18 11.04 2.25
C ILE A 7 -3.55 11.21 0.77
N VAL A 8 -2.82 10.53 -0.11
CA VAL A 8 -3.10 10.38 -1.54
C VAL A 8 -2.88 8.89 -1.88
N LEU A 9 -3.76 8.31 -2.70
CA LEU A 9 -3.81 6.89 -3.03
C LEU A 9 -3.28 6.70 -4.45
N CYS A 10 -2.43 5.71 -4.62
CA CYS A 10 -1.55 5.61 -5.79
C CYS A 10 -2.25 5.02 -7.03
N LYS A 11 -1.72 5.33 -8.23
CA LYS A 11 -2.27 4.89 -9.52
C LYS A 11 -2.29 3.36 -9.72
N PHE A 12 -1.25 2.67 -9.25
CA PHE A 12 -1.04 1.22 -9.45
C PHE A 12 -1.30 0.36 -8.21
N GLY A 13 -1.19 0.93 -7.00
CA GLY A 13 -1.59 0.28 -5.75
C GLY A 13 -0.70 -0.92 -5.45
N ALA A 14 -1.27 -2.12 -5.46
CA ALA A 14 -0.52 -3.37 -5.25
C ALA A 14 0.47 -3.71 -6.38
N LEU A 15 0.37 -3.04 -7.54
CA LEU A 15 1.20 -3.24 -8.72
C LEU A 15 2.27 -2.15 -8.89
N CYS A 16 2.39 -1.22 -7.93
CA CYS A 16 3.35 -0.11 -7.93
C CYS A 16 4.82 -0.57 -8.09
N SER A 17 5.63 0.21 -8.80
CA SER A 17 6.97 -0.21 -9.27
C SER A 17 8.15 0.16 -8.35
N ASN A 18 7.89 0.77 -7.18
CA ASN A 18 8.91 1.09 -6.16
C ASN A 18 8.41 0.73 -4.74
N PRO A 19 9.19 -0.05 -3.95
CA PRO A 19 8.87 -0.43 -2.57
C PRO A 19 8.79 0.72 -1.56
N SER A 20 9.44 1.85 -1.82
CA SER A 20 9.71 2.92 -0.83
C SER A 20 8.81 4.17 -0.99
N CYS A 21 8.01 4.16 -2.06
CA CYS A 21 7.01 5.18 -2.44
C CYS A 21 6.19 5.73 -1.24
N PRO A 22 6.02 7.07 -1.11
CA PRO A 22 5.38 7.69 0.06
C PRO A 22 3.84 7.64 0.05
N PHE A 23 3.20 7.26 -1.06
CA PHE A 23 1.73 7.34 -1.20
C PHE A 23 0.99 6.09 -0.69
N GLY A 24 -0.33 6.04 -0.92
CA GLY A 24 -1.29 5.13 -0.29
C GLY A 24 -1.58 3.87 -1.11
N HIS A 25 -1.35 2.70 -0.53
CA HIS A 25 -1.59 1.37 -1.14
C HIS A 25 -2.39 0.44 -0.18
N PRO A 26 -3.01 -0.66 -0.67
CA PRO A 26 -3.89 -1.51 0.14
C PRO A 26 -3.15 -2.43 1.13
N THR A 27 -3.92 -3.02 2.06
CA THR A 27 -3.44 -3.94 3.11
C THR A 27 -2.62 -5.08 2.50
N PRO A 28 -1.41 -5.40 2.99
CA PRO A 28 -0.56 -6.42 2.39
C PRO A 28 -1.07 -7.86 2.59
N ALA A 29 -1.97 -8.09 3.53
CA ALA A 29 -2.67 -9.37 3.68
C ALA A 29 -3.75 -9.60 2.60
N ASN A 30 -4.00 -8.63 1.71
CA ASN A 30 -4.95 -8.74 0.60
C ASN A 30 -4.82 -7.60 -0.44
N GLU A 31 -4.19 -7.91 -1.57
CA GLU A 31 -3.99 -7.00 -2.72
C GLU A 31 -5.30 -6.59 -3.43
N ASP A 32 -6.43 -7.26 -3.17
CA ASP A 32 -7.74 -6.96 -3.76
C ASP A 32 -8.69 -6.20 -2.81
N ALA A 33 -8.29 -5.93 -1.57
CA ALA A 33 -8.98 -5.01 -0.67
C ALA A 33 -8.55 -3.56 -0.98
N LYS A 34 -8.97 -3.05 -2.15
CA LYS A 34 -8.69 -1.69 -2.64
C LYS A 34 -9.10 -0.62 -1.58
N VAL A 35 -8.42 0.53 -1.57
CA VAL A 35 -8.42 1.48 -0.45
C VAL A 35 -9.64 2.41 -0.53
N ILE A 36 -10.32 2.58 0.59
CA ILE A 36 -11.58 3.36 0.74
C ILE A 36 -11.44 4.37 1.89
N ASP A 37 -10.47 4.19 2.78
CA ASP A 37 -10.18 5.12 3.87
C ASP A 37 -8.89 5.91 3.58
N LEU A 38 -8.94 7.22 3.81
CA LEU A 38 -7.87 8.16 3.54
C LEU A 38 -7.16 8.37 4.88
N MET A 39 -6.52 7.32 5.37
CA MET A 39 -5.80 7.33 6.65
C MET A 39 -4.71 6.27 6.68
N TRP A 40 -3.67 6.61 7.43
CA TRP A 40 -2.47 5.80 7.62
C TRP A 40 -2.70 4.78 8.74
N CYS A 41 -2.70 3.49 8.38
CA CYS A 41 -2.96 2.38 9.28
C CYS A 41 -1.83 2.06 10.29
N ASP A 42 -2.17 1.31 11.36
CA ASP A 42 -1.32 1.09 12.54
C ASP A 42 -0.19 0.06 12.39
N LYS A 43 -0.35 -0.99 11.57
CA LYS A 43 0.70 -2.00 11.35
C LYS A 43 1.58 -1.68 10.13
N ASN A 44 1.20 -0.67 9.34
CA ASN A 44 1.87 -0.28 8.09
C ASN A 44 1.99 -1.50 7.17
N LEU A 45 3.21 -1.87 6.77
CA LEU A 45 3.46 -2.90 5.76
C LEU A 45 3.44 -4.33 6.32
N THR A 46 2.99 -4.48 7.58
CA THR A 46 2.81 -5.74 8.32
C THR A 46 1.33 -5.99 8.68
N CYS A 47 0.38 -5.15 8.22
CA CYS A 47 -1.04 -5.32 8.52
C CYS A 47 -1.60 -6.64 7.98
N ASP A 48 -1.94 -7.49 8.93
CA ASP A 48 -2.35 -8.89 8.77
C ASP A 48 -3.86 -9.08 8.51
N ASN A 49 -4.66 -8.02 8.59
CA ASN A 49 -6.10 -8.02 8.36
C ASN A 49 -6.42 -8.09 6.84
N PRO A 50 -7.09 -9.14 6.33
CA PRO A 50 -7.35 -9.31 4.90
C PRO A 50 -8.56 -8.51 4.36
N GLU A 51 -9.33 -7.85 5.23
CA GLU A 51 -10.50 -7.03 4.86
C GLU A 51 -10.29 -5.53 5.18
N CYS A 52 -9.06 -5.14 5.57
CA CYS A 52 -8.68 -3.73 5.77
C CYS A 52 -8.55 -2.99 4.43
N ARG A 53 -8.87 -1.69 4.45
CA ARG A 53 -8.90 -0.82 3.26
C ARG A 53 -8.44 0.62 3.54
N LYS A 54 -7.35 0.73 4.31
CA LYS A 54 -6.68 1.98 4.69
C LYS A 54 -5.38 2.13 3.87
N ALA A 55 -4.64 3.19 4.11
CA ALA A 55 -3.42 3.54 3.37
C ALA A 55 -2.17 2.92 4.02
N HIS A 56 -1.36 2.22 3.21
CA HIS A 56 -0.09 1.58 3.59
C HIS A 56 0.99 1.88 2.52
N SER A 57 2.26 1.52 2.79
CA SER A 57 3.37 1.60 1.81
C SER A 57 3.22 0.54 0.68
N SER A 58 4.07 0.56 -0.35
CA SER A 58 3.88 -0.29 -1.54
C SER A 58 3.92 -1.80 -1.24
N LEU A 59 2.83 -2.51 -1.56
CA LEU A 59 2.66 -3.95 -1.43
C LEU A 59 3.69 -4.78 -2.21
N SER A 60 4.25 -4.24 -3.29
CA SER A 60 5.22 -4.93 -4.14
C SER A 60 6.52 -5.31 -3.41
N LYS A 61 6.78 -4.71 -2.24
CA LYS A 61 7.93 -4.97 -1.39
C LYS A 61 7.86 -6.35 -0.73
N ILE A 62 6.69 -6.80 -0.25
CA ILE A 62 6.48 -8.07 0.43
C ILE A 62 5.94 -9.14 -0.51
N LYS A 63 5.44 -8.67 -1.64
CA LYS A 63 4.81 -9.47 -2.68
C LYS A 63 5.83 -10.10 -3.66
N GLU A 64 6.99 -9.46 -3.80
CA GLU A 64 8.02 -9.78 -4.80
C GLU A 64 9.40 -9.35 -4.26
N VAL A 65 9.86 -10.05 -3.22
CA VAL A 65 11.11 -9.77 -2.46
C VAL A 65 12.39 -10.28 -3.14
N LYS A 66 12.24 -10.72 -4.39
CA LYS A 66 13.25 -11.36 -5.23
C LYS A 66 13.00 -11.08 -6.73
N PRO A 67 14.04 -11.03 -7.59
CA PRO A 67 13.90 -10.84 -9.04
C PRO A 67 13.47 -12.15 -9.71
N ILE A 68 12.19 -12.53 -9.53
CA ILE A 68 11.63 -13.80 -10.01
C ILE A 68 11.51 -13.90 -11.53
N SER A 69 11.65 -12.78 -12.24
CA SER A 69 11.78 -12.70 -13.71
C SER A 69 13.18 -13.12 -14.21
N GLN A 70 14.12 -13.41 -13.30
CA GLN A 70 15.51 -13.78 -13.56
C GLN A 70 15.94 -14.95 -12.65
N LYS A 71 14.98 -15.79 -12.21
CA LYS A 71 15.20 -16.96 -11.34
C LYS A 71 16.05 -18.05 -12.01
N GLY A 1 -2.62 20.87 -6.77
CA GLY A 1 -2.67 19.40 -6.59
C GLY A 1 -3.03 19.02 -5.16
N SER A 2 -3.71 17.89 -4.99
CA SER A 2 -4.22 17.38 -3.69
C SER A 2 -5.30 18.29 -3.05
N VAL A 3 -5.67 18.02 -1.79
CA VAL A 3 -6.72 18.69 -1.00
C VAL A 3 -6.23 19.12 0.39
N GLN A 4 -4.91 19.20 0.60
CA GLN A 4 -4.25 19.69 1.82
C GLN A 4 -4.47 18.80 3.06
N THR A 5 -4.87 17.54 2.86
CA THR A 5 -5.16 16.55 3.92
C THR A 5 -3.93 15.78 4.40
N GLY A 6 -2.84 15.79 3.62
CA GLY A 6 -1.55 15.14 3.95
C GLY A 6 -1.51 13.63 3.70
N ILE A 7 -2.49 13.10 2.95
CA ILE A 7 -2.67 11.66 2.64
C ILE A 7 -3.09 11.53 1.17
N VAL A 8 -2.45 10.63 0.42
CA VAL A 8 -2.62 10.41 -1.02
C VAL A 8 -2.69 8.89 -1.27
N LEU A 9 -3.52 8.45 -2.22
CA LEU A 9 -3.66 7.06 -2.65
C LEU A 9 -3.13 6.94 -4.09
N CYS A 10 -2.33 5.91 -4.33
CA CYS A 10 -1.54 5.76 -5.56
C CYS A 10 -2.36 5.22 -6.74
N LYS A 11 -1.97 5.54 -7.97
CA LYS A 11 -2.69 5.12 -9.19
C LYS A 11 -2.58 3.62 -9.54
N PHE A 12 -1.56 2.93 -9.02
CA PHE A 12 -1.29 1.50 -9.28
C PHE A 12 -1.61 0.60 -8.07
N GLY A 13 -1.39 1.06 -6.84
CA GLY A 13 -1.79 0.33 -5.63
C GLY A 13 -0.92 -0.91 -5.43
N ALA A 14 -1.53 -2.09 -5.45
CA ALA A 14 -0.82 -3.37 -5.38
C ALA A 14 0.03 -3.69 -6.64
N LEU A 15 -0.14 -2.93 -7.73
CA LEU A 15 0.61 -3.05 -8.98
C LEU A 15 1.78 -2.04 -9.07
N CYS A 16 2.03 -1.25 -8.01
CA CYS A 16 3.06 -0.22 -7.98
C CYS A 16 4.48 -0.78 -8.19
N SER A 17 5.37 -0.03 -8.85
CA SER A 17 6.66 -0.54 -9.35
C SER A 17 7.85 -0.31 -8.39
N ASN A 18 7.64 0.32 -7.23
CA ASN A 18 8.69 0.58 -6.22
C ASN A 18 8.21 0.27 -4.78
N PRO A 19 8.95 -0.53 -3.99
CA PRO A 19 8.64 -0.85 -2.58
C PRO A 19 8.66 0.34 -1.61
N SER A 20 9.36 1.44 -1.92
CA SER A 20 9.69 2.51 -0.95
C SER A 20 8.85 3.78 -1.11
N CYS A 21 8.03 3.83 -2.17
CA CYS A 21 7.05 4.88 -2.51
C CYS A 21 6.28 5.43 -1.28
N PRO A 22 6.16 6.76 -1.10
CA PRO A 22 5.57 7.38 0.09
C PRO A 22 4.03 7.38 0.12
N PHE A 23 3.35 7.08 -0.99
CA PHE A 23 1.88 7.21 -1.09
C PHE A 23 1.12 5.94 -0.62
N GLY A 24 -0.19 5.91 -0.87
CA GLY A 24 -1.16 5.00 -0.25
C GLY A 24 -1.54 3.79 -1.11
N HIS A 25 -1.41 2.59 -0.55
CA HIS A 25 -1.66 1.28 -1.18
C HIS A 25 -2.51 0.37 -0.23
N PRO A 26 -3.13 -0.73 -0.72
CA PRO A 26 -4.00 -1.60 0.10
C PRO A 26 -3.24 -2.43 1.13
N THR A 27 -3.98 -3.11 2.03
CA THR A 27 -3.42 -4.01 3.05
C THR A 27 -2.52 -5.08 2.39
N PRO A 28 -1.30 -5.33 2.91
CA PRO A 28 -0.39 -6.30 2.31
C PRO A 28 -0.81 -7.77 2.51
N ALA A 29 -1.72 -8.03 3.45
CA ALA A 29 -2.35 -9.34 3.62
C ALA A 29 -3.41 -9.65 2.53
N ASN A 30 -3.70 -8.70 1.63
CA ASN A 30 -4.67 -8.86 0.53
C ASN A 30 -4.63 -7.73 -0.52
N GLU A 31 -4.10 -8.05 -1.71
CA GLU A 31 -4.03 -7.14 -2.86
C GLU A 31 -5.40 -6.74 -3.47
N ASP A 32 -6.49 -7.46 -3.15
CA ASP A 32 -7.84 -7.24 -3.70
C ASP A 32 -8.76 -6.43 -2.78
N ALA A 33 -8.30 -6.00 -1.59
CA ALA A 33 -9.05 -5.13 -0.69
C ALA A 33 -8.89 -3.66 -1.14
N LYS A 34 -9.66 -3.28 -2.17
CA LYS A 34 -9.65 -1.94 -2.79
C LYS A 34 -9.74 -0.81 -1.73
N VAL A 35 -8.92 0.23 -1.87
CA VAL A 35 -8.76 1.27 -0.82
C VAL A 35 -9.90 2.27 -0.93
N ILE A 36 -10.66 2.40 0.16
CA ILE A 36 -11.88 3.23 0.27
C ILE A 36 -11.79 4.12 1.53
N ASP A 37 -10.86 3.83 2.45
CA ASP A 37 -10.57 4.64 3.62
C ASP A 37 -9.24 5.37 3.39
N LEU A 38 -9.25 6.71 3.55
CA LEU A 38 -8.21 7.61 3.05
C LEU A 38 -7.36 8.04 4.25
N MET A 39 -6.80 7.04 4.95
CA MET A 39 -6.11 7.21 6.22
C MET A 39 -4.97 6.21 6.42
N TRP A 40 -3.93 6.66 7.10
CA TRP A 40 -2.74 5.84 7.42
C TRP A 40 -3.06 4.85 8.54
N CYS A 41 -3.03 3.56 8.21
CA CYS A 41 -3.24 2.46 9.16
C CYS A 41 -2.09 2.21 10.16
N ASP A 42 -2.37 1.44 11.23
CA ASP A 42 -1.52 1.30 12.43
C ASP A 42 -0.25 0.43 12.23
N LYS A 43 -0.33 -0.73 11.54
CA LYS A 43 0.85 -1.56 11.26
C LYS A 43 1.50 -1.23 9.91
N ASN A 44 0.84 -0.37 9.12
CA ASN A 44 1.26 0.03 7.77
C ASN A 44 1.57 -1.20 6.89
N LEU A 45 2.79 -1.33 6.38
CA LEU A 45 3.25 -2.40 5.48
C LEU A 45 3.42 -3.78 6.18
N THR A 46 3.03 -3.87 7.46
CA THR A 46 3.00 -5.10 8.27
C THR A 46 1.56 -5.51 8.67
N CYS A 47 0.51 -4.83 8.20
CA CYS A 47 -0.89 -5.14 8.50
C CYS A 47 -1.30 -6.52 7.97
N ASP A 48 -1.62 -7.36 8.94
CA ASP A 48 -1.98 -8.77 8.81
C ASP A 48 -3.47 -9.04 8.53
N ASN A 49 -4.32 -8.00 8.57
CA ASN A 49 -5.77 -8.11 8.34
C ASN A 49 -6.08 -8.15 6.81
N PRO A 50 -6.71 -9.22 6.29
CA PRO A 50 -6.98 -9.40 4.86
C PRO A 50 -8.24 -8.67 4.34
N GLU A 51 -9.06 -8.06 5.21
CA GLU A 51 -10.26 -7.30 4.83
C GLU A 51 -10.15 -5.80 5.15
N CYS A 52 -8.96 -5.34 5.56
CA CYS A 52 -8.64 -3.91 5.74
C CYS A 52 -8.48 -3.19 4.39
N ARG A 53 -8.92 -1.93 4.34
CA ARG A 53 -9.03 -1.11 3.12
C ARG A 53 -8.53 0.34 3.30
N LYS A 54 -7.48 0.50 4.12
CA LYS A 54 -6.87 1.79 4.47
C LYS A 54 -5.58 1.99 3.66
N ALA A 55 -4.84 3.07 3.94
CA ALA A 55 -3.63 3.44 3.22
C ALA A 55 -2.37 2.87 3.90
N HIS A 56 -1.53 2.21 3.11
CA HIS A 56 -0.25 1.61 3.53
C HIS A 56 0.88 1.94 2.52
N SER A 57 2.15 1.64 2.82
CA SER A 57 3.25 1.73 1.84
C SER A 57 3.18 0.59 0.80
N SER A 58 4.01 0.61 -0.26
CA SER A 58 3.87 -0.33 -1.38
C SER A 58 4.08 -1.81 -1.00
N LEU A 59 3.15 -2.67 -1.41
CA LEU A 59 3.18 -4.11 -1.20
C LEU A 59 4.40 -4.80 -1.82
N SER A 60 5.01 -4.20 -2.84
CA SER A 60 6.12 -4.76 -3.63
C SER A 60 7.40 -5.05 -2.83
N LYS A 61 7.42 -4.69 -1.54
CA LYS A 61 8.42 -5.12 -0.55
C LYS A 61 8.23 -6.56 -0.08
N ILE A 62 6.98 -7.01 0.13
CA ILE A 62 6.60 -8.30 0.68
C ILE A 62 6.01 -9.25 -0.38
N LYS A 63 5.73 -8.68 -1.54
CA LYS A 63 4.99 -9.34 -2.64
C LYS A 63 5.94 -10.15 -3.54
N GLU A 64 6.98 -9.48 -4.04
CA GLU A 64 8.05 -9.99 -4.91
C GLU A 64 9.11 -8.89 -5.05
N VAL A 65 10.13 -8.93 -4.19
CA VAL A 65 11.25 -7.99 -4.13
C VAL A 65 12.49 -8.64 -4.75
N LYS A 66 13.65 -8.36 -4.18
CA LYS A 66 14.98 -8.84 -4.58
C LYS A 66 15.20 -10.34 -4.25
N PRO A 67 16.05 -11.07 -5.01
CA PRO A 67 16.38 -12.47 -4.73
C PRO A 67 17.22 -12.57 -3.45
N ILE A 68 16.75 -13.36 -2.48
CA ILE A 68 17.40 -13.54 -1.17
C ILE A 68 18.72 -14.31 -1.35
N SER A 69 19.82 -13.73 -0.85
CA SER A 69 21.22 -14.21 -1.01
C SER A 69 21.80 -13.99 -2.44
N GLN A 70 20.93 -13.67 -3.41
CA GLN A 70 21.24 -13.37 -4.82
C GLN A 70 21.75 -14.61 -5.62
N LYS A 71 22.01 -14.41 -6.93
CA LYS A 71 22.52 -15.41 -7.89
C LYS A 71 21.57 -16.62 -8.05
N GLY A 1 -15.23 16.78 0.75
CA GLY A 1 -13.84 16.63 0.29
C GLY A 1 -12.88 17.50 1.09
N SER A 2 -11.66 17.70 0.58
CA SER A 2 -10.58 18.51 1.19
C SER A 2 -9.50 18.87 0.15
N VAL A 3 -8.39 19.48 0.60
CA VAL A 3 -7.28 19.98 -0.22
C VAL A 3 -6.04 20.19 0.65
N GLN A 4 -4.84 19.95 0.09
CA GLN A 4 -3.54 19.97 0.77
C GLN A 4 -3.40 18.85 1.84
N THR A 5 -4.24 17.81 1.73
CA THR A 5 -4.34 16.68 2.67
C THR A 5 -3.06 15.86 2.68
N GLY A 6 -2.58 15.48 3.88
CA GLY A 6 -1.36 14.68 4.09
C GLY A 6 -1.51 13.19 3.80
N ILE A 7 -2.43 12.81 2.91
CA ILE A 7 -2.80 11.43 2.56
C ILE A 7 -3.16 11.39 1.06
N VAL A 8 -2.50 10.51 0.30
CA VAL A 8 -2.66 10.31 -1.14
C VAL A 8 -2.71 8.80 -1.40
N LEU A 9 -3.53 8.35 -2.35
CA LEU A 9 -3.67 6.95 -2.77
C LEU A 9 -3.15 6.82 -4.21
N CYS A 10 -2.36 5.80 -4.45
CA CYS A 10 -1.54 5.66 -5.66
C CYS A 10 -2.32 5.16 -6.89
N LYS A 11 -1.78 5.42 -8.09
CA LYS A 11 -2.39 5.01 -9.37
C LYS A 11 -2.50 3.49 -9.56
N PHE A 12 -1.47 2.75 -9.15
CA PHE A 12 -1.33 1.29 -9.39
C PHE A 12 -1.58 0.43 -8.15
N GLY A 13 -1.37 0.97 -6.94
CA GLY A 13 -1.71 0.28 -5.69
C GLY A 13 -0.82 -0.93 -5.46
N ALA A 14 -1.40 -2.13 -5.40
CA ALA A 14 -0.67 -3.39 -5.25
C ALA A 14 0.21 -3.76 -6.47
N LEU A 15 0.04 -3.07 -7.60
CA LEU A 15 0.81 -3.26 -8.84
C LEU A 15 1.89 -2.18 -9.03
N CYS A 16 2.07 -1.29 -8.04
CA CYS A 16 3.07 -0.21 -8.06
C CYS A 16 4.52 -0.72 -8.22
N SER A 17 5.35 -0.02 -8.99
CA SER A 17 6.69 -0.48 -9.40
C SER A 17 7.85 -0.03 -8.47
N ASN A 18 7.58 0.79 -7.46
CA ASN A 18 8.54 1.27 -6.47
C ASN A 18 8.14 0.73 -5.07
N PRO A 19 9.00 -0.02 -4.36
CA PRO A 19 8.68 -0.63 -3.07
C PRO A 19 8.61 0.38 -1.91
N SER A 20 9.36 1.48 -1.99
CA SER A 20 9.55 2.46 -0.88
C SER A 20 8.74 3.76 -1.07
N CYS A 21 7.97 3.81 -2.16
CA CYS A 21 7.04 4.87 -2.56
C CYS A 21 6.22 5.46 -1.38
N PRO A 22 6.14 6.79 -1.22
CA PRO A 22 5.56 7.44 -0.04
C PRO A 22 4.02 7.46 0.00
N PHE A 23 3.33 7.12 -1.10
CA PHE A 23 1.86 7.23 -1.18
C PHE A 23 1.13 5.97 -0.66
N GLY A 24 -0.19 5.91 -0.89
CA GLY A 24 -1.14 5.00 -0.25
C GLY A 24 -1.48 3.77 -1.10
N HIS A 25 -1.36 2.59 -0.50
CA HIS A 25 -1.58 1.26 -1.11
C HIS A 25 -2.43 0.36 -0.17
N PRO A 26 -3.06 -0.74 -0.66
CA PRO A 26 -3.92 -1.60 0.16
C PRO A 26 -3.13 -2.48 1.13
N THR A 27 -3.87 -3.10 2.07
CA THR A 27 -3.34 -3.99 3.13
C THR A 27 -2.47 -5.11 2.51
N PRO A 28 -1.25 -5.36 3.00
CA PRO A 28 -0.36 -6.32 2.37
C PRO A 28 -0.76 -7.79 2.56
N ALA A 29 -1.66 -8.09 3.49
CA ALA A 29 -2.29 -9.40 3.62
C ALA A 29 -3.35 -9.67 2.54
N ASN A 30 -3.65 -8.69 1.67
CA ASN A 30 -4.61 -8.84 0.55
C ASN A 30 -4.58 -7.67 -0.46
N GLU A 31 -4.05 -7.94 -1.64
CA GLU A 31 -4.00 -6.99 -2.78
C GLU A 31 -5.38 -6.62 -3.38
N ASP A 32 -6.45 -7.35 -3.06
CA ASP A 32 -7.80 -7.16 -3.64
C ASP A 32 -8.75 -6.34 -2.74
N ALA A 33 -8.32 -5.93 -1.54
CA ALA A 33 -9.08 -5.07 -0.65
C ALA A 33 -8.89 -3.60 -1.06
N LYS A 34 -9.63 -3.18 -2.10
CA LYS A 34 -9.61 -1.83 -2.67
C LYS A 34 -9.72 -0.74 -1.58
N VAL A 35 -8.90 0.31 -1.66
CA VAL A 35 -8.76 1.32 -0.60
C VAL A 35 -9.90 2.32 -0.71
N ILE A 36 -10.64 2.48 0.39
CA ILE A 36 -11.91 3.23 0.47
C ILE A 36 -11.91 4.15 1.70
N ASP A 37 -11.07 3.88 2.70
CA ASP A 37 -10.84 4.75 3.84
C ASP A 37 -9.46 5.42 3.71
N LEU A 38 -9.46 6.75 3.76
CA LEU A 38 -8.33 7.61 3.41
C LEU A 38 -7.61 7.92 4.71
N MET A 39 -6.98 6.87 5.26
CA MET A 39 -6.34 6.92 6.58
C MET A 39 -5.02 6.14 6.59
N TRP A 40 -4.02 6.60 7.32
CA TRP A 40 -2.78 5.85 7.54
C TRP A 40 -2.99 4.83 8.67
N CYS A 41 -3.00 3.55 8.31
CA CYS A 41 -3.24 2.43 9.21
C CYS A 41 -2.08 2.12 10.19
N ASP A 42 -2.39 1.39 11.26
CA ASP A 42 -1.51 1.25 12.44
C ASP A 42 -0.40 0.18 12.31
N LYS A 43 -0.58 -0.91 11.55
CA LYS A 43 0.51 -1.86 11.29
C LYS A 43 1.29 -1.53 10.01
N ASN A 44 0.74 -0.65 9.17
CA ASN A 44 1.25 -0.27 7.87
C ASN A 44 1.68 -1.51 7.04
N LEU A 45 2.98 -1.72 6.86
CA LEU A 45 3.55 -2.77 6.00
C LEU A 45 3.41 -4.20 6.57
N THR A 46 2.92 -4.35 7.81
CA THR A 46 2.73 -5.64 8.49
C THR A 46 1.27 -5.95 8.78
N CYS A 47 0.30 -5.14 8.32
CA CYS A 47 -1.12 -5.35 8.58
C CYS A 47 -1.61 -6.71 8.05
N ASP A 48 -1.91 -7.58 9.00
CA ASP A 48 -2.24 -9.00 8.82
C ASP A 48 -3.72 -9.26 8.48
N ASN A 49 -4.58 -8.24 8.64
CA ASN A 49 -6.02 -8.33 8.32
C ASN A 49 -6.24 -8.30 6.79
N PRO A 50 -6.85 -9.34 6.18
CA PRO A 50 -7.08 -9.43 4.73
C PRO A 50 -8.30 -8.63 4.22
N GLU A 51 -9.07 -8.00 5.10
CA GLU A 51 -10.29 -7.24 4.76
C GLU A 51 -10.12 -5.73 5.04
N CYS A 52 -8.92 -5.30 5.45
CA CYS A 52 -8.59 -3.89 5.66
C CYS A 52 -8.45 -3.11 4.35
N ARG A 53 -8.89 -1.85 4.35
CA ARG A 53 -9.04 -1.00 3.17
C ARG A 53 -8.55 0.43 3.40
N LYS A 54 -7.41 0.56 4.11
CA LYS A 54 -6.78 1.83 4.45
C LYS A 54 -5.47 2.02 3.65
N ALA A 55 -4.79 3.13 3.90
CA ALA A 55 -3.57 3.50 3.21
C ALA A 55 -2.34 2.90 3.91
N HIS A 56 -1.47 2.25 3.14
CA HIS A 56 -0.20 1.68 3.58
C HIS A 56 0.94 2.02 2.60
N SER A 57 2.19 1.74 2.96
CA SER A 57 3.34 1.80 2.03
C SER A 57 3.31 0.66 0.98
N SER A 58 4.21 0.68 -0.01
CA SER A 58 4.05 -0.09 -1.25
C SER A 58 4.15 -1.62 -1.08
N LEU A 59 3.09 -2.33 -1.51
CA LEU A 59 2.97 -3.77 -1.46
C LEU A 59 4.07 -4.53 -2.22
N SER A 60 4.68 -3.92 -3.24
CA SER A 60 5.78 -4.51 -4.01
C SER A 60 7.04 -4.80 -3.18
N LYS A 61 7.16 -4.24 -1.98
CA LYS A 61 8.28 -4.49 -1.06
C LYS A 61 8.27 -5.89 -0.44
N ILE A 62 7.09 -6.47 -0.15
CA ILE A 62 6.91 -7.71 0.58
C ILE A 62 6.26 -8.80 -0.26
N LYS A 63 5.71 -8.40 -1.41
CA LYS A 63 5.01 -9.34 -2.31
C LYS A 63 5.94 -10.10 -3.27
N GLU A 64 7.01 -9.43 -3.69
CA GLU A 64 8.03 -9.92 -4.61
C GLU A 64 9.34 -9.14 -4.37
N VAL A 65 10.11 -9.57 -3.37
CA VAL A 65 11.34 -8.91 -2.85
C VAL A 65 12.58 -9.11 -3.74
N LYS A 66 12.37 -9.52 -4.99
CA LYS A 66 13.43 -9.81 -5.97
C LYS A 66 14.09 -8.51 -6.50
N PRO A 67 15.44 -8.44 -6.60
CA PRO A 67 16.12 -7.38 -7.33
C PRO A 67 15.89 -7.55 -8.84
N ILE A 68 15.38 -6.50 -9.49
CA ILE A 68 15.05 -6.51 -10.93
C ILE A 68 16.18 -5.80 -11.70
N SER A 69 17.33 -6.48 -11.76
CA SER A 69 18.56 -6.00 -12.41
C SER A 69 19.58 -7.14 -12.65
N GLN A 70 19.71 -8.07 -11.71
CA GLN A 70 20.53 -9.28 -11.82
C GLN A 70 20.05 -10.39 -10.87
N LYS A 71 20.36 -11.65 -11.21
CA LYS A 71 20.00 -12.96 -10.60
C LYS A 71 18.91 -13.68 -11.41
#